data_1ULS
#
_entry.id   1ULS
#
_cell.length_a   77.260
_cell.length_b   77.330
_cell.length_c   78.670
_cell.angle_alpha   90.12
_cell.angle_beta   90.96
_cell.angle_gamma   95.12
#
_symmetry.space_group_name_H-M   'P 1'
#
loop_
_entity.id
_entity.type
_entity.pdbx_description
1 polymer 'putative 3-oxoacyl-acyl carrier protein reductase'
2 water water
#
_entity_poly.entity_id   1
_entity_poly.type   'polypeptide(L)'
_entity_poly.pdbx_seq_one_letter_code
;(MSE)RLKDKAVLITGAAHGIGRATLELFAKEGARLVACDIEEGPLREAAEAVGAHPVV(MSE)DVADPASVERGFAEAL
AHLGRLDGVVHYAGITRDNFHWK(MSE)PLEDWELVLRVNLTGSFLVAKAASEA(MSE)REKNPGSIVLTASRVYLGNLG
QANYAAS(MSE)AGVVGLTRTLALELGRWGIRVNTLAPGFIETR(MSE)TAKVPEKVREKAIAATPLGRAGKPLEVAYAA
LFLLSDESSFITGQVLFVDGGRTIGAAPA
;
_entity_poly.pdbx_strand_id   A,B,C,D,E,F,G,H
#
# COMPACT_ATOMS: atom_id res chain seq x y z
N ARG A 2 -41.94 -17.24 -11.67
CA ARG A 2 -41.29 -16.35 -10.72
C ARG A 2 -40.33 -15.31 -11.29
N LEU A 3 -39.80 -15.55 -12.48
CA LEU A 3 -38.85 -14.63 -13.08
C LEU A 3 -39.33 -14.09 -14.41
N LYS A 4 -40.65 -13.97 -14.57
CA LYS A 4 -41.23 -13.50 -15.82
C LYS A 4 -40.61 -12.21 -16.32
N ASP A 5 -40.05 -12.26 -17.53
CA ASP A 5 -39.43 -11.10 -18.17
C ASP A 5 -38.21 -10.52 -17.44
N LYS A 6 -37.72 -11.22 -16.42
CA LYS A 6 -36.54 -10.76 -15.69
C LYS A 6 -35.31 -11.08 -16.54
N ALA A 7 -34.41 -10.12 -16.67
CA ALA A 7 -33.19 -10.33 -17.44
C ALA A 7 -32.11 -10.80 -16.46
N VAL A 8 -31.67 -12.05 -16.60
CA VAL A 8 -30.68 -12.61 -15.71
C VAL A 8 -29.49 -13.26 -16.42
N LEU A 9 -28.31 -13.08 -15.82
CA LEU A 9 -27.07 -13.67 -16.33
C LEU A 9 -26.56 -14.67 -15.30
N ILE A 10 -26.14 -15.84 -15.77
CA ILE A 10 -25.64 -16.91 -14.91
C ILE A 10 -24.25 -17.36 -15.34
N THR A 11 -23.29 -17.43 -14.41
CA THR A 11 -21.93 -17.89 -14.75
C THR A 11 -21.80 -19.37 -14.41
N GLY A 12 -20.82 -20.02 -15.03
CA GLY A 12 -20.61 -21.44 -14.81
C GLY A 12 -21.87 -22.20 -15.20
N ALA A 13 -22.59 -21.65 -16.17
CA ALA A 13 -23.87 -22.21 -16.64
C ALA A 13 -23.80 -23.50 -17.46
N ALA A 14 -22.60 -23.90 -17.84
CA ALA A 14 -22.45 -25.10 -18.67
C ALA A 14 -22.59 -26.41 -17.90
N HIS A 15 -22.14 -26.44 -16.66
CA HIS A 15 -22.22 -27.65 -15.87
C HIS A 15 -23.02 -27.59 -14.56
N GLY A 16 -23.06 -28.74 -13.90
CA GLY A 16 -23.76 -28.93 -12.63
C GLY A 16 -24.79 -27.93 -12.18
N ILE A 17 -24.48 -27.28 -11.06
CA ILE A 17 -25.36 -26.30 -10.45
C ILE A 17 -25.77 -25.15 -11.37
N GLY A 18 -24.82 -24.63 -12.15
CA GLY A 18 -25.13 -23.54 -13.06
C GLY A 18 -26.11 -23.97 -14.14
N ARG A 19 -25.89 -25.15 -14.70
CA ARG A 19 -26.76 -25.68 -15.73
C ARG A 19 -28.16 -25.92 -15.18
N ALA A 20 -28.24 -26.44 -13.96
CA ALA A 20 -29.53 -26.72 -13.33
C ALA A 20 -30.27 -25.42 -13.06
N THR A 21 -29.54 -24.38 -12.67
CA THR A 21 -30.14 -23.08 -12.42
C THR A 21 -30.67 -22.49 -13.73
N LEU A 22 -29.88 -22.60 -14.78
CA LEU A 22 -30.24 -22.10 -16.09
C LEU A 22 -31.58 -22.71 -16.52
N GLU A 23 -31.70 -24.03 -16.39
CA GLU A 23 -32.90 -24.74 -16.77
C GLU A 23 -34.12 -24.29 -15.97
N LEU A 24 -33.95 -24.18 -14.65
CA LEU A 24 -35.03 -23.78 -13.75
C LEU A 24 -35.46 -22.35 -14.05
N PHE A 25 -34.51 -21.45 -14.20
CA PHE A 25 -34.81 -20.05 -14.49
C PHE A 25 -35.51 -19.89 -15.83
N ALA A 26 -35.23 -20.78 -16.77
CA ALA A 26 -35.89 -20.70 -18.07
C ALA A 26 -37.37 -21.10 -17.91
N LYS A 27 -37.64 -22.12 -17.10
CA LYS A 27 -39.02 -22.55 -16.88
C LYS A 27 -39.75 -21.44 -16.16
N GLU A 28 -39.03 -20.66 -15.37
CA GLU A 28 -39.65 -19.56 -14.62
C GLU A 28 -39.82 -18.31 -15.45
N GLY A 29 -39.56 -18.43 -16.76
CA GLY A 29 -39.73 -17.33 -17.69
C GLY A 29 -38.73 -16.20 -17.74
N ALA A 30 -37.47 -16.48 -17.46
CA ALA A 30 -36.45 -15.44 -17.49
C ALA A 30 -35.83 -15.34 -18.86
N ARG A 31 -35.33 -14.15 -19.19
CA ARG A 31 -34.64 -13.95 -20.47
C ARG A 31 -33.19 -14.09 -20.00
N LEU A 32 -32.57 -15.21 -20.38
CA LEU A 32 -31.22 -15.52 -19.93
C LEU A 32 -30.02 -15.32 -20.84
N VAL A 33 -28.87 -15.20 -20.18
CA VAL A 33 -27.57 -15.09 -20.79
C VAL A 33 -26.75 -16.10 -19.99
N ALA A 34 -26.27 -17.12 -20.68
CA ALA A 34 -25.48 -18.16 -20.05
C ALA A 34 -24.01 -17.89 -20.30
N CYS A 35 -23.21 -17.91 -19.23
CA CYS A 35 -21.78 -17.68 -19.34
C CYS A 35 -20.97 -18.83 -18.78
N ASP A 36 -19.89 -19.17 -19.47
CA ASP A 36 -18.99 -20.22 -19.01
C ASP A 36 -17.72 -20.16 -19.84
N ILE A 37 -16.68 -20.86 -19.39
CA ILE A 37 -15.39 -20.83 -20.06
C ILE A 37 -15.29 -21.54 -21.41
N GLU A 38 -15.95 -22.69 -21.56
CA GLU A 38 -15.90 -23.47 -22.82
C GLU A 38 -17.11 -23.27 -23.72
N GLU A 39 -16.86 -22.73 -24.92
CA GLU A 39 -17.94 -22.46 -25.88
C GLU A 39 -18.74 -23.68 -26.31
N GLY A 40 -18.07 -24.82 -26.51
CA GLY A 40 -18.77 -26.02 -26.92
C GLY A 40 -19.94 -26.36 -26.01
N PRO A 41 -19.67 -26.81 -24.79
CA PRO A 41 -20.78 -27.15 -23.87
C PRO A 41 -21.63 -25.96 -23.44
N LEU A 42 -21.15 -24.75 -23.67
CA LEU A 42 -21.89 -23.56 -23.29
C LEU A 42 -23.06 -23.35 -24.26
N ARG A 43 -22.74 -23.38 -25.55
CA ARG A 43 -23.76 -23.20 -26.58
C ARG A 43 -24.80 -24.29 -26.46
N GLU A 44 -24.36 -25.51 -26.19
CA GLU A 44 -25.28 -26.62 -26.05
C GLU A 44 -26.26 -26.39 -24.91
N ALA A 45 -25.71 -26.11 -23.73
CA ALA A 45 -26.54 -25.88 -22.54
C ALA A 45 -27.48 -24.71 -22.72
N ALA A 46 -27.03 -23.67 -23.40
CA ALA A 46 -27.86 -22.49 -23.63
C ALA A 46 -28.96 -22.73 -24.67
N GLU A 47 -28.59 -23.33 -25.80
CA GLU A 47 -29.57 -23.61 -26.85
C GLU A 47 -30.69 -24.51 -26.39
N ALA A 48 -30.36 -25.53 -25.61
CA ALA A 48 -31.34 -26.47 -25.12
C ALA A 48 -32.41 -25.79 -24.27
N VAL A 49 -32.14 -24.56 -23.85
CA VAL A 49 -33.10 -23.86 -23.00
C VAL A 49 -33.56 -22.51 -23.56
N GLY A 50 -32.94 -22.05 -24.64
CA GLY A 50 -33.32 -20.79 -25.23
C GLY A 50 -32.58 -19.59 -24.67
N ALA A 51 -31.45 -19.84 -24.04
CA ALA A 51 -30.64 -18.78 -23.44
C ALA A 51 -29.63 -18.29 -24.47
N HIS A 52 -29.05 -17.12 -24.23
CA HIS A 52 -28.04 -16.55 -25.13
C HIS A 52 -26.65 -16.85 -24.56
N PRO A 53 -25.86 -17.68 -25.29
CA PRO A 53 -24.50 -18.03 -24.83
C PRO A 53 -23.46 -16.94 -25.01
N VAL A 54 -22.66 -16.73 -23.97
CA VAL A 54 -21.60 -15.74 -23.98
C VAL A 54 -20.43 -16.32 -23.22
N VAL A 55 -19.35 -16.64 -23.93
CA VAL A 55 -18.17 -17.21 -23.31
C VAL A 55 -17.53 -16.16 -22.40
N ASP A 57 -14.46 -15.70 -19.08
CA ASP A 57 -13.46 -16.21 -18.15
C ASP A 57 -13.53 -15.25 -16.97
N VAL A 58 -14.22 -15.66 -15.90
CA VAL A 58 -14.38 -14.81 -14.73
C VAL A 58 -13.06 -14.42 -14.09
N ALA A 59 -11.99 -15.09 -14.46
CA ALA A 59 -10.67 -14.79 -13.92
C ALA A 59 -9.98 -13.69 -14.74
N ASP A 60 -10.59 -13.32 -15.86
CA ASP A 60 -10.05 -12.30 -16.75
C ASP A 60 -10.92 -11.05 -16.74
N PRO A 61 -10.38 -9.92 -16.23
CA PRO A 61 -11.09 -8.65 -16.16
C PRO A 61 -11.70 -8.21 -17.48
N ALA A 62 -10.92 -8.30 -18.56
CA ALA A 62 -11.39 -7.92 -19.88
C ALA A 62 -12.48 -8.85 -20.38
N SER A 63 -12.32 -10.14 -20.08
CA SER A 63 -13.32 -11.13 -20.50
C SER A 63 -14.65 -10.86 -19.82
N VAL A 64 -14.61 -10.59 -18.51
CA VAL A 64 -15.84 -10.31 -17.77
C VAL A 64 -16.51 -9.06 -18.32
N GLU A 65 -15.69 -8.05 -18.62
CA GLU A 65 -16.18 -6.79 -19.16
C GLU A 65 -16.88 -6.94 -20.52
N ARG A 66 -16.22 -7.61 -21.46
CA ARG A 66 -16.82 -7.82 -22.78
C ARG A 66 -18.11 -8.62 -22.61
N GLY A 67 -18.04 -9.63 -21.75
CA GLY A 67 -19.20 -10.47 -21.51
C GLY A 67 -20.43 -9.69 -21.11
N PHE A 68 -20.30 -8.78 -20.16
CA PHE A 68 -21.43 -7.98 -19.70
C PHE A 68 -21.91 -6.96 -20.74
N ALA A 69 -21.01 -6.54 -21.61
CA ALA A 69 -21.37 -5.60 -22.66
C ALA A 69 -22.25 -6.33 -23.65
N GLU A 70 -21.89 -7.59 -23.95
CA GLU A 70 -22.68 -8.40 -24.87
C GLU A 70 -24.03 -8.70 -24.24
N ALA A 71 -23.98 -9.13 -22.98
CA ALA A 71 -25.18 -9.48 -22.24
C ALA A 71 -26.15 -8.31 -22.28
N LEU A 72 -25.63 -7.11 -21.98
CA LEU A 72 -26.46 -5.91 -21.96
C LEU A 72 -26.96 -5.52 -23.35
N ALA A 73 -26.11 -5.70 -24.35
CA ALA A 73 -26.51 -5.39 -25.72
C ALA A 73 -27.69 -6.27 -26.06
N HIS A 74 -27.62 -7.53 -25.63
CA HIS A 74 -28.68 -8.48 -25.90
C HIS A 74 -29.90 -8.33 -24.99
N LEU A 75 -29.66 -8.11 -23.70
CA LEU A 75 -30.76 -7.99 -22.75
C LEU A 75 -31.34 -6.58 -22.65
N GLY A 76 -30.47 -5.59 -22.71
CA GLY A 76 -30.91 -4.21 -22.62
C GLY A 76 -31.03 -3.73 -21.18
N ARG A 77 -31.03 -4.69 -20.26
CA ARG A 77 -31.15 -4.39 -18.84
C ARG A 77 -30.70 -5.64 -18.07
N LEU A 78 -30.42 -5.47 -16.78
CA LEU A 78 -30.04 -6.61 -15.95
C LEU A 78 -30.90 -6.55 -14.70
N ASP A 79 -31.57 -7.65 -14.37
CA ASP A 79 -32.42 -7.69 -13.19
C ASP A 79 -31.78 -8.54 -12.10
N GLY A 80 -30.85 -9.39 -12.49
CA GLY A 80 -30.19 -10.23 -11.52
C GLY A 80 -29.06 -11.03 -12.12
N VAL A 81 -28.21 -11.55 -11.24
CA VAL A 81 -27.08 -12.37 -11.67
C VAL A 81 -26.83 -13.42 -10.63
N VAL A 82 -26.49 -14.62 -11.10
CA VAL A 82 -26.15 -15.71 -10.22
C VAL A 82 -24.73 -16.12 -10.63
N HIS A 83 -23.78 -15.94 -9.72
CA HIS A 83 -22.40 -16.30 -10.00
C HIS A 83 -22.02 -17.62 -9.33
N TYR A 84 -21.53 -18.56 -10.14
CA TYR A 84 -21.10 -19.85 -9.64
C TYR A 84 -19.61 -20.04 -9.87
N ALA A 85 -19.20 -20.10 -11.13
CA ALA A 85 -17.80 -20.30 -11.54
C ALA A 85 -16.76 -20.30 -10.41
N GLY A 86 -16.32 -21.49 -10.02
CA GLY A 86 -15.33 -21.62 -8.96
C GLY A 86 -14.44 -22.83 -9.18
N ILE A 87 -13.35 -22.93 -8.42
CA ILE A 87 -12.42 -24.07 -8.54
C ILE A 87 -11.74 -24.41 -7.22
N THR A 88 -11.17 -25.62 -7.15
CA THR A 88 -10.47 -26.06 -5.96
C THR A 88 -9.06 -26.55 -6.29
N ARG A 89 -8.20 -26.51 -5.28
CA ARG A 89 -6.82 -26.96 -5.39
C ARG A 89 -6.47 -27.45 -3.98
N ASP A 90 -7.11 -28.53 -3.55
CA ASP A 90 -6.89 -29.07 -2.22
C ASP A 90 -5.45 -29.46 -1.91
N ASN A 91 -5.11 -29.41 -0.63
CA ASN A 91 -3.79 -29.76 -0.11
C ASN A 91 -3.69 -29.19 1.30
N PHE A 92 -3.05 -29.92 2.20
CA PHE A 92 -2.85 -29.39 3.54
C PHE A 92 -1.91 -28.20 3.31
N HIS A 93 -2.01 -27.15 4.13
CA HIS A 93 -1.18 -25.97 3.89
C HIS A 93 0.33 -26.18 3.74
N TRP A 94 0.89 -27.14 4.47
CA TRP A 94 2.34 -27.40 4.35
C TRP A 94 2.72 -27.97 2.98
N LYS A 95 1.75 -28.51 2.25
CA LYS A 95 2.02 -29.07 0.94
C LYS A 95 1.34 -28.26 -0.16
N PRO A 97 1.30 -25.38 -2.69
CA PRO A 97 2.19 -24.44 -3.37
C PRO A 97 1.49 -23.10 -3.57
N LEU A 98 2.25 -22.00 -3.43
CA LEU A 98 1.71 -20.64 -3.56
C LEU A 98 0.79 -20.48 -4.78
N GLU A 99 1.28 -20.91 -5.94
CA GLU A 99 0.52 -20.82 -7.17
C GLU A 99 -0.89 -21.39 -7.02
N ASP A 100 -1.03 -22.50 -6.27
CA ASP A 100 -2.34 -23.11 -6.07
C ASP A 100 -3.17 -22.23 -5.16
N TRP A 101 -2.51 -21.53 -4.24
CA TRP A 101 -3.19 -20.63 -3.34
C TRP A 101 -3.67 -19.41 -4.11
N GLU A 102 -2.77 -18.84 -4.92
CA GLU A 102 -3.14 -17.65 -5.68
C GLU A 102 -4.15 -17.89 -6.79
N LEU A 103 -4.18 -19.09 -7.33
CA LEU A 103 -5.12 -19.37 -8.40
C LEU A 103 -6.56 -19.44 -7.91
N VAL A 104 -6.79 -20.09 -6.78
CA VAL A 104 -8.16 -20.22 -6.28
C VAL A 104 -8.70 -18.87 -5.80
N LEU A 105 -7.83 -18.04 -5.24
CA LEU A 105 -8.27 -16.72 -4.78
C LEU A 105 -8.60 -15.86 -5.99
N ARG A 106 -7.69 -15.86 -6.97
CA ARG A 106 -7.87 -15.08 -8.18
C ARG A 106 -9.18 -15.43 -8.87
N VAL A 107 -9.41 -16.74 -9.04
CA VAL A 107 -10.62 -17.21 -9.70
C VAL A 107 -11.88 -17.12 -8.83
N ASN A 108 -11.83 -17.61 -7.60
CA ASN A 108 -13.01 -17.57 -6.74
C ASN A 108 -13.31 -16.26 -6.06
N LEU A 109 -12.29 -15.63 -5.47
CA LEU A 109 -12.51 -14.37 -4.77
C LEU A 109 -12.52 -13.15 -5.68
N THR A 110 -11.46 -12.96 -6.46
CA THR A 110 -11.41 -11.83 -7.39
C THR A 110 -12.44 -12.03 -8.50
N GLY A 111 -12.64 -13.28 -8.92
CA GLY A 111 -13.61 -13.57 -9.95
C GLY A 111 -14.99 -13.06 -9.58
N SER A 112 -15.38 -13.29 -8.32
CA SER A 112 -16.67 -12.84 -7.81
C SER A 112 -16.72 -11.31 -7.75
N PHE A 113 -15.61 -10.70 -7.35
CA PHE A 113 -15.54 -9.26 -7.28
C PHE A 113 -15.79 -8.67 -8.69
N LEU A 114 -15.16 -9.27 -9.69
CA LEU A 114 -15.31 -8.79 -11.06
C LEU A 114 -16.75 -8.96 -11.56
N VAL A 115 -17.33 -10.13 -11.32
CA VAL A 115 -18.69 -10.35 -11.78
C VAL A 115 -19.71 -9.52 -11.01
N ALA A 116 -19.54 -9.39 -9.70
CA ALA A 116 -20.47 -8.59 -8.92
C ALA A 116 -20.34 -7.11 -9.28
N LYS A 117 -19.12 -6.67 -9.57
CA LYS A 117 -18.84 -5.28 -9.92
C LYS A 117 -19.51 -4.95 -11.26
N ALA A 118 -19.40 -5.87 -12.22
CA ALA A 118 -20.02 -5.63 -13.51
C ALA A 118 -21.54 -5.67 -13.36
N ALA A 119 -22.03 -6.60 -12.54
CA ALA A 119 -23.47 -6.71 -12.32
C ALA A 119 -24.02 -5.45 -11.68
N SER A 120 -23.30 -4.94 -10.69
CA SER A 120 -23.72 -3.73 -10.00
C SER A 120 -23.75 -2.54 -10.95
N GLU A 121 -22.68 -2.38 -11.73
CA GLU A 121 -22.56 -1.28 -12.68
C GLU A 121 -23.73 -1.26 -13.66
N ALA A 122 -24.20 -2.44 -14.05
CA ALA A 122 -25.30 -2.54 -14.99
C ALA A 122 -26.64 -2.21 -14.36
N ARG A 124 -27.00 -0.42 -10.76
CA ARG A 124 -27.01 0.73 -9.86
C ARG A 124 -27.50 2.02 -10.51
N GLU A 125 -28.55 2.60 -9.92
CA GLU A 125 -29.14 3.85 -10.41
C GLU A 125 -29.98 3.64 -11.68
N LYS A 126 -30.04 2.41 -12.15
CA LYS A 126 -30.84 2.10 -13.33
C LYS A 126 -32.12 1.38 -12.93
N ASN A 127 -31.99 0.42 -12.02
CA ASN A 127 -33.14 -0.34 -11.54
C ASN A 127 -32.80 -1.23 -10.36
N PRO A 128 -33.81 -1.62 -9.56
CA PRO A 128 -33.53 -2.49 -8.42
C PRO A 128 -33.18 -3.86 -8.99
N GLY A 129 -32.51 -4.69 -8.20
CA GLY A 129 -32.13 -5.99 -8.70
C GLY A 129 -31.60 -6.90 -7.60
N SER A 130 -31.13 -8.07 -8.00
CA SER A 130 -30.61 -9.04 -7.05
C SER A 130 -29.33 -9.71 -7.55
N ILE A 131 -28.33 -9.79 -6.66
CA ILE A 131 -27.07 -10.42 -6.99
C ILE A 131 -26.81 -11.58 -6.04
N VAL A 132 -26.64 -12.76 -6.61
CA VAL A 132 -26.38 -13.97 -5.83
C VAL A 132 -24.97 -14.51 -6.12
N LEU A 133 -24.10 -14.46 -5.12
CA LEU A 133 -22.73 -14.95 -5.26
C LEU A 133 -22.66 -16.27 -4.52
N THR A 134 -21.98 -17.25 -5.10
CA THR A 134 -21.89 -18.55 -4.46
C THR A 134 -20.61 -18.79 -3.68
N ALA A 135 -20.78 -19.02 -2.38
CA ALA A 135 -19.67 -19.32 -1.50
C ALA A 135 -19.64 -20.83 -1.34
N SER A 136 -19.61 -21.29 -0.10
CA SER A 136 -19.61 -22.72 0.20
C SER A 136 -19.55 -22.91 1.71
N ARG A 137 -20.14 -24.02 2.17
CA ARG A 137 -20.13 -24.32 3.58
C ARG A 137 -18.68 -24.34 4.13
N VAL A 138 -17.73 -24.63 3.24
CA VAL A 138 -16.31 -24.71 3.59
C VAL A 138 -15.73 -23.35 4.00
N TYR A 139 -16.50 -22.29 3.80
CA TYR A 139 -16.01 -20.96 4.14
C TYR A 139 -15.74 -20.90 5.64
N LEU A 140 -16.31 -21.86 6.37
CA LEU A 140 -16.15 -21.95 7.82
C LEU A 140 -14.91 -22.78 8.20
N GLY A 141 -14.12 -23.17 7.21
CA GLY A 141 -12.92 -23.96 7.50
C GLY A 141 -13.09 -25.44 7.18
N ASN A 142 -12.09 -26.04 6.52
CA ASN A 142 -12.17 -27.45 6.17
C ASN A 142 -10.79 -28.03 5.89
N LEU A 143 -10.56 -29.25 6.36
CA LEU A 143 -9.27 -29.90 6.16
C LEU A 143 -8.83 -29.94 4.69
N GLY A 144 -7.57 -29.59 4.45
CA GLY A 144 -7.02 -29.60 3.11
C GLY A 144 -7.53 -28.54 2.17
N GLN A 145 -8.22 -27.53 2.70
CA GLN A 145 -8.76 -26.48 1.84
C GLN A 145 -8.56 -25.03 2.28
N ALA A 146 -7.40 -24.74 2.85
CA ALA A 146 -7.10 -23.38 3.29
C ALA A 146 -7.41 -22.32 2.22
N ASN A 147 -6.96 -22.58 1.00
CA ASN A 147 -7.19 -21.65 -0.10
C ASN A 147 -8.67 -21.53 -0.48
N TYR A 148 -9.35 -22.66 -0.57
CA TYR A 148 -10.78 -22.64 -0.93
C TYR A 148 -11.59 -22.00 0.19
N ALA A 149 -11.28 -22.35 1.44
CA ALA A 149 -12.02 -21.80 2.58
C ALA A 149 -11.85 -20.28 2.66
N ALA A 150 -10.62 -19.82 2.51
CA ALA A 150 -10.33 -18.40 2.56
C ALA A 150 -11.00 -17.64 1.42
N SER A 151 -10.94 -18.19 0.20
CA SER A 151 -11.54 -17.49 -0.93
C SER A 151 -13.06 -17.34 -0.75
N ALA A 153 -14.70 -17.51 2.10
CA ALA A 153 -15.00 -16.68 3.26
C ALA A 153 -14.91 -15.22 2.82
N GLY A 154 -13.99 -14.95 1.89
CA GLY A 154 -13.82 -13.60 1.37
C GLY A 154 -15.05 -13.19 0.57
N VAL A 155 -15.69 -14.16 -0.08
CA VAL A 155 -16.89 -13.87 -0.87
C VAL A 155 -18.03 -13.50 0.08
N VAL A 156 -18.08 -14.14 1.25
CA VAL A 156 -19.13 -13.81 2.22
C VAL A 156 -18.93 -12.37 2.70
N GLY A 157 -17.67 -11.99 2.91
CA GLY A 157 -17.37 -10.63 3.35
C GLY A 157 -17.67 -9.65 2.23
N LEU A 158 -17.45 -10.07 0.99
CA LEU A 158 -17.72 -9.22 -0.16
C LEU A 158 -19.23 -8.99 -0.26
N THR A 159 -19.98 -10.09 -0.21
CA THR A 159 -21.43 -10.02 -0.29
C THR A 159 -21.99 -9.05 0.76
N ARG A 160 -21.55 -9.17 2.01
CA ARG A 160 -22.05 -8.30 3.05
C ARG A 160 -21.73 -6.84 2.79
N THR A 161 -20.54 -6.58 2.27
CA THR A 161 -20.13 -5.21 1.98
C THR A 161 -21.00 -4.66 0.86
N LEU A 162 -21.14 -5.43 -0.21
CA LEU A 162 -21.96 -5.00 -1.34
C LEU A 162 -23.39 -4.74 -0.92
N ALA A 163 -23.94 -5.61 -0.08
CA ALA A 163 -25.31 -5.44 0.37
C ALA A 163 -25.48 -4.09 1.06
N LEU A 164 -24.51 -3.72 1.89
CA LEU A 164 -24.56 -2.44 2.60
C LEU A 164 -24.49 -1.26 1.63
N GLU A 165 -23.66 -1.40 0.60
CA GLU A 165 -23.49 -0.31 -0.35
C GLU A 165 -24.61 -0.15 -1.37
N LEU A 166 -25.25 -1.25 -1.75
CA LEU A 166 -26.31 -1.20 -2.77
C LEU A 166 -27.73 -1.19 -2.25
N GLY A 167 -27.91 -1.36 -0.95
CA GLY A 167 -29.25 -1.37 -0.40
C GLY A 167 -30.10 -0.19 -0.79
N ARG A 168 -29.52 1.00 -0.72
CA ARG A 168 -30.23 2.23 -1.06
C ARG A 168 -30.64 2.29 -2.51
N TRP A 169 -30.01 1.49 -3.36
CA TRP A 169 -30.34 1.50 -4.78
C TRP A 169 -31.28 0.38 -5.13
N GLY A 170 -31.88 -0.23 -4.10
CA GLY A 170 -32.81 -1.33 -4.32
C GLY A 170 -32.16 -2.59 -4.85
N ILE A 171 -30.84 -2.72 -4.68
CA ILE A 171 -30.12 -3.88 -5.16
C ILE A 171 -29.70 -4.78 -4.01
N ARG A 172 -30.21 -6.02 -4.02
CA ARG A 172 -29.88 -6.98 -2.98
C ARG A 172 -28.69 -7.86 -3.37
N VAL A 173 -27.88 -8.22 -2.38
CA VAL A 173 -26.72 -9.07 -2.59
C VAL A 173 -26.77 -10.15 -1.51
N ASN A 174 -26.85 -11.40 -1.94
CA ASN A 174 -26.91 -12.52 -1.03
C ASN A 174 -25.97 -13.61 -1.50
N THR A 175 -25.54 -14.48 -0.58
CA THR A 175 -24.63 -15.55 -0.97
C THR A 175 -25.11 -16.95 -0.58
N LEU A 176 -24.97 -17.89 -1.52
CA LEU A 176 -25.34 -19.27 -1.31
C LEU A 176 -24.14 -20.02 -0.74
N ALA A 177 -24.40 -20.96 0.17
CA ALA A 177 -23.33 -21.74 0.75
C ALA A 177 -23.70 -23.22 0.65
N PRO A 178 -23.58 -23.80 -0.55
CA PRO A 178 -23.92 -25.21 -0.76
C PRO A 178 -22.98 -26.13 0.00
N GLY A 179 -23.45 -27.34 0.28
CA GLY A 179 -22.62 -28.29 0.99
C GLY A 179 -22.10 -29.32 0.02
N PHE A 180 -22.35 -30.59 0.32
CA PHE A 180 -21.91 -31.67 -0.55
C PHE A 180 -22.99 -31.84 -1.61
N ILE A 181 -22.68 -31.39 -2.83
CA ILE A 181 -23.62 -31.50 -3.92
C ILE A 181 -23.19 -32.57 -4.90
N GLU A 182 -24.11 -33.47 -5.21
CA GLU A 182 -23.85 -34.56 -6.13
C GLU A 182 -23.63 -33.99 -7.52
N THR A 183 -22.39 -34.02 -7.98
CA THR A 183 -22.05 -33.51 -9.30
C THR A 183 -21.17 -34.51 -10.04
N ARG A 184 -20.72 -34.10 -11.22
CA ARG A 184 -19.85 -34.94 -12.04
C ARG A 184 -18.42 -34.62 -11.61
N THR A 186 -17.95 -34.71 -7.76
CA THR A 186 -17.97 -35.42 -6.48
C THR A 186 -18.10 -36.92 -6.70
N ALA A 187 -18.46 -37.31 -7.91
CA ALA A 187 -18.62 -38.73 -8.24
C ALA A 187 -17.31 -39.48 -8.08
N LYS A 188 -16.22 -38.88 -8.55
CA LYS A 188 -14.90 -39.49 -8.46
C LYS A 188 -14.32 -39.43 -7.04
N VAL A 189 -14.90 -38.58 -6.20
CA VAL A 189 -14.44 -38.48 -4.83
C VAL A 189 -14.45 -39.87 -4.20
N PRO A 190 -13.35 -40.24 -3.53
CA PRO A 190 -13.24 -41.56 -2.88
C PRO A 190 -14.33 -41.81 -1.83
N GLU A 191 -14.74 -43.07 -1.70
CA GLU A 191 -15.78 -43.43 -0.75
C GLU A 191 -15.44 -42.98 0.66
N LYS A 192 -14.15 -42.97 0.98
CA LYS A 192 -13.71 -42.54 2.31
C LYS A 192 -14.41 -41.20 2.57
N VAL A 193 -14.26 -40.28 1.63
CA VAL A 193 -14.86 -38.96 1.74
C VAL A 193 -16.39 -39.03 1.80
N ARG A 194 -17.00 -39.68 0.81
CA ARG A 194 -18.45 -39.81 0.77
C ARG A 194 -19.05 -40.21 2.11
N GLU A 195 -18.63 -41.36 2.65
CA GLU A 195 -19.13 -41.85 3.94
C GLU A 195 -18.99 -40.77 5.01
N LYS A 196 -17.86 -40.09 5.02
CA LYS A 196 -17.56 -39.04 5.99
C LYS A 196 -18.49 -37.83 5.81
N ALA A 197 -18.75 -37.47 4.56
CA ALA A 197 -19.62 -36.34 4.27
C ALA A 197 -21.08 -36.62 4.63
N ILE A 198 -21.60 -37.74 4.13
CA ILE A 198 -22.97 -38.11 4.40
C ILE A 198 -23.19 -38.32 5.89
N ALA A 199 -22.20 -38.91 6.56
CA ALA A 199 -22.32 -39.16 7.99
C ALA A 199 -22.48 -37.88 8.77
N ALA A 200 -21.84 -36.81 8.31
CA ALA A 200 -21.93 -35.53 9.00
C ALA A 200 -23.10 -34.68 8.54
N THR A 201 -23.99 -35.25 7.74
CA THR A 201 -25.16 -34.54 7.23
C THR A 201 -26.46 -35.03 7.86
N PRO A 202 -27.10 -34.19 8.68
CA PRO A 202 -28.35 -34.60 9.32
C PRO A 202 -29.36 -35.23 8.36
N LEU A 203 -29.51 -34.65 7.17
CA LEU A 203 -30.45 -35.17 6.18
C LEU A 203 -29.98 -36.47 5.56
N GLY A 204 -28.80 -36.93 5.97
CA GLY A 204 -28.24 -38.19 5.49
C GLY A 204 -28.08 -38.50 4.02
N ARG A 205 -27.77 -37.51 3.19
CA ARG A 205 -27.61 -37.74 1.76
C ARG A 205 -26.88 -36.58 1.14
N ALA A 206 -26.53 -36.72 -0.13
CA ALA A 206 -25.84 -35.65 -0.82
C ALA A 206 -26.93 -34.74 -1.40
N GLY A 207 -26.56 -33.51 -1.71
CA GLY A 207 -27.52 -32.59 -2.29
C GLY A 207 -27.52 -32.71 -3.80
N LYS A 208 -28.57 -32.22 -4.45
CA LYS A 208 -28.65 -32.27 -5.90
C LYS A 208 -28.57 -30.84 -6.42
N PRO A 209 -27.97 -30.63 -7.61
CA PRO A 209 -27.90 -29.26 -8.12
C PRO A 209 -29.22 -28.50 -8.18
N LEU A 210 -30.32 -29.19 -8.51
CA LEU A 210 -31.62 -28.54 -8.60
C LEU A 210 -31.99 -27.87 -7.28
N GLU A 211 -31.63 -28.51 -6.18
CA GLU A 211 -31.92 -27.97 -4.85
C GLU A 211 -31.18 -26.65 -4.60
N VAL A 212 -29.96 -26.54 -5.14
CA VAL A 212 -29.20 -25.32 -4.99
C VAL A 212 -29.83 -24.30 -5.92
N ALA A 213 -30.32 -24.77 -7.07
CA ALA A 213 -30.96 -23.89 -8.05
C ALA A 213 -32.19 -23.21 -7.43
N TYR A 214 -32.97 -23.99 -6.70
CA TYR A 214 -34.16 -23.44 -6.05
C TYR A 214 -33.81 -22.34 -5.07
N ALA A 215 -32.68 -22.51 -4.39
CA ALA A 215 -32.23 -21.52 -3.42
C ALA A 215 -31.90 -20.23 -4.17
N ALA A 216 -31.28 -20.37 -5.34
CA ALA A 216 -30.92 -19.23 -6.18
C ALA A 216 -32.19 -18.55 -6.68
N LEU A 217 -33.17 -19.35 -7.09
CA LEU A 217 -34.43 -18.82 -7.58
C LEU A 217 -35.05 -17.91 -6.53
N PHE A 218 -35.10 -18.39 -5.29
CA PHE A 218 -35.67 -17.63 -4.19
C PHE A 218 -34.95 -16.30 -3.97
N LEU A 219 -33.63 -16.34 -3.87
CA LEU A 219 -32.88 -15.11 -3.64
C LEU A 219 -32.92 -14.12 -4.80
N LEU A 220 -33.07 -14.61 -6.02
CA LEU A 220 -33.11 -13.70 -7.16
C LEU A 220 -34.51 -13.14 -7.43
N SER A 221 -35.54 -13.91 -7.11
CA SER A 221 -36.93 -13.49 -7.33
C SER A 221 -37.39 -12.43 -6.34
N ASP A 222 -38.49 -11.76 -6.66
CA ASP A 222 -39.04 -10.72 -5.79
C ASP A 222 -39.61 -11.30 -4.49
N GLU A 223 -39.55 -12.62 -4.36
CA GLU A 223 -40.05 -13.25 -3.17
C GLU A 223 -39.16 -12.98 -1.96
N SER A 224 -37.88 -12.72 -2.23
CA SER A 224 -36.92 -12.41 -1.17
C SER A 224 -36.58 -10.93 -1.19
N SER A 225 -37.54 -10.11 -1.62
CA SER A 225 -37.36 -8.66 -1.71
C SER A 225 -36.87 -7.94 -0.46
N PHE A 226 -37.14 -8.50 0.73
CA PHE A 226 -36.70 -7.86 1.96
C PHE A 226 -35.56 -8.63 2.62
N ILE A 227 -34.81 -9.38 1.81
CA ILE A 227 -33.67 -10.18 2.30
C ILE A 227 -32.38 -9.79 1.56
N THR A 228 -31.37 -9.36 2.29
CA THR A 228 -30.12 -8.98 1.67
C THR A 228 -28.97 -9.20 2.65
N GLY A 229 -27.75 -9.39 2.12
CA GLY A 229 -26.59 -9.60 2.95
C GLY A 229 -26.60 -10.92 3.73
N GLN A 230 -27.33 -11.90 3.22
CA GLN A 230 -27.43 -13.19 3.89
C GLN A 230 -26.63 -14.32 3.26
N VAL A 231 -26.37 -15.33 4.08
CA VAL A 231 -25.64 -16.52 3.66
C VAL A 231 -26.64 -17.66 3.88
N LEU A 232 -27.09 -18.24 2.77
CA LEU A 232 -28.06 -19.33 2.84
C LEU A 232 -27.36 -20.66 2.59
N PHE A 233 -27.26 -21.46 3.64
CA PHE A 233 -26.61 -22.77 3.52
C PHE A 233 -27.55 -23.79 2.88
N VAL A 234 -27.05 -24.51 1.89
CA VAL A 234 -27.81 -25.55 1.21
C VAL A 234 -26.88 -26.75 1.33
N ASP A 235 -26.77 -27.25 2.55
CA ASP A 235 -25.87 -28.35 2.87
C ASP A 235 -26.50 -29.47 3.69
N GLY A 236 -27.82 -29.55 3.70
CA GLY A 236 -28.50 -30.59 4.45
C GLY A 236 -28.23 -30.62 5.95
N GLY A 237 -27.76 -29.50 6.50
CA GLY A 237 -27.50 -29.44 7.93
C GLY A 237 -26.08 -29.79 8.33
N ARG A 238 -25.22 -30.02 7.35
CA ARG A 238 -23.82 -30.39 7.60
C ARG A 238 -23.07 -29.40 8.47
N THR A 239 -23.47 -28.13 8.40
CA THR A 239 -22.82 -27.07 9.14
C THR A 239 -23.41 -26.76 10.51
N ILE A 240 -24.44 -27.49 10.91
CA ILE A 240 -25.04 -27.25 12.22
C ILE A 240 -24.08 -27.52 13.36
N GLY A 241 -23.36 -28.65 13.31
CA GLY A 241 -22.45 -29.00 14.38
C GLY A 241 -21.01 -29.40 14.08
N ALA A 242 -20.61 -29.43 12.82
CA ALA A 242 -19.24 -29.80 12.44
C ALA A 242 -18.77 -31.15 13.02
N ARG B 2 -47.17 -24.35 -4.97
CA ARG B 2 -46.09 -24.97 -4.22
C ARG B 2 -46.47 -25.79 -2.98
N LEU B 3 -47.72 -25.68 -2.54
CA LEU B 3 -48.14 -26.43 -1.36
C LEU B 3 -49.37 -27.26 -1.66
N LYS B 4 -49.53 -27.64 -2.92
CA LYS B 4 -50.68 -28.44 -3.34
C LYS B 4 -50.97 -29.64 -2.44
N ASP B 5 -52.11 -29.56 -1.75
CA ASP B 5 -52.56 -30.60 -0.85
C ASP B 5 -51.70 -30.88 0.38
N LYS B 6 -50.71 -30.04 0.62
CA LYS B 6 -49.86 -30.18 1.80
C LYS B 6 -50.69 -29.77 3.02
N ALA B 7 -50.65 -30.56 4.07
CA ALA B 7 -51.39 -30.24 5.30
C ALA B 7 -50.49 -29.38 6.16
N VAL B 8 -50.87 -28.13 6.38
CA VAL B 8 -50.07 -27.21 7.16
C VAL B 8 -50.84 -26.52 8.26
N LEU B 9 -50.21 -26.38 9.42
CA LEU B 9 -50.82 -25.68 10.55
C LEU B 9 -50.02 -24.40 10.80
N ILE B 10 -50.71 -23.30 11.06
CA ILE B 10 -50.05 -22.02 11.30
C ILE B 10 -50.55 -21.34 12.59
N THR B 11 -49.63 -20.94 13.45
CA THR B 11 -50.01 -20.28 14.69
C THR B 11 -49.99 -18.76 14.53
N GLY B 12 -50.72 -18.05 15.38
CA GLY B 12 -50.78 -16.60 15.30
C GLY B 12 -51.35 -16.21 13.94
N ALA B 13 -52.10 -17.13 13.36
CA ALA B 13 -52.69 -16.94 12.03
C ALA B 13 -53.72 -15.84 11.89
N ALA B 14 -54.20 -15.30 13.00
CA ALA B 14 -55.21 -14.26 12.94
C ALA B 14 -54.70 -12.89 12.58
N HIS B 15 -53.46 -12.58 12.92
CA HIS B 15 -52.94 -11.26 12.64
C HIS B 15 -51.65 -11.19 11.85
N GLY B 16 -51.30 -9.96 11.48
CA GLY B 16 -50.09 -9.69 10.72
C GLY B 16 -49.49 -10.79 9.86
N ILE B 17 -48.28 -11.18 10.21
CA ILE B 17 -47.54 -12.19 9.46
C ILE B 17 -48.29 -13.51 9.34
N GLY B 18 -48.85 -13.99 10.45
CA GLY B 18 -49.59 -15.23 10.40
C GLY B 18 -50.73 -15.16 9.40
N ARG B 19 -51.41 -14.02 9.37
CA ARG B 19 -52.53 -13.82 8.45
C ARG B 19 -52.04 -13.82 7.00
N ALA B 20 -51.01 -13.02 6.70
CA ALA B 20 -50.49 -12.95 5.33
C ALA B 20 -49.97 -14.31 4.89
N THR B 21 -49.44 -15.07 5.84
CA THR B 21 -48.92 -16.39 5.55
C THR B 21 -50.08 -17.33 5.24
N LEU B 22 -51.16 -17.23 6.00
CA LEU B 22 -52.34 -18.07 5.82
C LEU B 22 -52.90 -17.83 4.41
N GLU B 23 -52.92 -16.59 3.97
CA GLU B 23 -53.42 -16.23 2.65
C GLU B 23 -52.52 -16.76 1.53
N LEU B 24 -51.21 -16.56 1.67
CA LEU B 24 -50.25 -16.99 0.67
C LEU B 24 -50.27 -18.52 0.53
N PHE B 25 -50.32 -19.22 1.65
CA PHE B 25 -50.34 -20.68 1.63
C PHE B 25 -51.63 -21.17 0.99
N ALA B 26 -52.75 -20.49 1.24
CA ALA B 26 -54.02 -20.87 0.64
C ALA B 26 -53.94 -20.76 -0.88
N LYS B 27 -53.33 -19.68 -1.37
CA LYS B 27 -53.21 -19.51 -2.83
C LYS B 27 -52.28 -20.57 -3.37
N GLU B 28 -51.40 -21.08 -2.51
CA GLU B 28 -50.49 -22.11 -2.95
C GLU B 28 -51.11 -23.51 -2.81
N GLY B 29 -52.41 -23.54 -2.54
CA GLY B 29 -53.14 -24.80 -2.42
C GLY B 29 -52.97 -25.68 -1.20
N ALA B 30 -52.59 -25.11 -0.06
CA ALA B 30 -52.42 -25.92 1.14
C ALA B 30 -53.75 -26.18 1.83
N ARG B 31 -53.83 -27.30 2.54
CA ARG B 31 -55.01 -27.66 3.31
C ARG B 31 -54.60 -27.16 4.69
N LEU B 32 -55.17 -26.04 5.10
CA LEU B 32 -54.78 -25.38 6.33
C LEU B 32 -55.64 -25.45 7.58
N VAL B 33 -54.97 -25.24 8.71
CA VAL B 33 -55.56 -25.16 10.03
C VAL B 33 -54.96 -23.89 10.63
N ALA B 34 -55.80 -22.89 10.85
CA ALA B 34 -55.35 -21.62 11.42
C ALA B 34 -55.51 -21.63 12.93
N CYS B 35 -54.44 -21.30 13.64
CA CYS B 35 -54.47 -21.27 15.10
C CYS B 35 -54.12 -19.89 15.66
N ASP B 36 -54.80 -19.52 16.74
CA ASP B 36 -54.56 -18.28 17.44
C ASP B 36 -55.33 -18.28 18.76
N ILE B 37 -55.08 -17.25 19.58
CA ILE B 37 -55.70 -17.16 20.89
C ILE B 37 -57.18 -16.74 20.94
N GLU B 38 -57.58 -15.85 20.05
CA GLU B 38 -58.93 -15.31 20.03
C GLU B 38 -59.77 -15.89 18.92
N GLU B 39 -60.85 -16.58 19.30
CA GLU B 39 -61.74 -17.22 18.34
C GLU B 39 -62.41 -16.28 17.35
N GLY B 40 -62.84 -15.11 17.82
CA GLY B 40 -63.49 -14.15 16.96
C GLY B 40 -62.72 -13.87 15.68
N PRO B 41 -61.55 -13.22 15.78
CA PRO B 41 -60.76 -12.92 14.59
C PRO B 41 -60.16 -14.16 13.91
N LEU B 42 -60.02 -15.24 14.67
CA LEU B 42 -59.45 -16.47 14.13
C LEU B 42 -60.38 -17.03 13.06
N ARG B 43 -61.67 -17.12 13.40
CA ARG B 43 -62.66 -17.65 12.47
C ARG B 43 -62.78 -16.76 11.23
N GLU B 44 -62.80 -15.45 11.43
CA GLU B 44 -62.90 -14.54 10.30
C GLU B 44 -61.74 -14.75 9.33
N ALA B 45 -60.52 -14.73 9.85
CA ALA B 45 -59.34 -14.92 9.02
C ALA B 45 -59.36 -16.29 8.35
N ALA B 46 -59.71 -17.32 9.10
CA ALA B 46 -59.74 -18.66 8.55
C ALA B 46 -60.78 -18.84 7.45
N GLU B 47 -61.97 -18.29 7.67
CA GLU B 47 -63.06 -18.42 6.70
C GLU B 47 -62.79 -17.70 5.41
N ALA B 48 -62.17 -16.52 5.51
CA ALA B 48 -61.85 -15.72 4.35
C ALA B 48 -60.93 -16.45 3.37
N VAL B 49 -60.31 -17.53 3.83
CA VAL B 49 -59.38 -18.24 2.97
C VAL B 49 -59.62 -19.74 2.87
N GLY B 50 -60.66 -20.24 3.54
CA GLY B 50 -60.98 -21.66 3.49
C GLY B 50 -60.24 -22.58 4.44
N ALA B 51 -59.61 -22.03 5.47
CA ALA B 51 -58.88 -22.86 6.43
C ALA B 51 -59.77 -23.26 7.60
N HIS B 52 -59.29 -24.22 8.38
CA HIS B 52 -60.03 -24.72 9.53
C HIS B 52 -59.47 -24.06 10.80
N PRO B 53 -60.29 -23.26 11.49
CA PRO B 53 -59.93 -22.54 12.71
C PRO B 53 -59.87 -23.42 13.96
N VAL B 54 -58.78 -23.30 14.71
CA VAL B 54 -58.58 -24.05 15.94
C VAL B 54 -57.94 -23.12 16.96
N VAL B 55 -58.71 -22.68 17.94
CA VAL B 55 -58.20 -21.80 18.97
C VAL B 55 -57.09 -22.49 19.76
N ASP B 57 -53.63 -21.67 22.58
CA ASP B 57 -52.86 -20.80 23.46
C ASP B 57 -51.52 -21.51 23.53
N VAL B 58 -50.59 -21.12 22.66
CA VAL B 58 -49.29 -21.79 22.63
C VAL B 58 -48.55 -21.80 23.97
N ALA B 59 -49.05 -21.05 24.94
CA ALA B 59 -48.44 -21.00 26.27
C ALA B 59 -48.97 -22.08 27.20
N ASP B 60 -50.10 -22.67 26.83
CA ASP B 60 -50.74 -23.72 27.63
C ASP B 60 -50.50 -25.10 27.02
N PRO B 61 -49.68 -25.93 27.68
CA PRO B 61 -49.36 -27.28 27.19
C PRO B 61 -50.60 -28.06 26.78
N ALA B 62 -51.65 -27.96 27.59
CA ALA B 62 -52.89 -28.68 27.32
C ALA B 62 -53.58 -28.12 26.07
N SER B 63 -53.54 -26.79 25.92
CA SER B 63 -54.15 -26.13 24.78
C SER B 63 -53.47 -26.53 23.48
N VAL B 64 -52.14 -26.55 23.49
CA VAL B 64 -51.38 -26.93 22.31
C VAL B 64 -51.68 -28.38 21.95
N GLU B 65 -51.80 -29.21 22.97
CA GLU B 65 -52.09 -30.61 22.73
C GLU B 65 -53.44 -30.84 22.10
N ARG B 66 -54.48 -30.27 22.70
CA ARG B 66 -55.83 -30.42 22.18
C ARG B 66 -55.90 -29.91 20.76
N GLY B 67 -55.26 -28.76 20.54
CA GLY B 67 -55.24 -28.16 19.23
C GLY B 67 -54.68 -29.08 18.17
N PHE B 68 -53.52 -29.67 18.42
CA PHE B 68 -52.93 -30.56 17.44
C PHE B 68 -53.77 -31.81 17.21
N ALA B 69 -54.46 -32.27 18.25
CA ALA B 69 -55.32 -33.43 18.10
C ALA B 69 -56.43 -33.07 17.10
N GLU B 70 -57.01 -31.89 17.27
CA GLU B 70 -58.07 -31.44 16.38
C GLU B 70 -57.57 -31.25 14.97
N ALA B 71 -56.39 -30.64 14.84
CA ALA B 71 -55.80 -30.39 13.53
C ALA B 71 -55.56 -31.71 12.79
N LEU B 72 -55.01 -32.69 13.51
CA LEU B 72 -54.74 -33.99 12.92
C LEU B 72 -56.03 -34.70 12.55
N ALA B 73 -57.05 -34.58 13.41
CA ALA B 73 -58.33 -35.20 13.15
C ALA B 73 -58.90 -34.62 11.85
N HIS B 74 -58.74 -33.31 11.69
CA HIS B 74 -59.25 -32.63 10.50
C HIS B 74 -58.38 -32.84 9.27
N LEU B 75 -57.06 -32.78 9.42
CA LEU B 75 -56.15 -32.95 8.29
C LEU B 75 -55.80 -34.40 8.00
N GLY B 76 -55.64 -35.20 9.05
CA GLY B 76 -55.29 -36.60 8.87
C GLY B 76 -53.80 -36.83 8.81
N ARG B 77 -53.05 -35.75 8.59
CA ARG B 77 -51.61 -35.83 8.51
C ARG B 77 -51.09 -34.41 8.71
N LEU B 78 -49.77 -34.26 8.77
CA LEU B 78 -49.16 -32.94 8.94
C LEU B 78 -47.90 -32.89 8.09
N ASP B 79 -47.84 -31.95 7.15
CA ASP B 79 -46.69 -31.85 6.28
C ASP B 79 -45.75 -30.73 6.68
N GLY B 80 -46.29 -29.75 7.40
CA GLY B 80 -45.47 -28.64 7.82
C GLY B 80 -46.19 -27.75 8.83
N VAL B 81 -45.44 -26.90 9.49
CA VAL B 81 -46.01 -25.99 10.46
C VAL B 81 -45.17 -24.74 10.49
N VAL B 82 -45.83 -23.59 10.57
CA VAL B 82 -45.11 -22.34 10.68
C VAL B 82 -45.62 -21.73 11.98
N HIS B 83 -44.71 -21.59 12.94
CA HIS B 83 -45.04 -21.05 14.25
C HIS B 83 -44.72 -19.56 14.36
N TYR B 84 -45.69 -18.76 14.75
CA TYR B 84 -45.47 -17.32 14.88
C TYR B 84 -45.67 -16.83 16.32
N ALA B 85 -46.85 -17.09 16.87
CA ALA B 85 -47.21 -16.67 18.24
C ALA B 85 -46.03 -16.18 19.11
N GLY B 86 -45.92 -14.87 19.26
CA GLY B 86 -44.84 -14.30 20.07
C GLY B 86 -45.23 -12.95 20.64
N ILE B 87 -44.59 -12.56 21.74
CA ILE B 87 -44.90 -11.27 22.37
C ILE B 87 -43.65 -10.55 22.86
N THR B 88 -43.82 -9.32 23.33
CA THR B 88 -42.73 -8.52 23.84
C THR B 88 -43.12 -7.79 25.11
N ARG B 89 -42.13 -7.48 25.93
CA ARG B 89 -42.32 -6.75 27.17
C ARG B 89 -41.01 -5.98 27.34
N ASP B 90 -40.85 -4.93 26.53
CA ASP B 90 -39.63 -4.13 26.54
C ASP B 90 -39.34 -3.34 27.81
N ASN B 91 -38.06 -3.25 28.12
CA ASN B 91 -37.57 -2.52 29.28
C ASN B 91 -36.07 -2.79 29.41
N PHE B 92 -35.32 -1.78 29.84
CA PHE B 92 -33.90 -2.01 30.08
C PHE B 92 -33.91 -3.01 31.24
N HIS B 93 -32.91 -3.88 31.30
CA HIS B 93 -32.88 -4.91 32.33
C HIS B 93 -33.06 -4.46 33.78
N TRP B 94 -32.54 -3.29 34.16
CA TRP B 94 -32.68 -2.88 35.56
C TRP B 94 -34.09 -2.45 35.94
N LYS B 95 -34.96 -2.26 34.94
CA LYS B 95 -36.33 -1.84 35.19
C LYS B 95 -37.28 -2.93 34.73
N PRO B 97 -39.30 -6.18 35.26
CA PRO B 97 -39.79 -7.03 36.34
C PRO B 97 -39.63 -8.50 35.96
N LEU B 98 -39.32 -9.33 36.94
CA LEU B 98 -39.15 -10.77 36.72
C LEU B 98 -40.37 -11.32 35.97
N GLU B 99 -41.57 -10.91 36.38
CA GLU B 99 -42.79 -11.38 35.74
C GLU B 99 -42.77 -11.16 34.23
N ASP B 100 -42.20 -10.03 33.82
CA ASP B 100 -42.10 -9.68 32.40
C ASP B 100 -41.08 -10.56 31.69
N TRP B 101 -40.01 -10.90 32.41
CA TRP B 101 -38.98 -11.73 31.86
C TRP B 101 -39.52 -13.16 31.67
N GLU B 102 -40.17 -13.68 32.70
CA GLU B 102 -40.71 -15.02 32.63
C GLU B 102 -41.89 -15.18 31.66
N LEU B 103 -42.68 -14.13 31.49
CA LEU B 103 -43.80 -14.22 30.58
C LEU B 103 -43.36 -14.36 29.12
N VAL B 104 -42.38 -13.57 28.68
CA VAL B 104 -41.96 -13.68 27.30
C VAL B 104 -41.21 -14.98 27.03
N LEU B 105 -40.49 -15.49 28.02
CA LEU B 105 -39.76 -16.74 27.85
C LEU B 105 -40.78 -17.87 27.76
N ARG B 106 -41.79 -17.81 28.62
CA ARG B 106 -42.84 -18.82 28.65
C ARG B 106 -43.58 -18.89 27.32
N VAL B 107 -43.98 -17.72 26.82
CA VAL B 107 -44.72 -17.60 25.58
C VAL B 107 -43.89 -17.82 24.33
N ASN B 108 -42.77 -17.13 24.20
CA ASN B 108 -41.94 -17.26 23.01
C ASN B 108 -41.04 -18.50 22.96
N LEU B 109 -40.30 -18.76 24.04
CA LEU B 109 -39.40 -19.91 24.04
C LEU B 109 -40.11 -21.26 24.34
N THR B 110 -40.79 -21.37 25.47
CA THR B 110 -41.47 -22.62 25.79
C THR B 110 -42.63 -22.86 24.83
N GLY B 111 -43.24 -21.77 24.39
CA GLY B 111 -44.35 -21.90 23.47
C GLY B 111 -43.87 -22.53 22.17
N SER B 112 -42.69 -22.13 21.71
CA SER B 112 -42.13 -22.71 20.48
C SER B 112 -41.76 -24.17 20.73
N PHE B 113 -41.31 -24.48 21.94
CA PHE B 113 -40.96 -25.85 22.26
C PHE B 113 -42.23 -26.71 22.21
N LEU B 114 -43.29 -26.24 22.84
CA LEU B 114 -44.56 -26.98 22.86
C LEU B 114 -45.14 -27.20 21.47
N VAL B 115 -45.12 -26.17 20.65
CA VAL B 115 -45.65 -26.31 19.30
C VAL B 115 -44.76 -27.20 18.46
N ALA B 116 -43.46 -27.00 18.55
CA ALA B 116 -42.51 -27.79 17.77
C ALA B 116 -42.55 -29.26 18.16
N LYS B 117 -42.63 -29.52 19.46
CA LYS B 117 -42.67 -30.87 19.98
C LYS B 117 -43.93 -31.56 19.47
N ALA B 118 -45.02 -30.81 19.41
CA ALA B 118 -46.29 -31.35 18.94
C ALA B 118 -46.20 -31.62 17.44
N ALA B 119 -45.58 -30.72 16.71
CA ALA B 119 -45.42 -30.85 15.26
C ALA B 119 -44.58 -32.08 14.96
N SER B 120 -43.55 -32.28 15.78
CA SER B 120 -42.65 -33.41 15.64
C SER B 120 -43.36 -34.75 15.84
N GLU B 121 -44.16 -34.84 16.90
CA GLU B 121 -44.87 -36.07 17.23
C GLU B 121 -45.88 -36.46 16.16
N ALA B 122 -46.48 -35.46 15.54
CA ALA B 122 -47.44 -35.68 14.49
C ALA B 122 -46.80 -36.14 13.18
N ARG B 124 -42.91 -37.32 12.95
CA ARG B 124 -41.82 -38.27 13.12
C ARG B 124 -42.24 -39.73 12.99
N GLU B 125 -41.59 -40.42 12.06
CA GLU B 125 -41.85 -41.83 11.78
C GLU B 125 -43.10 -42.04 10.94
N LYS B 126 -43.81 -40.96 10.64
CA LYS B 126 -45.02 -41.02 9.82
C LYS B 126 -44.74 -40.57 8.39
N ASN B 127 -44.18 -39.37 8.27
CA ASN B 127 -43.85 -38.81 6.97
C ASN B 127 -42.79 -37.74 7.09
N PRO B 128 -42.16 -37.36 5.97
CA PRO B 128 -41.15 -36.32 6.04
C PRO B 128 -41.94 -35.02 6.24
N GLY B 129 -41.27 -33.94 6.60
CA GLY B 129 -42.01 -32.71 6.81
C GLY B 129 -41.10 -31.52 7.03
N SER B 130 -41.69 -30.39 7.37
CA SER B 130 -40.90 -29.19 7.59
C SER B 130 -41.50 -28.31 8.66
N ILE B 131 -40.70 -28.02 9.69
CA ILE B 131 -41.14 -27.17 10.79
C ILE B 131 -40.41 -25.83 10.70
N VAL B 132 -41.17 -24.74 10.73
CA VAL B 132 -40.58 -23.41 10.66
C VAL B 132 -40.93 -22.65 11.93
N LEU B 133 -39.90 -22.30 12.70
CA LEU B 133 -40.07 -21.57 13.94
C LEU B 133 -39.62 -20.12 13.74
N THR B 134 -40.42 -19.19 14.23
CA THR B 134 -40.07 -17.79 14.07
C THR B 134 -39.41 -17.16 15.29
N ALA B 135 -38.20 -16.66 15.09
CA ALA B 135 -37.47 -15.97 16.13
C ALA B 135 -37.54 -14.50 15.74
N SER B 136 -36.39 -13.82 15.70
CA SER B 136 -36.35 -12.42 15.36
C SER B 136 -34.90 -11.95 15.24
N ARG B 137 -34.69 -10.93 14.41
CA ARG B 137 -33.35 -10.37 14.24
C ARG B 137 -32.78 -9.99 15.61
N VAL B 138 -33.68 -9.68 16.55
CA VAL B 138 -33.31 -9.29 17.91
C VAL B 138 -32.60 -10.35 18.75
N TYR B 139 -32.61 -11.60 18.29
CA TYR B 139 -31.95 -12.65 19.06
C TYR B 139 -30.47 -12.33 19.19
N LEU B 140 -29.97 -11.43 18.33
CA LEU B 140 -28.56 -11.03 18.38
C LEU B 140 -28.31 -9.94 19.41
N GLY B 141 -29.37 -9.57 20.13
CA GLY B 141 -29.27 -8.54 21.15
C GLY B 141 -29.87 -7.23 20.66
N ASN B 142 -30.53 -6.50 21.57
CA ASN B 142 -31.12 -5.23 21.21
C ASN B 142 -31.54 -4.46 22.44
N LEU B 143 -31.21 -3.16 22.45
CA LEU B 143 -31.53 -2.28 23.56
C LEU B 143 -32.97 -2.43 24.07
N GLY B 144 -33.10 -2.62 25.38
CA GLY B 144 -34.41 -2.74 26.00
C GLY B 144 -35.15 -4.03 25.76
N GLN B 145 -34.46 -5.05 25.25
CA GLN B 145 -35.13 -6.31 24.96
C GLN B 145 -34.41 -7.57 25.41
N ALA B 146 -33.80 -7.52 26.58
CA ALA B 146 -33.08 -8.67 27.11
C ALA B 146 -33.95 -9.94 27.11
N ASN B 147 -35.21 -9.80 27.52
CA ASN B 147 -36.11 -10.96 27.55
C ASN B 147 -36.45 -11.44 26.13
N TYR B 148 -36.83 -10.50 25.25
CA TYR B 148 -37.17 -10.87 23.88
C TYR B 148 -35.96 -11.52 23.20
N ALA B 149 -34.80 -10.88 23.30
CA ALA B 149 -33.57 -11.39 22.70
C ALA B 149 -33.13 -12.77 23.22
N ALA B 150 -33.32 -12.98 24.53
CA ALA B 150 -32.95 -14.25 25.14
C ALA B 150 -33.91 -15.35 24.68
N SER B 151 -35.21 -15.05 24.69
CA SER B 151 -36.19 -16.03 24.29
C SER B 151 -36.05 -16.40 22.82
N ALA B 153 -33.30 -16.03 21.02
CA ALA B 153 -32.00 -16.66 20.81
C ALA B 153 -32.18 -18.15 21.20
N GLY B 154 -33.00 -18.38 22.21
CA GLY B 154 -33.29 -19.73 22.66
C GLY B 154 -33.96 -20.52 21.56
N VAL B 155 -34.85 -19.87 20.82
CA VAL B 155 -35.56 -20.54 19.73
C VAL B 155 -34.58 -20.97 18.62
N VAL B 156 -33.59 -20.12 18.33
CA VAL B 156 -32.61 -20.48 17.31
C VAL B 156 -31.87 -21.74 17.78
N GLY B 157 -31.50 -21.77 19.06
CA GLY B 157 -30.81 -22.93 19.60
C GLY B 157 -31.68 -24.18 19.55
N LEU B 158 -32.96 -24.00 19.84
CA LEU B 158 -33.91 -25.11 19.81
C LEU B 158 -33.97 -25.66 18.39
N THR B 159 -34.09 -24.75 17.43
CA THR B 159 -34.15 -25.11 16.03
C THR B 159 -32.97 -25.97 15.59
N ARG B 160 -31.76 -25.51 15.89
CA ARG B 160 -30.58 -26.27 15.51
C ARG B 160 -30.56 -27.66 16.13
N THR B 161 -31.02 -27.77 17.38
CA THR B 161 -31.06 -29.07 18.07
C THR B 161 -32.12 -29.95 17.40
N LEU B 162 -33.33 -29.42 17.25
CA LEU B 162 -34.42 -30.18 16.62
C LEU B 162 -34.02 -30.63 15.23
N ALA B 163 -33.32 -29.75 14.51
CA ALA B 163 -32.88 -30.08 13.17
C ALA B 163 -31.95 -31.30 13.22
N LEU B 164 -31.08 -31.35 14.23
CA LEU B 164 -30.15 -32.46 14.39
C LEU B 164 -30.85 -33.77 14.73
N GLU B 165 -31.88 -33.69 15.56
CA GLU B 165 -32.59 -34.89 15.98
C GLU B 165 -33.58 -35.44 14.96
N LEU B 166 -34.20 -34.56 14.18
CA LEU B 166 -35.18 -34.99 13.19
C LEU B 166 -34.65 -35.20 11.77
N GLY B 167 -33.42 -34.75 11.51
CA GLY B 167 -32.86 -34.92 10.17
C GLY B 167 -33.02 -36.28 9.51
N ARG B 168 -32.63 -37.34 10.21
CA ARG B 168 -32.74 -38.70 9.69
C ARG B 168 -34.18 -39.13 9.43
N TRP B 169 -35.14 -38.37 9.94
CA TRP B 169 -36.55 -38.72 9.74
C TRP B 169 -37.20 -37.92 8.63
N GLY B 170 -36.37 -37.26 7.82
CA GLY B 170 -36.89 -36.46 6.72
C GLY B 170 -37.59 -35.19 7.18
N ILE B 171 -37.43 -34.83 8.44
CA ILE B 171 -38.07 -33.64 8.97
C ILE B 171 -37.07 -32.51 9.13
N ARG B 172 -37.33 -31.40 8.44
CA ARG B 172 -36.46 -30.24 8.48
C ARG B 172 -36.98 -29.22 9.48
N VAL B 173 -36.07 -28.45 10.06
CA VAL B 173 -36.45 -27.43 11.03
C VAL B 173 -35.62 -26.18 10.78
N ASN B 174 -36.30 -25.07 10.54
CA ASN B 174 -35.61 -23.82 10.28
C ASN B 174 -36.29 -22.69 11.02
N THR B 175 -35.58 -21.59 11.16
CA THR B 175 -36.13 -20.46 11.87
C THR B 175 -36.05 -19.17 11.08
N LEU B 176 -37.13 -18.40 11.13
CA LEU B 176 -37.18 -17.11 10.44
C LEU B 176 -36.73 -16.06 11.46
N ALA B 177 -36.07 -15.02 10.99
CA ALA B 177 -35.61 -13.93 11.87
C ALA B 177 -35.97 -12.58 11.26
N PRO B 178 -37.25 -12.21 11.26
CA PRO B 178 -37.64 -10.93 10.67
C PRO B 178 -37.13 -9.70 11.42
N GLY B 179 -37.13 -8.57 10.72
CA GLY B 179 -36.68 -7.33 11.32
C GLY B 179 -37.88 -6.50 11.71
N PHE B 180 -37.89 -5.24 11.28
CA PHE B 180 -38.99 -4.33 11.58
C PHE B 180 -40.04 -4.51 10.49
N ILE B 181 -41.09 -5.26 10.81
CA ILE B 181 -42.19 -5.52 9.87
C ILE B 181 -43.36 -4.67 10.31
N GLU B 182 -44.01 -4.00 9.37
CA GLU B 182 -45.13 -3.14 9.70
C GLU B 182 -46.41 -3.93 9.91
N THR B 183 -46.88 -3.93 11.15
CA THR B 183 -48.11 -4.62 11.53
C THR B 183 -48.84 -3.76 12.54
N ARG B 184 -50.00 -4.24 12.97
CA ARG B 184 -50.79 -3.53 13.97
C ARG B 184 -49.94 -3.31 15.21
N THR B 186 -46.84 -2.61 15.48
CA THR B 186 -45.79 -1.60 15.31
C THR B 186 -46.38 -0.23 15.02
N ALA B 187 -47.71 -0.15 15.04
CA ALA B 187 -48.39 1.11 14.76
C ALA B 187 -48.07 2.16 15.81
N LYS B 188 -47.85 1.68 17.03
CA LYS B 188 -47.55 2.55 18.18
C LYS B 188 -46.12 3.11 18.19
N VAL B 189 -45.22 2.47 17.47
CA VAL B 189 -43.84 2.92 17.43
C VAL B 189 -43.74 4.40 17.07
N PRO B 190 -43.05 5.19 17.90
CA PRO B 190 -42.89 6.63 17.67
C PRO B 190 -42.12 6.96 16.39
N GLU B 191 -42.51 8.05 15.74
CA GLU B 191 -41.88 8.45 14.49
C GLU B 191 -40.38 8.69 14.53
N LYS B 192 -39.86 9.18 15.65
CA LYS B 192 -38.42 9.43 15.75
C LYS B 192 -37.67 8.10 15.89
N VAL B 193 -38.40 7.07 16.27
CA VAL B 193 -37.83 5.73 16.45
C VAL B 193 -37.91 4.96 15.14
N ARG B 194 -38.94 5.24 14.35
CA ARG B 194 -39.11 4.56 13.08
C ARG B 194 -38.00 5.04 12.16
N GLU B 195 -37.82 6.36 12.12
CA GLU B 195 -36.78 6.97 11.30
C GLU B 195 -35.44 6.34 11.61
N LYS B 196 -35.27 5.94 12.86
CA LYS B 196 -34.02 5.34 13.31
C LYS B 196 -33.82 3.88 12.89
N ALA B 197 -34.90 3.10 12.89
CA ALA B 197 -34.83 1.69 12.50
C ALA B 197 -34.59 1.59 11.00
N ILE B 198 -35.29 2.45 10.24
CA ILE B 198 -35.16 2.47 8.80
C ILE B 198 -33.76 2.90 8.39
N ALA B 199 -33.17 3.83 9.13
CA ALA B 199 -31.83 4.30 8.82
C ALA B 199 -30.81 3.18 8.99
N ALA B 200 -31.09 2.24 9.88
CA ALA B 200 -30.16 1.14 10.11
C ALA B 200 -30.47 -0.01 9.16
N THR B 201 -31.36 0.23 8.22
CA THR B 201 -31.76 -0.78 7.25
C THR B 201 -31.27 -0.47 5.84
N PRO B 202 -30.28 -1.22 5.35
CA PRO B 202 -29.76 -0.97 4.00
C PRO B 202 -30.85 -0.81 2.93
N LEU B 203 -31.92 -1.59 3.03
CA LEU B 203 -33.00 -1.50 2.05
C LEU B 203 -33.88 -0.28 2.26
N GLY B 204 -33.54 0.50 3.29
CA GLY B 204 -34.24 1.73 3.60
C GLY B 204 -35.76 1.78 3.77
N ARG B 205 -36.35 0.72 4.29
CA ARG B 205 -37.80 0.72 4.49
C ARG B 205 -38.20 -0.37 5.48
N ALA B 206 -39.46 -0.36 5.88
CA ALA B 206 -39.95 -1.37 6.79
C ALA B 206 -40.36 -2.55 5.93
N GLY B 207 -40.42 -3.74 6.53
CA GLY B 207 -40.80 -4.93 5.78
C GLY B 207 -42.30 -5.09 5.76
N LYS B 208 -42.80 -5.93 4.86
CA LYS B 208 -44.22 -6.18 4.76
C LYS B 208 -44.45 -7.63 5.18
N PRO B 209 -45.56 -7.89 5.87
CA PRO B 209 -45.82 -9.28 6.29
C PRO B 209 -45.77 -10.29 5.14
N LEU B 210 -46.23 -9.90 3.95
CA LEU B 210 -46.22 -10.82 2.82
C LEU B 210 -44.80 -11.32 2.56
N GLU B 211 -43.84 -10.44 2.79
CA GLU B 211 -42.42 -10.77 2.58
C GLU B 211 -41.93 -11.84 3.56
N VAL B 212 -42.45 -11.82 4.77
CA VAL B 212 -42.06 -12.82 5.76
C VAL B 212 -42.75 -14.12 5.35
N ALA B 213 -43.99 -14.01 4.91
CA ALA B 213 -44.75 -15.18 4.47
C ALA B 213 -44.03 -15.93 3.35
N TYR B 214 -43.48 -15.19 2.38
CA TYR B 214 -42.76 -15.82 1.28
C TYR B 214 -41.55 -16.59 1.80
N ALA B 215 -40.91 -16.05 2.83
CA ALA B 215 -39.75 -16.72 3.40
C ALA B 215 -40.24 -18.04 3.98
N ALA B 216 -41.39 -17.97 4.64
CA ALA B 216 -41.99 -19.14 5.25
C ALA B 216 -42.34 -20.17 4.18
N LEU B 217 -42.98 -19.70 3.10
CA LEU B 217 -43.37 -20.55 1.99
C LEU B 217 -42.17 -21.36 1.53
N PHE B 218 -41.07 -20.66 1.25
CA PHE B 218 -39.83 -21.28 0.79
C PHE B 218 -39.36 -22.37 1.73
N LEU B 219 -39.20 -22.02 3.01
CA LEU B 219 -38.75 -22.99 3.99
C LEU B 219 -39.67 -24.21 4.13
N LEU B 220 -40.98 -24.00 4.00
CA LEU B 220 -41.92 -25.10 4.17
C LEU B 220 -42.14 -25.95 2.91
N SER B 221 -41.92 -25.36 1.75
CA SER B 221 -42.11 -26.08 0.49
C SER B 221 -40.93 -27.03 0.23
N ASP B 222 -41.14 -27.96 -0.70
CA ASP B 222 -40.10 -28.92 -1.06
C ASP B 222 -38.92 -28.26 -1.77
N GLU B 223 -39.02 -26.96 -2.05
CA GLU B 223 -37.95 -26.24 -2.74
C GLU B 223 -36.76 -26.01 -1.83
N SER B 224 -36.96 -26.20 -0.54
CA SER B 224 -35.90 -26.05 0.46
C SER B 224 -35.61 -27.40 1.09
N SER B 225 -35.88 -28.45 0.32
CA SER B 225 -35.67 -29.83 0.75
C SER B 225 -34.30 -30.15 1.32
N PHE B 226 -33.26 -29.42 0.90
CA PHE B 226 -31.92 -29.69 1.42
C PHE B 226 -31.44 -28.64 2.43
N ILE B 227 -32.37 -27.88 2.98
CA ILE B 227 -32.05 -26.83 3.95
C ILE B 227 -32.68 -27.09 5.32
N THR B 228 -31.85 -27.24 6.34
CA THR B 228 -32.38 -27.48 7.69
C THR B 228 -31.41 -26.92 8.73
N GLY B 229 -31.97 -26.53 9.89
CA GLY B 229 -31.16 -25.97 10.96
C GLY B 229 -30.69 -24.56 10.67
N GLN B 230 -31.36 -23.86 9.75
CA GLN B 230 -30.95 -22.52 9.36
C GLN B 230 -31.76 -21.36 9.93
N VAL B 231 -31.12 -20.19 10.00
CA VAL B 231 -31.75 -18.97 10.47
C VAL B 231 -31.80 -18.03 9.28
N LEU B 232 -33.00 -17.76 8.79
CA LEU B 232 -33.15 -16.89 7.64
C LEU B 232 -33.62 -15.49 8.05
N PHE B 233 -32.72 -14.51 7.95
CA PHE B 233 -33.07 -13.13 8.31
C PHE B 233 -33.88 -12.49 7.21
N VAL B 234 -34.98 -11.87 7.61
CA VAL B 234 -35.88 -11.17 6.70
C VAL B 234 -36.01 -9.81 7.36
N ASP B 235 -34.93 -9.04 7.31
CA ASP B 235 -34.88 -7.72 7.95
C ASP B 235 -34.28 -6.63 7.09
N GLY B 236 -34.21 -6.86 5.78
CA GLY B 236 -33.65 -5.86 4.89
C GLY B 236 -32.20 -5.47 5.15
N GLY B 237 -31.41 -6.39 5.70
CA GLY B 237 -30.02 -6.09 5.95
C GLY B 237 -29.73 -5.37 7.27
N ARG B 238 -30.75 -5.21 8.09
CA ARG B 238 -30.65 -4.52 9.37
C ARG B 238 -29.56 -5.10 10.27
N THR B 239 -29.24 -6.37 10.05
CA THR B 239 -28.27 -7.05 10.88
C THR B 239 -26.91 -7.30 10.24
N ILE B 240 -26.72 -6.84 9.00
CA ILE B 240 -25.42 -7.02 8.34
C ILE B 240 -24.35 -6.33 9.18
N GLY B 241 -24.64 -5.09 9.55
CA GLY B 241 -23.75 -4.32 10.40
C GLY B 241 -24.55 -3.99 11.65
N ALA B 242 -23.87 -3.64 12.75
CA ALA B 242 -24.57 -3.31 13.99
C ALA B 242 -25.25 -1.94 13.88
N ALA B 243 -26.40 -1.79 14.54
CA ALA B 243 -27.13 -0.53 14.50
C ALA B 243 -26.83 0.33 15.72
N PRO B 244 -26.31 1.55 15.51
CA PRO B 244 -25.98 2.48 16.60
C PRO B 244 -27.22 3.23 17.11
N ALA B 245 -27.08 4.54 17.26
CA ALA B 245 -28.16 5.42 17.72
C ALA B 245 -28.71 5.04 19.10
N ARG C 2 -3.23 -9.96 38.74
CA ARG C 2 -4.18 -9.32 37.84
C ARG C 2 -5.54 -8.96 38.41
N LEU C 3 -5.82 -9.40 39.63
CA LEU C 3 -7.10 -9.09 40.25
C LEU C 3 -6.87 -8.48 41.62
N LYS C 4 -5.71 -7.83 41.74
CA LYS C 4 -5.28 -7.16 42.97
C LYS C 4 -6.37 -6.27 43.58
N ASP C 5 -6.91 -6.69 44.72
CA ASP C 5 -7.95 -5.93 45.43
C ASP C 5 -9.33 -5.88 44.77
N LYS C 6 -9.47 -6.45 43.57
CA LYS C 6 -10.76 -6.45 42.90
C LYS C 6 -11.75 -7.32 43.67
N ALA C 7 -12.96 -6.81 43.85
CA ALA C 7 -14.00 -7.55 44.56
C ALA C 7 -14.78 -8.36 43.53
N VAL C 8 -14.70 -9.67 43.66
CA VAL C 8 -15.36 -10.57 42.73
C VAL C 8 -16.24 -11.61 43.40
N LEU C 9 -17.42 -11.83 42.86
CA LEU C 9 -18.33 -12.84 43.38
C LEU C 9 -18.39 -13.94 42.33
N ILE C 10 -18.40 -15.19 42.79
CA ILE C 10 -18.40 -16.34 41.89
C ILE C 10 -19.50 -17.35 42.25
N THR C 11 -20.30 -17.74 41.28
CA THR C 11 -21.36 -18.71 41.52
C THR C 11 -20.86 -20.12 41.16
N GLY C 12 -21.54 -21.14 41.67
CA GLY C 12 -21.14 -22.51 41.41
C GLY C 12 -19.71 -22.75 41.84
N ALA C 13 -19.28 -21.98 42.83
CA ALA C 13 -17.91 -22.04 43.33
C ALA C 13 -17.49 -23.32 44.03
N ALA C 14 -18.43 -24.21 44.30
CA ALA C 14 -18.11 -25.46 44.98
C ALA C 14 -17.64 -26.55 44.03
N HIS C 15 -18.12 -26.49 42.80
CA HIS C 15 -17.80 -27.49 41.78
C HIS C 15 -16.55 -27.18 40.95
N GLY C 16 -16.10 -28.21 40.23
CA GLY C 16 -14.92 -28.12 39.39
C GLY C 16 -14.48 -26.77 38.83
N ILE C 17 -15.16 -26.30 37.78
CA ILE C 17 -14.81 -25.03 37.15
C ILE C 17 -14.84 -23.84 38.08
N GLY C 18 -15.92 -23.73 38.86
CA GLY C 18 -16.05 -22.63 39.79
C GLY C 18 -14.95 -22.68 40.83
N ARG C 19 -14.69 -23.88 41.34
CA ARG C 19 -13.66 -24.11 42.32
C ARG C 19 -12.31 -23.70 41.76
N ALA C 20 -12.00 -24.18 40.55
CA ALA C 20 -10.73 -23.85 39.91
C ALA C 20 -10.59 -22.34 39.72
N THR C 21 -11.71 -21.67 39.47
CA THR C 21 -11.69 -20.22 39.27
C THR C 21 -11.46 -19.50 40.60
N LEU C 22 -12.02 -20.03 41.68
CA LEU C 22 -11.84 -19.43 43.01
C LEU C 22 -10.36 -19.44 43.35
N GLU C 23 -9.73 -20.58 43.11
CA GLU C 23 -8.31 -20.76 43.40
C GLU C 23 -7.42 -19.82 42.60
N LEU C 24 -7.67 -19.71 41.29
CA LEU C 24 -6.91 -18.85 40.41
C LEU C 24 -7.06 -17.39 40.85
N PHE C 25 -8.31 -16.96 41.02
CA PHE C 25 -8.59 -15.59 41.40
C PHE C 25 -7.96 -15.24 42.75
N ALA C 26 -7.93 -16.22 43.66
CA ALA C 26 -7.33 -15.99 44.96
C ALA C 26 -5.86 -15.70 44.76
N LYS C 27 -5.19 -16.51 43.92
CA LYS C 27 -3.77 -16.30 43.67
C LYS C 27 -3.54 -14.96 42.98
N GLU C 28 -4.54 -14.48 42.24
CA GLU C 28 -4.41 -13.21 41.54
C GLU C 28 -4.78 -12.01 42.40
N GLY C 29 -4.90 -12.23 43.71
CA GLY C 29 -5.18 -11.17 44.66
C GLY C 29 -6.60 -10.61 44.79
N ALA C 30 -7.59 -11.37 44.36
CA ALA C 30 -8.97 -10.90 44.43
C ALA C 30 -9.57 -11.09 45.82
N ARG C 31 -10.52 -10.23 46.15
CA ARG C 31 -11.24 -10.30 47.40
C ARG C 31 -12.50 -10.99 46.92
N LEU C 32 -12.63 -12.26 47.27
CA LEU C 32 -13.71 -13.10 46.80
C LEU C 32 -14.88 -13.47 47.69
N VAL C 33 -16.01 -13.67 47.02
CA VAL C 33 -17.23 -14.12 47.66
C VAL C 33 -17.54 -15.37 46.87
N ALA C 34 -17.66 -16.49 47.56
CA ALA C 34 -17.97 -17.74 46.90
C ALA C 34 -19.44 -18.09 47.11
N CYS C 35 -20.14 -18.39 46.01
CA CYS C 35 -21.57 -18.74 46.06
C CYS C 35 -21.89 -20.09 45.45
N ASP C 36 -22.85 -20.80 46.07
CA ASP C 36 -23.32 -22.08 45.59
C ASP C 36 -24.49 -22.56 46.43
N ILE C 37 -25.09 -23.67 46.03
CA ILE C 37 -26.27 -24.22 46.70
C ILE C 37 -26.03 -25.02 47.99
N GLU C 38 -24.98 -25.85 48.02
CA GLU C 38 -24.70 -26.67 49.20
C GLU C 38 -23.67 -26.03 50.12
N GLU C 39 -24.09 -25.69 51.32
CA GLU C 39 -23.22 -25.05 52.30
C GLU C 39 -21.95 -25.84 52.64
N GLY C 40 -22.11 -27.13 52.93
CA GLY C 40 -20.98 -27.98 53.27
C GLY C 40 -19.80 -27.81 52.34
N PRO C 41 -19.93 -28.22 51.07
CA PRO C 41 -18.81 -28.06 50.14
C PRO C 41 -18.47 -26.61 49.83
N LEU C 42 -19.43 -25.70 50.01
CA LEU C 42 -19.18 -24.29 49.75
C LEU C 42 -18.21 -23.73 50.79
N ARG C 43 -18.52 -23.97 52.06
CA ARG C 43 -17.69 -23.51 53.16
C ARG C 43 -16.26 -24.01 53.03
N GLU C 44 -16.12 -25.27 52.64
CA GLU C 44 -14.79 -25.86 52.50
C GLU C 44 -13.99 -25.25 51.34
N ALA C 45 -14.63 -25.09 50.17
CA ALA C 45 -13.94 -24.52 49.02
C ALA C 45 -13.57 -23.05 49.29
N ALA C 46 -14.42 -22.36 50.05
CA ALA C 46 -14.18 -20.96 50.36
C ALA C 46 -13.04 -20.80 51.36
N GLU C 47 -13.01 -21.66 52.38
CA GLU C 47 -11.97 -21.59 53.40
C GLU C 47 -10.57 -21.94 52.88
N ALA C 48 -10.49 -22.88 51.96
CA ALA C 48 -9.19 -23.28 51.42
C ALA C 48 -8.56 -22.14 50.62
N VAL C 49 -9.38 -21.17 50.25
CA VAL C 49 -8.94 -20.06 49.44
C VAL C 49 -8.95 -18.69 50.14
N GLY C 50 -9.65 -18.59 51.27
CA GLY C 50 -9.73 -17.33 51.99
C GLY C 50 -10.88 -16.47 51.49
N ALA C 51 -11.85 -17.11 50.85
CA ALA C 51 -13.02 -16.40 50.33
C ALA C 51 -14.15 -16.40 51.36
N HIS C 52 -15.13 -15.54 51.15
CA HIS C 52 -16.26 -15.48 52.05
C HIS C 52 -17.42 -16.26 51.44
N PRO C 53 -17.85 -17.34 52.13
CA PRO C 53 -18.94 -18.18 51.63
C PRO C 53 -20.31 -17.58 51.81
N VAL C 54 -21.11 -17.64 50.75
CA VAL C 54 -22.48 -17.14 50.76
C VAL C 54 -23.35 -18.16 50.03
N VAL C 55 -24.25 -18.81 50.75
CA VAL C 55 -25.13 -19.80 50.14
C VAL C 55 -26.08 -19.11 49.19
N ASP C 57 -29.06 -19.88 45.79
CA ASP C 57 -29.81 -20.73 44.86
C ASP C 57 -30.18 -19.76 43.73
N VAL C 58 -29.32 -19.71 42.71
CA VAL C 58 -29.55 -18.79 41.57
C VAL C 58 -30.90 -18.92 40.93
N ALA C 59 -31.63 -19.99 41.24
CA ALA C 59 -32.95 -20.17 40.66
C ALA C 59 -33.99 -19.40 41.48
N ASP C 60 -33.59 -18.98 42.68
CA ASP C 60 -34.48 -18.26 43.59
C ASP C 60 -34.16 -16.76 43.64
N PRO C 61 -35.09 -15.92 43.14
CA PRO C 61 -34.90 -14.47 43.13
C PRO C 61 -34.49 -13.89 44.48
N ALA C 62 -35.19 -14.31 45.53
CA ALA C 62 -34.91 -13.80 46.88
C ALA C 62 -33.55 -14.27 47.38
N SER C 63 -33.15 -15.47 46.98
CA SER C 63 -31.86 -15.99 47.40
C SER C 63 -30.76 -15.19 46.71
N VAL C 64 -30.94 -14.91 45.43
CA VAL C 64 -29.96 -14.13 44.69
C VAL C 64 -29.85 -12.75 45.32
N GLU C 65 -31.00 -12.20 45.64
CA GLU C 65 -31.04 -10.87 46.23
C GLU C 65 -30.31 -10.84 47.58
N ARG C 66 -30.72 -11.71 48.52
CA ARG C 66 -30.06 -11.73 49.81
C ARG C 66 -28.58 -11.98 49.60
N GLY C 67 -28.25 -12.89 48.70
CA GLY C 67 -26.87 -13.21 48.41
C GLY C 67 -26.00 -12.01 48.09
N PHE C 68 -26.43 -11.21 47.13
CA PHE C 68 -25.67 -10.04 46.74
C PHE C 68 -25.57 -8.99 47.85
N ALA C 69 -26.59 -8.96 48.70
CA ALA C 69 -26.57 -8.01 49.81
C ALA C 69 -25.42 -8.41 50.75
N GLU C 70 -25.30 -9.71 51.02
CA GLU C 70 -24.24 -10.20 51.89
C GLU C 70 -22.87 -9.92 51.26
N ALA C 71 -22.77 -10.19 49.96
CA ALA C 71 -21.53 -9.96 49.24
C ALA C 71 -21.14 -8.48 49.32
N LEU C 72 -22.10 -7.60 49.02
CA LEU C 72 -21.84 -6.17 49.07
C LEU C 72 -21.54 -5.70 50.48
N ALA C 73 -22.23 -6.28 51.46
CA ALA C 73 -21.98 -5.88 52.84
C ALA C 73 -20.55 -6.26 53.23
N HIS C 74 -20.09 -7.37 52.70
CA HIS C 74 -18.76 -7.86 52.99
C HIS C 74 -17.64 -7.21 52.17
N LEU C 75 -17.90 -6.98 50.88
CA LEU C 75 -16.91 -6.38 49.98
C LEU C 75 -16.93 -4.86 49.89
N GLY C 76 -18.12 -4.26 50.03
CA GLY C 76 -18.21 -2.81 49.95
C GLY C 76 -18.31 -2.31 48.52
N ARG C 77 -18.12 -3.21 47.57
CA ARG C 77 -18.18 -2.87 46.16
C ARG C 77 -18.10 -4.16 45.36
N LEU C 78 -18.43 -4.10 44.08
CA LEU C 78 -18.34 -5.27 43.22
C LEU C 78 -17.64 -4.86 41.93
N ASP C 79 -16.55 -5.52 41.59
CA ASP C 79 -15.81 -5.19 40.38
C ASP C 79 -16.03 -6.19 39.25
N GLY C 80 -16.46 -7.39 39.61
CA GLY C 80 -16.70 -8.40 38.60
C GLY C 80 -17.43 -9.59 39.17
N VAL C 81 -18.10 -10.34 38.29
CA VAL C 81 -18.83 -11.52 38.67
C VAL C 81 -18.66 -12.61 37.61
N VAL C 82 -18.41 -13.84 38.06
CA VAL C 82 -18.30 -14.96 37.13
C VAL C 82 -19.40 -15.94 37.57
N HIS C 83 -20.40 -16.08 36.71
CA HIS C 83 -21.54 -16.95 36.99
C HIS C 83 -21.41 -18.27 36.24
N TYR C 84 -21.36 -19.37 36.99
CA TYR C 84 -21.24 -20.71 36.43
C TYR C 84 -22.52 -21.54 36.59
N ALA C 85 -23.02 -21.64 37.81
CA ALA C 85 -24.24 -22.40 38.12
C ALA C 85 -25.08 -22.83 36.90
N GLY C 86 -25.09 -24.14 36.61
CA GLY C 86 -25.84 -24.64 35.48
C GLY C 86 -26.18 -26.12 35.65
N ILE C 87 -27.16 -26.61 34.89
CA ILE C 87 -27.55 -28.02 34.99
C ILE C 87 -28.04 -28.57 33.65
N THR C 88 -28.18 -29.89 33.57
CA THR C 88 -28.67 -30.53 32.36
C THR C 88 -29.72 -31.58 32.71
N ARG C 89 -30.53 -31.91 31.72
CA ARG C 89 -31.59 -32.89 31.81
C ARG C 89 -31.73 -33.37 30.37
N ASP C 90 -30.79 -34.18 29.91
CA ASP C 90 -30.78 -34.65 28.54
C ASP C 90 -31.91 -35.60 28.22
N ASN C 91 -32.21 -35.66 26.92
CA ASN C 91 -33.25 -36.50 26.35
C ASN C 91 -33.57 -35.98 24.95
N PHE C 92 -33.91 -36.89 24.04
CA PHE C 92 -34.29 -36.48 22.71
C PHE C 92 -35.60 -35.73 22.98
N HIS C 93 -35.91 -34.72 22.16
CA HIS C 93 -37.10 -33.93 22.44
C HIS C 93 -38.40 -34.68 22.66
N TRP C 94 -38.63 -35.73 21.86
CA TRP C 94 -39.86 -36.49 22.00
C TRP C 94 -39.97 -37.28 23.30
N LYS C 95 -38.87 -37.36 24.04
CA LYS C 95 -38.88 -38.06 25.32
C LYS C 95 -38.60 -37.10 26.45
N PRO C 97 -39.61 -34.54 29.06
CA PRO C 97 -40.79 -34.05 29.76
C PRO C 97 -40.72 -32.54 29.99
N LEU C 98 -41.86 -31.87 29.82
CA LEU C 98 -41.94 -30.43 29.99
C LEU C 98 -41.21 -29.96 31.25
N GLU C 99 -41.44 -30.63 32.38
CA GLU C 99 -40.80 -30.28 33.64
C GLU C 99 -39.29 -30.12 33.48
N ASP C 100 -38.68 -31.07 32.75
CA ASP C 100 -37.23 -31.04 32.51
C ASP C 100 -36.86 -29.83 31.68
N TRP C 101 -37.67 -29.53 30.67
CA TRP C 101 -37.41 -28.38 29.81
C TRP C 101 -37.49 -27.07 30.60
N GLU C 102 -38.49 -26.96 31.47
CA GLU C 102 -38.63 -25.74 32.24
C GLU C 102 -37.61 -25.60 33.37
N LEU C 103 -37.12 -26.71 33.90
CA LEU C 103 -36.14 -26.63 34.98
C LEU C 103 -34.80 -26.09 34.48
N VAL C 104 -34.26 -26.64 33.39
CA VAL C 104 -32.99 -26.14 32.90
C VAL C 104 -33.08 -24.68 32.47
N LEU C 105 -34.20 -24.27 31.89
CA LEU C 105 -34.35 -22.87 31.47
C LEU C 105 -34.38 -21.97 32.69
N ARG C 106 -35.15 -22.39 33.69
CA ARG C 106 -35.30 -21.65 34.92
C ARG C 106 -33.97 -21.47 35.62
N VAL C 107 -33.21 -22.56 35.73
CA VAL C 107 -31.93 -22.50 36.42
C VAL C 107 -30.82 -21.89 35.56
N ASN C 108 -30.73 -22.29 34.29
CA ASN C 108 -29.67 -21.78 33.42
C ASN C 108 -29.93 -20.39 32.85
N LEU C 109 -31.09 -20.21 32.23
CA LEU C 109 -31.37 -18.94 31.60
C LEU C 109 -31.89 -17.88 32.56
N THR C 110 -32.91 -18.21 33.34
CA THR C 110 -33.45 -17.24 34.28
C THR C 110 -32.45 -17.01 35.43
N GLY C 111 -31.70 -18.05 35.75
CA GLY C 111 -30.71 -17.90 36.81
C GLY C 111 -29.66 -16.90 36.39
N SER C 112 -29.22 -17.01 35.15
CA SER C 112 -28.20 -16.11 34.61
C SER C 112 -28.74 -14.70 34.60
N PHE C 113 -30.05 -14.58 34.39
CA PHE C 113 -30.67 -13.26 34.35
C PHE C 113 -30.67 -12.63 35.74
N LEU C 114 -31.08 -13.40 36.74
CA LEU C 114 -31.12 -12.89 38.09
C LEU C 114 -29.73 -12.49 38.59
N VAL C 115 -28.73 -13.32 38.29
CA VAL C 115 -27.37 -13.03 38.74
C VAL C 115 -26.80 -11.80 38.06
N ALA C 116 -26.95 -11.74 36.74
CA ALA C 116 -26.44 -10.60 35.98
C ALA C 116 -27.15 -9.31 36.36
N LYS C 117 -28.46 -9.39 36.58
CA LYS C 117 -29.25 -8.23 36.95
C LYS C 117 -28.79 -7.69 38.32
N ALA C 118 -28.49 -8.60 39.24
CA ALA C 118 -28.05 -8.19 40.57
C ALA C 118 -26.63 -7.59 40.44
N ALA C 119 -25.78 -8.27 39.68
CA ALA C 119 -24.42 -7.80 39.47
C ALA C 119 -24.45 -6.37 38.94
N SER C 120 -25.27 -6.17 37.90
CA SER C 120 -25.42 -4.86 37.28
C SER C 120 -25.88 -3.82 38.29
N GLU C 121 -26.89 -4.17 39.07
CA GLU C 121 -27.44 -3.27 40.08
C GLU C 121 -26.36 -2.80 41.03
N ALA C 122 -25.47 -3.70 41.41
CA ALA C 122 -24.39 -3.35 42.33
C ALA C 122 -23.31 -2.47 41.69
N ARG C 124 -23.74 -0.60 38.16
CA ARG C 124 -24.19 0.48 37.29
C ARG C 124 -24.20 1.88 37.92
N GLU C 125 -23.46 2.78 37.29
CA GLU C 125 -23.32 4.17 37.74
C GLU C 125 -22.57 4.29 39.06
N LYS C 126 -21.94 3.21 39.50
CA LYS C 126 -21.16 3.20 40.75
C LYS C 126 -19.69 3.09 40.37
N ASN C 127 -19.39 2.10 39.55
CA ASN C 127 -18.02 1.86 39.08
C ASN C 127 -18.02 0.98 37.86
N PRO C 128 -16.92 0.98 37.10
CA PRO C 128 -16.87 0.12 35.92
C PRO C 128 -16.78 -1.30 36.45
N GLY C 129 -16.96 -2.29 35.58
CA GLY C 129 -16.89 -3.66 36.06
C GLY C 129 -16.99 -4.62 34.91
N SER C 130 -16.83 -5.90 35.21
CA SER C 130 -16.90 -6.91 34.17
C SER C 130 -17.73 -8.09 34.63
N ILE C 131 -18.69 -8.48 33.81
CA ILE C 131 -19.56 -9.61 34.12
C ILE C 131 -19.32 -10.74 33.12
N VAL C 132 -19.11 -11.95 33.65
CA VAL C 132 -18.88 -13.10 32.80
C VAL C 132 -19.95 -14.16 33.05
N LEU C 133 -20.75 -14.43 32.03
CA LEU C 133 -21.80 -15.44 32.12
C LEU C 133 -21.31 -16.69 31.41
N THR C 134 -21.56 -17.86 31.96
CA THR C 134 -21.11 -19.08 31.30
C THR C 134 -22.20 -19.73 30.49
N ALA C 135 -21.94 -19.89 29.19
CA ALA C 135 -22.90 -20.55 28.33
C ALA C 135 -22.29 -21.91 28.05
N SER C 136 -22.21 -22.29 26.79
CA SER C 136 -21.65 -23.57 26.43
C SER C 136 -21.59 -23.74 24.93
N ARG C 137 -20.61 -24.52 24.48
CA ARG C 137 -20.46 -24.79 23.06
C ARG C 137 -21.74 -25.42 22.49
N VAL C 138 -22.55 -25.99 23.38
CA VAL C 138 -23.82 -26.63 22.99
C VAL C 138 -24.91 -25.64 22.60
N TYR C 139 -24.68 -24.35 22.85
CA TYR C 139 -25.71 -23.37 22.49
C TYR C 139 -25.93 -23.40 20.98
N LEU C 140 -25.00 -24.04 20.26
CA LEU C 140 -25.09 -24.17 18.81
C LEU C 140 -25.91 -25.41 18.44
N GLY C 141 -26.50 -26.05 19.44
CA GLY C 141 -27.30 -27.24 19.18
C GLY C 141 -26.52 -28.52 19.39
N ASN C 142 -27.16 -29.50 20.00
CA ASN C 142 -26.51 -30.77 20.28
C ASN C 142 -27.53 -31.87 20.55
N LEU C 143 -27.31 -33.04 19.95
CA LEU C 143 -28.21 -34.19 20.13
C LEU C 143 -28.62 -34.44 21.59
N GLY C 144 -29.91 -34.61 21.81
CA GLY C 144 -30.40 -34.87 23.15
C GLY C 144 -30.32 -33.75 24.17
N GLN C 145 -30.13 -32.50 23.71
CA GLN C 145 -30.04 -31.36 24.63
C GLN C 145 -30.80 -30.09 24.21
N ALA C 146 -32.00 -30.26 23.65
CA ALA C 146 -32.82 -29.13 23.23
C ALA C 146 -32.95 -28.08 24.34
N ASN C 147 -33.27 -28.53 25.55
CA ASN C 147 -33.41 -27.62 26.68
C ASN C 147 -32.07 -26.95 27.02
N TYR C 148 -31.01 -27.75 27.15
CA TYR C 148 -29.71 -27.18 27.46
C TYR C 148 -29.25 -26.19 26.41
N ALA C 149 -29.32 -26.58 25.14
CA ALA C 149 -28.91 -25.70 24.05
C ALA C 149 -29.74 -24.40 24.01
N ALA C 150 -31.06 -24.51 24.10
CA ALA C 150 -31.91 -23.33 24.09
C ALA C 150 -31.59 -22.38 25.25
N SER C 151 -31.37 -22.92 26.44
CA SER C 151 -31.09 -22.06 27.58
C SER C 151 -29.74 -21.36 27.44
N ALA C 153 -28.24 -20.77 24.64
CA ALA C 153 -28.31 -19.87 23.51
C ALA C 153 -28.96 -18.58 24.01
N GLY C 154 -29.81 -18.73 25.02
CA GLY C 154 -30.49 -17.59 25.59
C GLY C 154 -29.51 -16.73 26.35
N VAL C 155 -28.55 -17.40 27.00
CA VAL C 155 -27.54 -16.71 27.77
C VAL C 155 -26.70 -15.85 26.84
N VAL C 156 -26.39 -16.38 25.66
CA VAL C 156 -25.62 -15.63 24.68
C VAL C 156 -26.44 -14.38 24.26
N GLY C 157 -27.73 -14.57 24.04
CA GLY C 157 -28.58 -13.45 23.67
C GLY C 157 -28.65 -12.44 24.80
N LEU C 158 -28.76 -12.93 26.04
CA LEU C 158 -28.82 -12.07 27.21
C LEU C 158 -27.55 -11.26 27.33
N THR C 159 -26.41 -11.92 27.21
CA THR C 159 -25.11 -11.25 27.31
C THR C 159 -24.96 -10.13 26.28
N ARG C 160 -25.36 -10.39 25.03
CA ARG C 160 -25.25 -9.38 24.00
C ARG C 160 -26.09 -8.16 24.37
N THR C 161 -27.35 -8.39 24.69
CA THR C 161 -28.25 -7.30 25.08
C THR C 161 -27.69 -6.53 26.29
N LEU C 162 -27.25 -7.25 27.30
CA LEU C 162 -26.69 -6.64 28.50
C LEU C 162 -25.46 -5.80 28.15
N ALA C 163 -24.62 -6.32 27.26
CA ALA C 163 -23.41 -5.62 26.85
C ALA C 163 -23.76 -4.29 26.23
N LEU C 164 -24.85 -4.24 25.47
CA LEU C 164 -25.29 -3.00 24.82
C LEU C 164 -25.82 -1.98 25.82
N GLU C 165 -26.60 -2.44 26.79
CA GLU C 165 -27.20 -1.55 27.78
C GLU C 165 -26.21 -1.07 28.84
N LEU C 166 -25.16 -1.84 29.09
CA LEU C 166 -24.18 -1.48 30.11
C LEU C 166 -22.89 -0.85 29.60
N GLY C 167 -22.63 -0.98 28.31
CA GLY C 167 -21.41 -0.43 27.74
C GLY C 167 -21.06 1.01 28.13
N ARG C 168 -22.04 1.91 28.06
CA ARG C 168 -21.79 3.31 28.39
C ARG C 168 -21.42 3.51 29.85
N TRP C 169 -21.76 2.55 30.71
CA TRP C 169 -21.45 2.67 32.13
C TRP C 169 -20.11 2.02 32.50
N GLY C 170 -19.33 1.67 31.48
CA GLY C 170 -18.04 1.06 31.74
C GLY C 170 -18.11 -0.39 32.20
N ILE C 171 -19.30 -0.99 32.14
CA ILE C 171 -19.48 -2.37 32.55
C ILE C 171 -19.50 -3.31 31.34
N ARG C 172 -18.60 -4.27 31.34
CA ARG C 172 -18.49 -5.23 30.25
C ARG C 172 -19.20 -6.55 30.56
N VAL C 173 -19.88 -7.11 29.56
CA VAL C 173 -20.56 -8.39 29.74
C VAL C 173 -20.12 -9.33 28.64
N ASN C 174 -19.53 -10.45 29.04
CA ASN C 174 -19.05 -11.43 28.09
C ASN C 174 -19.51 -12.83 28.46
N THR C 175 -19.47 -13.75 27.51
CA THR C 175 -19.94 -15.10 27.79
C THR C 175 -18.96 -16.20 27.42
N LEU C 176 -18.69 -17.09 28.37
CA LEU C 176 -17.80 -18.23 28.17
C LEU C 176 -18.59 -19.40 27.64
N ALA C 177 -18.08 -20.05 26.61
CA ALA C 177 -18.75 -21.21 26.02
C ALA C 177 -17.81 -22.40 26.10
N PRO C 178 -17.66 -23.00 27.30
CA PRO C 178 -16.76 -24.15 27.45
C PRO C 178 -17.20 -25.37 26.64
N GLY C 179 -16.25 -26.25 26.32
CA GLY C 179 -16.57 -27.44 25.56
C GLY C 179 -16.56 -28.66 26.47
N PHE C 180 -15.69 -29.62 26.18
CA PHE C 180 -15.60 -30.82 27.00
C PHE C 180 -14.52 -30.67 28.07
N ILE C 181 -14.96 -30.41 29.30
CA ILE C 181 -14.07 -30.21 30.44
C ILE C 181 -14.09 -31.43 31.36
N GLU C 182 -12.90 -31.84 31.80
CA GLU C 182 -12.73 -32.99 32.67
C GLU C 182 -13.45 -32.88 34.02
N THR C 183 -14.18 -33.94 34.37
CA THR C 183 -14.94 -34.01 35.63
C THR C 183 -15.44 -32.63 36.07
N PRO C 190 -18.99 -41.81 32.04
CA PRO C 190 -18.24 -41.38 30.85
C PRO C 190 -17.27 -42.45 30.37
N GLU C 191 -17.42 -42.86 29.11
CA GLU C 191 -16.54 -43.89 28.53
C GLU C 191 -16.43 -43.78 27.01
N LYS C 192 -17.45 -44.28 26.30
CA LYS C 192 -17.44 -44.22 24.85
C LYS C 192 -17.92 -42.86 24.37
N VAL C 193 -18.47 -42.09 25.30
CA VAL C 193 -18.96 -40.74 25.01
C VAL C 193 -17.74 -39.83 24.93
N ARG C 194 -16.68 -40.24 25.62
CA ARG C 194 -15.42 -39.49 25.66
C ARG C 194 -14.70 -39.55 24.32
N GLU C 195 -14.53 -40.76 23.77
CA GLU C 195 -13.84 -40.92 22.51
C GLU C 195 -14.45 -40.09 21.38
N LYS C 196 -15.77 -40.13 21.25
CA LYS C 196 -16.43 -39.36 20.20
C LYS C 196 -16.17 -37.87 20.41
N ALA C 197 -16.26 -37.41 21.66
CA ALA C 197 -16.03 -36.01 21.98
C ALA C 197 -14.60 -35.60 21.60
N ILE C 198 -13.62 -36.33 22.11
CA ILE C 198 -12.21 -36.05 21.83
C ILE C 198 -11.90 -36.23 20.34
N ALA C 199 -12.64 -37.11 19.67
CA ALA C 199 -12.41 -37.32 18.26
C ALA C 199 -12.84 -36.09 17.49
N ALA C 200 -13.88 -35.43 18.00
CA ALA C 200 -14.41 -34.23 17.35
C ALA C 200 -13.69 -32.99 17.85
N THR C 201 -12.58 -33.19 18.57
CA THR C 201 -11.80 -32.09 19.13
C THR C 201 -10.43 -31.93 18.48
N PRO C 202 -10.23 -30.85 17.71
CA PRO C 202 -8.93 -30.64 17.06
C PRO C 202 -7.71 -30.77 17.98
N LEU C 203 -7.81 -30.26 19.21
CA LEU C 203 -6.69 -30.37 20.14
C LEU C 203 -6.56 -31.78 20.72
N GLY C 204 -7.46 -32.68 20.32
CA GLY C 204 -7.42 -34.07 20.75
C GLY C 204 -7.42 -34.43 22.23
N ARG C 205 -8.18 -33.70 23.05
CA ARG C 205 -8.23 -34.00 24.48
C ARG C 205 -9.36 -33.27 25.18
N ALA C 206 -9.58 -33.64 26.43
CA ALA C 206 -10.61 -33.00 27.23
C ALA C 206 -9.96 -31.74 27.79
N GLY C 207 -10.77 -30.74 28.14
CA GLY C 207 -10.21 -29.54 28.72
C GLY C 207 -10.22 -29.66 30.23
N LYS C 208 -9.42 -28.85 30.91
CA LYS C 208 -9.36 -28.88 32.36
C LYS C 208 -10.04 -27.63 32.92
N PRO C 209 -10.60 -27.72 34.14
CA PRO C 209 -11.26 -26.54 34.70
C PRO C 209 -10.36 -25.31 34.78
N LEU C 210 -9.08 -25.53 35.07
CA LEU C 210 -8.14 -24.43 35.16
C LEU C 210 -8.14 -23.59 33.88
N GLU C 211 -8.17 -24.27 32.74
CA GLU C 211 -8.16 -23.61 31.45
C GLU C 211 -9.39 -22.74 31.24
N VAL C 212 -10.53 -23.18 31.79
CA VAL C 212 -11.74 -22.36 31.67
C VAL C 212 -11.62 -21.21 32.65
N ALA C 213 -10.94 -21.46 33.77
CA ALA C 213 -10.75 -20.44 34.79
C ALA C 213 -9.89 -19.33 34.22
N TYR C 214 -8.87 -19.71 33.45
CA TYR C 214 -7.99 -18.72 32.84
C TYR C 214 -8.75 -17.83 31.87
N ALA C 215 -9.74 -18.39 31.18
CA ALA C 215 -10.51 -17.60 30.22
C ALA C 215 -11.37 -16.61 31.01
N ALA C 216 -11.78 -17.03 32.21
CA ALA C 216 -12.59 -16.17 33.05
C ALA C 216 -11.70 -15.06 33.61
N LEU C 217 -10.47 -15.42 33.95
CA LEU C 217 -9.53 -14.45 34.49
C LEU C 217 -9.33 -13.32 33.48
N PHE C 218 -9.08 -13.71 32.24
CA PHE C 218 -8.86 -12.75 31.16
C PHE C 218 -10.05 -11.82 30.99
N LEU C 219 -11.24 -12.40 30.80
CA LEU C 219 -12.46 -11.63 30.63
C LEU C 219 -12.80 -10.68 31.77
N LEU C 220 -12.47 -11.07 32.99
CA LEU C 220 -12.79 -10.24 34.15
C LEU C 220 -11.72 -9.21 34.50
N SER C 221 -10.47 -9.50 34.14
CA SER C 221 -9.39 -8.57 34.42
C SER C 221 -9.42 -7.35 33.48
N ASP C 222 -8.64 -6.33 33.81
CA ASP C 222 -8.58 -5.11 33.00
C ASP C 222 -7.85 -5.31 31.66
N GLU C 223 -7.37 -6.54 31.44
CA GLU C 223 -6.67 -6.86 30.21
C GLU C 223 -7.63 -7.04 29.04
N SER C 224 -8.92 -7.21 29.36
CA SER C 224 -9.93 -7.34 28.32
C SER C 224 -10.85 -6.11 28.36
N SER C 225 -10.32 -5.01 28.89
CA SER C 225 -11.07 -3.75 29.03
C SER C 225 -11.80 -3.24 27.79
N PHE C 226 -11.33 -3.60 26.60
CA PHE C 226 -11.99 -3.15 25.39
C PHE C 226 -12.79 -4.27 24.71
N ILE C 227 -13.00 -5.36 25.46
CA ILE C 227 -13.73 -6.52 24.95
C ILE C 227 -15.08 -6.71 25.66
N THR C 228 -16.18 -6.63 24.92
CA THR C 228 -17.49 -6.84 25.51
C THR C 228 -18.48 -7.42 24.48
N GLY C 229 -19.48 -8.16 24.98
CA GLY C 229 -20.47 -8.76 24.10
C GLY C 229 -19.94 -9.95 23.33
N GLN C 230 -18.85 -10.53 23.80
CA GLN C 230 -18.26 -11.65 23.09
C GLN C 230 -18.49 -13.04 23.66
N VAL C 231 -18.42 -14.02 22.77
CA VAL C 231 -18.58 -15.42 23.13
C VAL C 231 -17.20 -16.03 22.97
N LEU C 232 -16.61 -16.50 24.06
CA LEU C 232 -15.28 -17.08 24.00
C LEU C 232 -15.37 -18.59 24.22
N PHE C 233 -15.18 -19.35 23.14
CA PHE C 233 -15.22 -20.79 23.21
C PHE C 233 -13.92 -21.32 23.79
N VAL C 234 -14.04 -22.19 24.77
CA VAL C 234 -12.90 -22.83 25.41
C VAL C 234 -13.29 -24.30 25.25
N ASP C 235 -13.25 -24.77 24.01
CA ASP C 235 -13.63 -26.13 23.66
C ASP C 235 -12.60 -26.89 22.83
N GLY C 236 -11.38 -26.39 22.76
CA GLY C 236 -10.35 -27.07 22.00
C GLY C 236 -10.60 -27.10 20.50
N GLY C 237 -11.44 -26.19 20.01
CA GLY C 237 -11.73 -26.14 18.59
C GLY C 237 -12.83 -27.08 18.14
N ARG C 238 -13.53 -27.68 19.10
CA ARG C 238 -14.61 -28.63 18.82
C ARG C 238 -15.71 -28.01 17.98
N THR C 239 -15.77 -26.68 17.97
CA THR C 239 -16.81 -25.96 17.24
C THR C 239 -16.40 -25.38 15.88
N ILE C 240 -15.13 -25.54 15.50
CA ILE C 240 -14.66 -25.02 14.22
C ILE C 240 -15.37 -25.74 13.08
N GLY C 241 -15.89 -24.99 12.12
CA GLY C 241 -16.55 -25.64 11.01
C GLY C 241 -18.06 -25.62 11.15
N ALA C 242 -18.54 -25.21 12.31
CA ALA C 242 -19.98 -25.10 12.56
C ALA C 242 -20.35 -23.63 12.41
N ALA C 243 -21.50 -23.39 11.77
CA ALA C 243 -21.97 -22.02 11.56
C ALA C 243 -22.14 -21.36 12.92
N PRO C 244 -21.60 -20.14 13.09
CA PRO C 244 -21.72 -19.44 14.37
C PRO C 244 -23.08 -18.79 14.51
N ALA C 245 -23.49 -18.56 15.76
CA ALA C 245 -24.77 -17.93 16.07
C ALA C 245 -24.56 -16.72 16.96
N ARG D 2 4.21 -14.18 31.56
CA ARG D 2 3.52 -15.25 30.85
C ARG D 2 4.21 -15.68 29.57
N LEU D 3 5.27 -14.97 29.19
CA LEU D 3 6.01 -15.31 27.99
C LEU D 3 7.47 -15.55 28.32
N LYS D 4 7.71 -16.06 29.52
CA LYS D 4 9.07 -16.31 29.96
C LYS D 4 9.92 -17.15 29.01
N ASP D 5 10.90 -16.50 28.39
CA ASP D 5 11.82 -17.16 27.50
C ASP D 5 11.23 -17.77 26.23
N LYS D 6 9.97 -17.44 25.93
CA LYS D 6 9.34 -17.96 24.72
C LYS D 6 9.82 -17.17 23.50
N ALA D 7 10.10 -17.87 22.42
CA ALA D 7 10.56 -17.22 21.17
C ALA D 7 9.35 -16.75 20.36
N VAL D 8 9.21 -15.43 20.22
CA VAL D 8 8.06 -14.86 19.50
C VAL D 8 8.44 -13.89 18.38
N LEU D 9 7.72 -13.98 17.27
CA LEU D 9 7.93 -13.08 16.15
C LEU D 9 6.67 -12.27 15.91
N ILE D 10 6.85 -10.98 15.64
CA ILE D 10 5.75 -10.07 15.42
C ILE D 10 5.93 -9.34 14.10
N THR D 11 4.90 -9.24 13.29
CA THR D 11 5.00 -8.49 12.04
C THR D 11 4.30 -7.16 12.30
N GLY D 12 4.58 -6.15 11.47
CA GLY D 12 3.97 -4.85 11.68
C GLY D 12 4.33 -4.32 13.06
N ALA D 13 5.49 -4.76 13.58
CA ALA D 13 5.94 -4.36 14.91
C ALA D 13 6.36 -2.92 15.08
N ALA D 14 6.51 -2.19 13.98
CA ALA D 14 6.93 -0.78 14.09
C ALA D 14 5.75 0.16 14.26
N HIS D 15 4.58 -0.30 13.84
CA HIS D 15 3.33 0.46 13.90
C HIS D 15 2.69 0.38 15.28
N GLY D 16 1.68 1.21 15.49
CA GLY D 16 0.96 1.29 16.76
C GLY D 16 0.77 0.00 17.54
N ILE D 17 -0.18 -0.82 17.11
CA ILE D 17 -0.46 -2.08 17.78
C ILE D 17 0.75 -2.99 17.95
N GLY D 18 1.53 -3.18 16.90
CA GLY D 18 2.71 -4.03 16.98
C GLY D 18 3.73 -3.53 17.98
N ARG D 19 3.88 -2.21 18.02
CA ARG D 19 4.83 -1.59 18.93
C ARG D 19 4.39 -1.82 20.37
N ALA D 20 3.11 -1.59 20.65
CA ALA D 20 2.60 -1.80 22.01
C ALA D 20 2.75 -3.27 22.39
N THR D 21 2.61 -4.15 21.40
CA THR D 21 2.73 -5.58 21.64
C THR D 21 4.19 -5.97 21.90
N LEU D 22 5.12 -5.29 21.23
CA LEU D 22 6.53 -5.57 21.44
C LEU D 22 6.87 -5.22 22.88
N GLU D 23 6.41 -4.05 23.30
CA GLU D 23 6.66 -3.57 24.65
C GLU D 23 6.09 -4.49 25.72
N LEU D 24 4.83 -4.92 25.55
CA LEU D 24 4.20 -5.81 26.53
C LEU D 24 4.89 -7.17 26.55
N PHE D 25 5.14 -7.72 25.36
CA PHE D 25 5.78 -9.03 25.26
C PHE D 25 7.19 -8.99 25.83
N ALA D 26 7.83 -7.84 25.76
CA ALA D 26 9.18 -7.74 26.30
C ALA D 26 9.09 -7.82 27.82
N LYS D 27 8.12 -7.12 28.40
CA LYS D 27 7.98 -7.15 29.85
C LYS D 27 7.64 -8.55 30.31
N GLU D 28 6.91 -9.29 29.48
CA GLU D 28 6.51 -10.63 29.83
C GLU D 28 7.61 -11.65 29.65
N GLY D 29 8.82 -11.18 29.38
CA GLY D 29 9.97 -12.05 29.23
C GLY D 29 10.23 -12.79 27.94
N ALA D 30 9.63 -12.36 26.84
CA ALA D 30 9.83 -13.05 25.57
C ALA D 30 11.11 -12.65 24.86
N ARG D 31 11.66 -13.59 24.08
CA ARG D 31 12.85 -13.33 23.26
C ARG D 31 12.18 -12.98 21.93
N LEU D 32 12.24 -11.70 21.58
CA LEU D 32 11.56 -11.20 20.41
C LEU D 32 12.34 -10.93 19.12
N VAL D 33 11.58 -11.02 18.03
CA VAL D 33 12.06 -10.73 16.69
C VAL D 33 10.97 -9.79 16.15
N ALA D 34 11.37 -8.57 15.81
CA ALA D 34 10.42 -7.59 15.29
C ALA D 34 10.52 -7.44 13.79
N CYS D 35 9.39 -7.61 13.10
CA CYS D 35 9.36 -7.50 11.67
C CYS D 35 8.46 -6.37 11.18
N ASP D 36 8.94 -5.67 10.16
CA ASP D 36 8.16 -4.63 9.52
C ASP D 36 8.82 -4.24 8.20
N ILE D 37 8.16 -3.36 7.45
CA ILE D 37 8.64 -2.97 6.13
C ILE D 37 9.71 -1.89 6.05
N GLU D 38 9.69 -0.91 6.94
CA GLU D 38 10.68 0.16 6.91
C GLU D 38 11.76 -0.03 7.98
N GLU D 39 13.00 -0.22 7.54
CA GLU D 39 14.13 -0.45 8.43
C GLU D 39 14.33 0.59 9.53
N GLY D 40 14.35 1.86 9.15
CA GLY D 40 14.54 2.93 10.09
C GLY D 40 13.68 2.81 11.34
N PRO D 41 12.36 2.98 11.20
CA PRO D 41 11.47 2.87 12.36
C PRO D 41 11.42 1.50 13.02
N LEU D 42 11.78 0.46 12.26
CA LEU D 42 11.78 -0.90 12.80
C LEU D 42 12.93 -1.00 13.83
N ARG D 43 14.15 -0.66 13.41
CA ARG D 43 15.30 -0.75 14.28
C ARG D 43 15.09 0.02 15.58
N GLU D 44 14.47 1.19 15.46
CA GLU D 44 14.19 2.05 16.61
C GLU D 44 13.25 1.34 17.59
N ALA D 45 12.13 0.85 17.06
CA ALA D 45 11.14 0.16 17.86
C ALA D 45 11.69 -1.12 18.49
N ALA D 46 12.48 -1.88 17.73
CA ALA D 46 13.06 -3.12 18.23
C ALA D 46 14.06 -2.85 19.34
N GLU D 47 14.98 -1.92 19.09
CA GLU D 47 16.00 -1.61 20.08
C GLU D 47 15.43 -1.11 21.40
N ALA D 48 14.41 -0.26 21.33
CA ALA D 48 13.79 0.30 22.52
C ALA D 48 13.30 -0.79 23.47
N VAL D 49 13.18 -1.99 22.93
CA VAL D 49 12.65 -3.14 23.66
C VAL D 49 13.64 -4.31 23.79
N GLY D 50 14.73 -4.27 23.03
CA GLY D 50 15.69 -5.36 23.09
C GLY D 50 15.31 -6.51 22.16
N ALA D 51 14.49 -6.23 21.16
CA ALA D 51 14.08 -7.25 20.21
C ALA D 51 15.04 -7.25 19.02
N HIS D 52 15.08 -8.34 18.28
CA HIS D 52 15.95 -8.42 17.13
C HIS D 52 15.17 -7.97 15.88
N PRO D 53 15.64 -6.92 15.21
CA PRO D 53 14.99 -6.39 14.01
C PRO D 53 15.24 -7.18 12.73
N VAL D 54 14.17 -7.48 12.02
CA VAL D 54 14.25 -8.20 10.76
C VAL D 54 13.27 -7.55 9.82
N VAL D 55 13.79 -6.85 8.81
CA VAL D 55 12.93 -6.18 7.85
C VAL D 55 12.21 -7.23 7.03
N ASP D 57 8.69 -7.93 4.15
CA ASP D 57 7.60 -7.48 3.29
C ASP D 57 6.68 -8.70 3.22
N VAL D 58 5.72 -8.79 4.15
CA VAL D 58 4.80 -9.92 4.21
C VAL D 58 4.12 -10.25 2.88
N ALA D 59 4.22 -9.34 1.91
CA ALA D 59 3.59 -9.56 0.62
C ALA D 59 4.53 -10.30 -0.35
N ASP D 60 5.80 -10.39 0.02
CA ASP D 60 6.81 -11.04 -0.81
C ASP D 60 7.19 -12.42 -0.24
N PRO D 61 6.88 -13.48 -0.98
CA PRO D 61 7.17 -14.87 -0.56
C PRO D 61 8.63 -15.06 -0.10
N ALA D 62 9.56 -14.53 -0.89
CA ALA D 62 10.98 -14.64 -0.59
C ALA D 62 11.39 -13.80 0.62
N SER D 63 10.77 -12.64 0.79
CA SER D 63 11.10 -11.78 1.92
C SER D 63 10.65 -12.45 3.21
N VAL D 64 9.48 -13.09 3.16
CA VAL D 64 8.96 -13.79 4.33
C VAL D 64 9.84 -14.98 4.65
N GLU D 65 10.28 -15.67 3.61
CA GLU D 65 11.12 -16.84 3.79
C GLU D 65 12.45 -16.43 4.44
N ARG D 66 13.11 -15.42 3.86
CA ARG D 66 14.40 -14.95 4.40
C ARG D 66 14.24 -14.48 5.83
N GLY D 67 13.18 -13.72 6.08
CA GLY D 67 12.92 -13.24 7.42
C GLY D 67 12.86 -14.35 8.45
N PHE D 68 12.07 -15.38 8.15
CA PHE D 68 11.94 -16.49 9.08
C PHE D 68 13.23 -17.27 9.28
N ALA D 69 14.09 -17.31 8.26
CA ALA D 69 15.35 -18.02 8.41
C ALA D 69 16.21 -17.23 9.40
N GLU D 70 16.17 -15.90 9.29
CA GLU D 70 16.92 -15.06 10.22
C GLU D 70 16.38 -15.27 11.63
N ALA D 71 15.06 -15.21 11.75
CA ALA D 71 14.40 -15.37 13.03
C ALA D 71 14.85 -16.67 13.69
N LEU D 72 14.74 -17.76 12.95
CA LEU D 72 15.12 -19.06 13.48
C LEU D 72 16.60 -19.12 13.86
N ALA D 73 17.45 -18.54 13.02
CA ALA D 73 18.88 -18.53 13.30
C ALA D 73 19.15 -17.78 14.61
N HIS D 74 18.39 -16.72 14.85
CA HIS D 74 18.56 -15.92 16.05
C HIS D 74 17.84 -16.51 17.28
N LEU D 75 16.67 -17.10 17.05
CA LEU D 75 15.87 -17.67 18.14
C LEU D 75 16.11 -19.17 18.39
N GLY D 76 16.35 -19.93 17.32
CA GLY D 76 16.56 -21.35 17.49
C GLY D 76 15.28 -22.16 17.53
N ARG D 77 14.14 -21.50 17.68
CA ARG D 77 12.85 -22.17 17.73
C ARG D 77 11.77 -21.09 17.64
N LEU D 78 10.52 -21.50 17.52
CA LEU D 78 9.41 -20.54 17.47
C LEU D 78 8.28 -20.99 18.38
N ASP D 79 7.97 -20.20 19.39
CA ASP D 79 6.90 -20.57 20.30
C ASP D 79 5.60 -19.93 19.89
N GLY D 80 5.69 -18.77 19.25
CA GLY D 80 4.50 -18.08 18.81
C GLY D 80 4.76 -16.98 17.81
N VAL D 81 3.71 -16.62 17.06
CA VAL D 81 3.82 -15.55 16.08
C VAL D 81 2.58 -14.70 16.15
N VAL D 82 2.74 -13.39 16.12
CA VAL D 82 1.58 -12.50 16.12
C VAL D 82 1.73 -11.68 14.85
N HIS D 83 0.75 -11.83 13.95
CA HIS D 83 0.77 -11.15 12.67
C HIS D 83 -0.19 -9.93 12.62
N TYR D 84 0.36 -8.75 12.36
CA TYR D 84 -0.40 -7.48 12.28
C TYR D 84 -0.36 -6.76 10.93
N ALA D 85 0.74 -6.94 10.18
CA ALA D 85 0.89 -6.30 8.88
C ALA D 85 -0.41 -6.24 8.05
N GLY D 86 -0.85 -5.05 7.68
CA GLY D 86 -2.07 -4.90 6.89
C GLY D 86 -2.21 -3.52 6.26
N ILE D 87 -3.10 -3.40 5.28
CA ILE D 87 -3.34 -2.13 4.60
C ILE D 87 -4.80 -1.99 4.19
N THR D 88 -5.20 -0.75 3.89
CA THR D 88 -6.55 -0.46 3.46
C THR D 88 -6.51 0.44 2.21
N ARG D 89 -7.56 0.39 1.41
CA ARG D 89 -7.68 1.17 0.19
C ARG D 89 -9.19 1.35 0.03
N ASP D 90 -9.77 2.21 0.85
CA ASP D 90 -11.21 2.42 0.82
C ASP D 90 -11.75 3.06 -0.44
N ASN D 91 -13.00 2.74 -0.73
CA ASN D 91 -13.75 3.23 -1.88
C ASN D 91 -15.00 2.38 -2.02
N PHE D 92 -16.11 2.98 -2.43
CA PHE D 92 -17.31 2.21 -2.66
C PHE D 92 -16.88 1.32 -3.81
N HIS D 93 -17.45 0.12 -3.91
CA HIS D 93 -17.02 -0.79 -4.96
C HIS D 93 -17.03 -0.24 -6.38
N TRP D 94 -18.06 0.53 -6.73
CA TRP D 94 -18.14 1.09 -8.07
C TRP D 94 -17.01 2.09 -8.41
N LYS D 95 -16.31 2.58 -7.39
CA LYS D 95 -15.22 3.51 -7.63
C LYS D 95 -13.89 2.85 -7.25
N PRO D 97 -10.73 0.66 -8.06
CA PRO D 97 -9.97 0.12 -9.19
C PRO D 97 -9.45 -1.30 -8.87
N LEU D 98 -9.48 -2.18 -9.85
CA LEU D 98 -9.02 -3.56 -9.64
C LEU D 98 -7.71 -3.59 -8.87
N GLU D 99 -6.78 -2.71 -9.25
CA GLU D 99 -5.47 -2.62 -8.62
C GLU D 99 -5.57 -2.49 -7.10
N ASP D 100 -6.48 -1.63 -6.63
CA ASP D 100 -6.64 -1.46 -5.18
C ASP D 100 -7.23 -2.70 -4.53
N TRP D 101 -8.06 -3.42 -5.27
CA TRP D 101 -8.65 -4.65 -4.75
C TRP D 101 -7.58 -5.73 -4.63
N GLU D 102 -6.80 -5.89 -5.69
CA GLU D 102 -5.77 -6.90 -5.71
C GLU D 102 -4.64 -6.62 -4.71
N LEU D 103 -4.37 -5.35 -4.43
CA LEU D 103 -3.31 -5.01 -3.50
C LEU D 103 -3.65 -5.40 -2.07
N VAL D 104 -4.82 -4.98 -1.56
CA VAL D 104 -5.16 -5.30 -0.19
C VAL D 104 -5.30 -6.80 0.00
N LEU D 105 -5.75 -7.53 -1.03
CA LEU D 105 -5.87 -8.99 -0.93
C LEU D 105 -4.50 -9.64 -0.86
N ARG D 106 -3.58 -9.17 -1.70
CA ARG D 106 -2.22 -9.70 -1.75
C ARG D 106 -1.51 -9.49 -0.43
N VAL D 107 -1.60 -8.26 0.08
CA VAL D 107 -0.97 -7.91 1.34
C VAL D 107 -1.64 -8.54 2.56
N ASN D 108 -2.94 -8.28 2.70
CA ASN D 108 -3.69 -8.78 3.85
C ASN D 108 -3.98 -10.27 3.90
N LEU D 109 -4.60 -10.81 2.85
CA LEU D 109 -4.93 -12.23 2.83
C LEU D 109 -3.73 -13.11 2.49
N THR D 110 -3.12 -12.93 1.32
CA THR D 110 -1.96 -13.74 0.94
C THR D 110 -0.82 -13.52 1.94
N GLY D 111 -0.69 -12.29 2.43
CA GLY D 111 0.35 -11.97 3.39
C GLY D 111 0.19 -12.79 4.66
N SER D 112 -1.05 -13.05 5.06
CA SER D 112 -1.30 -13.83 6.27
C SER D 112 -1.01 -15.30 5.99
N PHE D 113 -1.31 -15.73 4.77
CA PHE D 113 -1.05 -17.11 4.39
C PHE D 113 0.45 -17.35 4.44
N LEU D 114 1.20 -16.43 3.83
CA LEU D 114 2.66 -16.56 3.80
C LEU D 114 3.26 -16.64 5.19
N VAL D 115 2.86 -15.71 6.06
CA VAL D 115 3.38 -15.68 7.42
C VAL D 115 2.93 -16.87 8.27
N ALA D 116 1.66 -17.24 8.15
CA ALA D 116 1.11 -18.38 8.90
C ALA D 116 1.78 -19.67 8.47
N LYS D 117 2.00 -19.80 7.16
CA LYS D 117 2.65 -20.96 6.57
C LYS D 117 4.10 -21.07 7.07
N ALA D 118 4.81 -19.93 7.11
CA ALA D 118 6.18 -19.93 7.58
C ALA D 118 6.19 -20.28 9.06
N ALA D 119 5.33 -19.63 9.84
CA ALA D 119 5.24 -19.89 11.26
C ALA D 119 4.98 -21.38 11.52
N SER D 120 4.00 -21.94 10.82
CA SER D 120 3.65 -23.35 10.95
C SER D 120 4.84 -24.26 10.62
N GLU D 121 5.51 -23.98 9.50
CA GLU D 121 6.66 -24.77 9.07
C GLU D 121 7.73 -24.80 10.18
N ALA D 122 7.90 -23.67 10.86
CA ALA D 122 8.88 -23.55 11.93
C ALA D 122 8.50 -24.31 13.22
N ARG D 124 5.54 -26.97 13.35
CA ARG D 124 4.95 -28.28 13.10
C ARG D 124 5.93 -29.44 13.24
N GLU D 125 5.61 -30.36 14.13
CA GLU D 125 6.42 -31.55 14.40
C GLU D 125 7.69 -31.26 15.18
N LYS D 126 7.84 -30.02 15.65
CA LYS D 126 9.01 -29.66 16.44
C LYS D 126 8.60 -29.35 17.89
N ASN D 127 7.54 -28.57 18.02
CA ASN D 127 7.02 -28.19 19.33
C ASN D 127 5.64 -27.56 19.24
N PRO D 128 4.88 -27.60 20.32
CA PRO D 128 3.56 -26.98 20.25
C PRO D 128 3.76 -25.46 20.12
N GLY D 129 2.69 -24.73 19.85
CA GLY D 129 2.84 -23.30 19.70
C GLY D 129 1.53 -22.59 19.45
N SER D 130 1.61 -21.27 19.30
CA SER D 130 0.43 -20.48 19.06
C SER D 130 0.65 -19.44 17.98
N ILE D 131 -0.28 -19.37 17.04
CA ILE D 131 -0.21 -18.42 15.95
C ILE D 131 -1.45 -17.54 16.03
N VAL D 132 -1.24 -16.23 15.97
CA VAL D 132 -2.29 -15.24 16.05
C VAL D 132 -2.32 -14.36 14.79
N LEU D 133 -3.38 -14.47 14.01
CA LEU D 133 -3.54 -13.67 12.80
C LEU D 133 -4.50 -12.52 13.10
N THR D 134 -4.23 -11.36 12.51
CA THR D 134 -5.08 -10.22 12.78
C THR D 134 -6.02 -9.89 11.64
N ALA D 135 -7.31 -10.02 11.90
CA ALA D 135 -8.33 -9.71 10.91
C ALA D 135 -8.83 -8.32 11.27
N SER D 136 -10.15 -8.17 11.41
CA SER D 136 -10.74 -6.88 11.76
C SER D 136 -12.24 -7.03 11.90
N ARG D 137 -12.83 -6.16 12.72
CA ARG D 137 -14.27 -6.18 12.94
C ARG D 137 -14.97 -5.99 11.60
N VAL D 138 -14.25 -5.39 10.66
CA VAL D 138 -14.79 -5.10 9.33
C VAL D 138 -14.97 -6.34 8.44
N TYR D 139 -14.48 -7.49 8.88
CA TYR D 139 -14.61 -8.70 8.07
C TYR D 139 -16.09 -9.04 7.90
N LEU D 140 -16.92 -8.49 8.78
CA LEU D 140 -18.36 -8.72 8.72
C LEU D 140 -19.03 -7.80 7.70
N GLY D 141 -18.23 -7.01 6.98
CA GLY D 141 -18.78 -6.09 5.99
C GLY D 141 -18.78 -4.66 6.50
N ASN D 142 -18.36 -3.72 5.66
CA ASN D 142 -18.33 -2.31 6.04
C ASN D 142 -18.30 -1.37 4.83
N LEU D 143 -19.08 -0.29 4.91
CA LEU D 143 -19.17 0.70 3.83
C LEU D 143 -17.83 1.13 3.28
N GLY D 144 -17.72 1.13 1.96
CA GLY D 144 -16.48 1.52 1.29
C GLY D 144 -15.27 0.64 1.53
N GLN D 145 -15.46 -0.58 2.00
CA GLN D 145 -14.35 -1.47 2.28
C GLN D 145 -14.57 -2.90 1.79
N ALA D 146 -15.00 -3.04 0.55
CA ALA D 146 -15.23 -4.34 -0.03
C ALA D 146 -13.94 -5.15 0.01
N ASN D 147 -12.85 -4.50 -0.35
CA ASN D 147 -11.56 -5.16 -0.40
C ASN D 147 -11.03 -5.52 0.99
N TYR D 148 -11.07 -4.56 1.90
CA TYR D 148 -10.59 -4.85 3.26
C TYR D 148 -11.46 -5.95 3.90
N ALA D 149 -12.77 -5.81 3.81
CA ALA D 149 -13.69 -6.79 4.38
C ALA D 149 -13.46 -8.19 3.83
N ALA D 150 -13.34 -8.28 2.51
CA ALA D 150 -13.12 -9.55 1.83
C ALA D 150 -11.81 -10.21 2.25
N SER D 151 -10.75 -9.41 2.35
CA SER D 151 -9.45 -9.93 2.73
C SER D 151 -9.45 -10.37 4.19
N ALA D 153 -12.04 -11.23 5.98
CA ALA D 153 -12.97 -12.32 6.19
C ALA D 153 -12.26 -13.59 5.74
N GLY D 154 -11.37 -13.45 4.76
CA GLY D 154 -10.62 -14.58 4.26
C GLY D 154 -9.64 -15.05 5.31
N VAL D 155 -9.08 -14.11 6.07
CA VAL D 155 -8.13 -14.46 7.12
C VAL D 155 -8.83 -15.30 8.18
N VAL D 156 -10.06 -14.93 8.53
CA VAL D 156 -10.82 -15.67 9.53
C VAL D 156 -11.03 -17.10 9.02
N GLY D 157 -11.33 -17.24 7.73
CA GLY D 157 -11.52 -18.55 7.15
C GLY D 157 -10.24 -19.33 7.13
N LEU D 158 -9.12 -18.62 6.89
CA LEU D 158 -7.79 -19.23 6.84
C LEU D 158 -7.45 -19.74 8.23
N THR D 159 -7.69 -18.89 9.22
CA THR D 159 -7.40 -19.24 10.60
C THR D 159 -8.10 -20.55 10.95
N ARG D 160 -9.41 -20.58 10.69
CA ARG D 160 -10.23 -21.74 10.99
C ARG D 160 -9.71 -23.03 10.36
N THR D 161 -9.25 -22.94 9.11
CA THR D 161 -8.73 -24.12 8.44
C THR D 161 -7.41 -24.53 9.08
N LEU D 162 -6.53 -23.57 9.28
CA LEU D 162 -5.23 -23.82 9.89
C LEU D 162 -5.36 -24.43 11.29
N ALA D 163 -6.37 -24.03 12.06
CA ALA D 163 -6.55 -24.59 13.40
C ALA D 163 -6.96 -26.04 13.32
N LEU D 164 -7.72 -26.39 12.28
CA LEU D 164 -8.15 -27.77 12.10
C LEU D 164 -6.97 -28.66 11.70
N GLU D 165 -6.09 -28.12 10.85
CA GLU D 165 -4.94 -28.89 10.38
C GLU D 165 -3.78 -29.00 11.38
N LEU D 166 -3.61 -27.99 12.23
CA LEU D 166 -2.51 -27.98 13.21
C LEU D 166 -2.89 -28.45 14.61
N GLY D 167 -4.18 -28.58 14.86
CA GLY D 167 -4.65 -29.00 16.17
C GLY D 167 -3.92 -30.17 16.80
N ARG D 168 -3.81 -31.28 16.08
CA ARG D 168 -3.13 -32.45 16.62
C ARG D 168 -1.64 -32.25 16.85
N TRP D 169 -1.07 -31.18 16.32
CA TRP D 169 0.35 -30.92 16.52
C TRP D 169 0.57 -29.95 17.68
N GLY D 170 -0.45 -29.76 18.50
CA GLY D 170 -0.31 -28.87 19.63
C GLY D 170 -0.15 -27.41 19.26
N ILE D 171 -0.50 -27.08 18.02
CA ILE D 171 -0.38 -25.72 17.53
C ILE D 171 -1.75 -25.07 17.40
N ARG D 172 -1.93 -23.96 18.10
CA ARG D 172 -3.19 -23.25 18.06
C ARG D 172 -3.16 -22.07 17.10
N VAL D 173 -4.28 -21.82 16.43
CA VAL D 173 -4.38 -20.68 15.51
C VAL D 173 -5.65 -19.90 15.82
N ASN D 174 -5.51 -18.61 16.08
CA ASN D 174 -6.65 -17.76 16.42
C ASN D 174 -6.52 -16.41 15.73
N THR D 175 -7.63 -15.68 15.63
CA THR D 175 -7.65 -14.37 14.97
C THR D 175 -8.10 -13.24 15.88
N LEU D 176 -7.43 -12.10 15.77
CA LEU D 176 -7.82 -10.92 16.53
C LEU D 176 -8.63 -10.06 15.56
N ALA D 177 -9.71 -9.45 16.05
CA ALA D 177 -10.51 -8.58 15.19
C ALA D 177 -10.68 -7.25 15.89
N PRO D 178 -9.65 -6.40 15.86
CA PRO D 178 -9.72 -5.09 16.51
C PRO D 178 -10.72 -4.13 15.86
N GLY D 179 -11.21 -3.18 16.66
CA GLY D 179 -12.14 -2.19 16.14
C GLY D 179 -11.41 -0.89 15.86
N PHE D 180 -11.95 0.21 16.38
CA PHE D 180 -11.34 1.53 16.21
C PHE D 180 -10.26 1.71 17.27
N ILE D 181 -9.00 1.55 16.88
CA ILE D 181 -7.89 1.69 17.81
C ILE D 181 -7.14 2.99 17.56
N GLU D 182 -6.93 3.75 18.63
CA GLU D 182 -6.23 5.02 18.55
C GLU D 182 -4.73 4.82 18.33
N THR D 183 -4.27 5.01 17.10
CA THR D 183 -2.86 4.85 16.78
C THR D 183 -2.32 6.15 16.16
N ARG D 184 -2.01 6.10 14.87
CA ARG D 184 -1.50 7.27 14.16
C ARG D 184 -2.19 7.42 12.82
N THR D 186 -4.97 7.10 12.52
CA THR D 186 -6.30 7.50 12.99
C THR D 186 -6.24 8.80 13.78
N ALA D 187 -5.03 9.16 14.22
CA ALA D 187 -4.82 10.38 15.00
C ALA D 187 -5.55 11.59 14.42
N LYS D 188 -5.49 11.77 13.11
CA LYS D 188 -6.14 12.89 12.46
C LYS D 188 -7.22 12.48 11.49
N VAL D 189 -8.04 11.50 11.86
CA VAL D 189 -9.11 11.08 10.98
C VAL D 189 -10.13 12.20 11.14
N PRO D 190 -10.84 12.58 10.06
CA PRO D 190 -11.82 13.67 10.16
C PRO D 190 -12.81 13.44 11.29
N GLU D 191 -12.92 14.43 12.17
CA GLU D 191 -13.78 14.39 13.35
C GLU D 191 -15.15 13.74 13.22
N LYS D 192 -15.76 13.82 12.04
CA LYS D 192 -17.08 13.21 11.86
C LYS D 192 -16.96 11.70 11.76
N VAL D 193 -15.77 11.24 11.37
CA VAL D 193 -15.50 9.82 11.25
C VAL D 193 -15.31 9.28 12.65
N ARG D 194 -14.42 9.92 13.40
CA ARG D 194 -14.13 9.54 14.78
C ARG D 194 -15.41 9.53 15.60
N GLU D 195 -16.30 10.46 15.30
CA GLU D 195 -17.56 10.58 16.01
C GLU D 195 -18.49 9.45 15.62
N LYS D 196 -18.50 9.11 14.33
CA LYS D 196 -19.37 8.04 13.84
C LYS D 196 -19.06 6.74 14.59
N ALA D 197 -17.80 6.32 14.55
CA ALA D 197 -17.35 5.08 15.17
C ALA D 197 -17.61 4.95 16.66
N ILE D 198 -17.42 6.04 17.40
CA ILE D 198 -17.62 6.03 18.84
C ILE D 198 -19.10 5.88 19.20
N ALA D 199 -19.97 6.48 18.39
CA ALA D 199 -21.41 6.41 18.63
C ALA D 199 -21.91 4.98 18.41
N ALA D 200 -21.19 4.23 17.59
CA ALA D 200 -21.57 2.86 17.30
C ALA D 200 -20.88 1.88 18.25
N THR D 201 -20.10 2.42 19.18
CA THR D 201 -19.36 1.61 20.15
C THR D 201 -19.95 1.71 21.56
N PRO D 202 -20.50 0.60 22.09
CA PRO D 202 -21.10 0.57 23.43
C PRO D 202 -20.20 1.12 24.55
N LEU D 203 -18.90 0.83 24.50
CA LEU D 203 -17.99 1.33 25.54
C LEU D 203 -17.70 2.82 25.34
N GLY D 204 -18.32 3.40 24.31
CA GLY D 204 -18.19 4.81 24.02
C GLY D 204 -16.82 5.45 23.90
N ARG D 205 -15.82 4.74 23.37
CA ARG D 205 -14.49 5.31 23.21
C ARG D 205 -13.69 4.53 22.19
N ALA D 206 -12.54 5.07 21.81
CA ALA D 206 -11.66 4.39 20.87
C ALA D 206 -10.84 3.41 21.70
N GLY D 207 -10.35 2.36 21.06
CA GLY D 207 -9.54 1.39 21.78
C GLY D 207 -8.10 1.87 21.75
N LYS D 208 -7.27 1.28 22.61
CA LYS D 208 -5.87 1.63 22.66
C LYS D 208 -5.02 0.46 22.19
N PRO D 209 -3.89 0.75 21.53
CA PRO D 209 -3.06 -0.37 21.07
C PRO D 209 -2.76 -1.39 22.17
N LEU D 210 -2.40 -0.90 23.35
CA LEU D 210 -2.12 -1.81 24.46
C LEU D 210 -3.25 -2.82 24.68
N GLU D 211 -4.50 -2.41 24.49
CA GLU D 211 -5.61 -3.32 24.72
C GLU D 211 -5.64 -4.46 23.73
N VAL D 212 -5.22 -4.20 22.50
CA VAL D 212 -5.16 -5.24 21.49
C VAL D 212 -3.96 -6.13 21.81
N ALA D 213 -2.93 -5.54 22.39
CA ALA D 213 -1.73 -6.26 22.77
C ALA D 213 -2.03 -7.31 23.84
N TYR D 214 -2.86 -6.97 24.82
CA TYR D 214 -3.20 -7.93 25.87
C TYR D 214 -3.97 -9.14 25.32
N ALA D 215 -4.85 -8.89 24.37
CA ALA D 215 -5.62 -9.97 23.75
C ALA D 215 -4.63 -10.88 23.04
N ALA D 216 -3.60 -10.28 22.45
CA ALA D 216 -2.59 -11.07 21.76
C ALA D 216 -1.83 -11.88 22.80
N LEU D 217 -1.52 -11.24 23.93
CA LEU D 217 -0.78 -11.93 24.98
C LEU D 217 -1.56 -13.15 25.43
N PHE D 218 -2.85 -12.95 25.69
CA PHE D 218 -3.74 -14.03 26.12
C PHE D 218 -3.71 -15.23 25.17
N LEU D 219 -3.99 -14.96 23.89
CA LEU D 219 -4.01 -16.00 22.86
C LEU D 219 -2.70 -16.74 22.65
N LEU D 220 -1.58 -16.02 22.80
CA LEU D 220 -0.28 -16.61 22.59
C LEU D 220 0.27 -17.36 23.82
N SER D 221 -0.07 -16.88 25.02
CA SER D 221 0.41 -17.51 26.25
C SER D 221 -0.24 -18.87 26.51
N ASP D 222 0.31 -19.62 27.46
CA ASP D 222 -0.23 -20.93 27.81
C ASP D 222 -1.61 -20.82 28.48
N GLU D 223 -2.05 -19.59 28.75
CA GLU D 223 -3.33 -19.38 29.40
C GLU D 223 -4.54 -19.65 28.52
N SER D 224 -4.33 -19.73 27.21
CA SER D 224 -5.40 -20.00 26.26
C SER D 224 -5.11 -21.31 25.54
N SER D 225 -4.37 -22.18 26.22
CA SER D 225 -3.97 -23.49 25.70
C SER D 225 -5.09 -24.36 25.13
N PHE D 226 -6.32 -24.14 25.57
CA PHE D 226 -7.42 -24.95 25.06
C PHE D 226 -8.33 -24.13 24.16
N ILE D 227 -7.80 -23.05 23.60
CA ILE D 227 -8.58 -22.19 22.72
C ILE D 227 -7.91 -22.12 21.36
N THR D 228 -8.65 -22.47 20.31
CA THR D 228 -8.10 -22.43 18.96
C THR D 228 -9.24 -22.25 17.95
N GLY D 229 -8.90 -21.68 16.78
CA GLY D 229 -9.88 -21.44 15.74
C GLY D 229 -10.89 -20.36 16.11
N GLN D 230 -10.49 -19.46 17.00
CA GLN D 230 -11.41 -18.42 17.43
C GLN D 230 -11.16 -17.01 16.92
N VAL D 231 -12.25 -16.25 16.88
CA VAL D 231 -12.21 -14.86 16.45
C VAL D 231 -12.48 -14.03 17.69
N LEU D 232 -11.48 -13.33 18.19
CA LEU D 232 -11.66 -12.50 19.37
C LEU D 232 -11.76 -11.03 18.98
N PHE D 233 -12.95 -10.47 19.12
CA PHE D 233 -13.19 -9.08 18.79
C PHE D 233 -12.68 -8.17 19.89
N VAL D 234 -11.95 -7.14 19.48
CA VAL D 234 -11.41 -6.15 20.42
C VAL D 234 -11.88 -4.83 19.84
N ASP D 235 -13.21 -4.62 19.87
CA ASP D 235 -13.80 -3.42 19.29
C ASP D 235 -14.79 -2.68 20.21
N GLY D 236 -14.68 -2.91 21.52
CA GLY D 236 -15.57 -2.24 22.45
C GLY D 236 -17.05 -2.54 22.27
N GLY D 237 -17.37 -3.70 21.69
CA GLY D 237 -18.75 -4.08 21.47
C GLY D 237 -19.39 -3.48 20.22
N ARG D 238 -18.57 -2.91 19.35
CA ARG D 238 -19.05 -2.27 18.12
C ARG D 238 -19.70 -3.23 17.14
N THR D 239 -19.44 -4.52 17.30
CA THR D 239 -20.00 -5.52 16.40
C THR D 239 -21.25 -6.23 16.96
N ILE D 240 -21.58 -5.95 18.22
CA ILE D 240 -22.74 -6.56 18.87
C ILE D 240 -24.00 -6.14 18.14
N GLY D 241 -24.75 -7.13 17.66
CA GLY D 241 -25.97 -6.83 16.93
C GLY D 241 -25.88 -7.25 15.47
N ALA D 242 -24.66 -7.43 14.98
CA ALA D 242 -24.43 -7.86 13.61
C ALA D 242 -24.44 -9.40 13.58
N ALA D 243 -25.08 -9.97 12.56
CA ALA D 243 -25.14 -11.42 12.43
C ALA D 243 -23.71 -11.97 12.34
N PRO D 244 -23.35 -12.90 13.24
CA PRO D 244 -22.01 -13.49 13.26
C PRO D 244 -21.63 -14.13 11.94
N ALA D 245 -20.33 -14.36 11.75
CA ALA D 245 -19.83 -15.00 10.53
C ALA D 245 -18.77 -16.04 10.87
N ARG E 2 51.41 22.70 -2.24
CA ARG E 2 50.30 23.24 -3.02
C ARG E 2 49.58 24.43 -2.41
N LEU E 3 49.87 24.76 -1.17
CA LEU E 3 49.20 25.88 -0.52
C LEU E 3 50.20 26.76 0.19
N LYS E 4 51.41 26.82 -0.36
CA LYS E 4 52.49 27.62 0.20
C LYS E 4 52.08 29.06 0.49
N ASP E 5 52.09 29.41 1.78
CA ASP E 5 51.73 30.75 2.25
C ASP E 5 50.29 31.18 2.00
N LYS E 6 49.45 30.26 1.52
CA LYS E 6 48.05 30.58 1.28
C LYS E 6 47.33 30.62 2.63
N ALA E 7 46.61 31.71 2.88
CA ALA E 7 45.87 31.86 4.13
C ALA E 7 44.52 31.17 3.96
N VAL E 8 44.28 30.16 4.77
CA VAL E 8 43.03 29.39 4.69
C VAL E 8 42.32 29.24 6.02
N LEU E 9 40.99 29.25 5.99
CA LEU E 9 40.20 29.06 7.18
C LEU E 9 39.39 27.77 7.01
N ILE E 10 39.35 26.95 8.05
CA ILE E 10 38.63 25.68 8.01
C ILE E 10 37.66 25.58 9.18
N THR E 11 36.43 25.16 8.90
CA THR E 11 35.41 25.01 9.94
C THR E 11 35.27 23.52 10.26
N GLY E 12 34.78 23.21 11.46
CA GLY E 12 34.62 21.82 11.88
C GLY E 12 35.99 21.18 11.84
N ALA E 13 37.00 22.01 12.11
CA ALA E 13 38.40 21.62 12.07
C ALA E 13 38.87 20.71 13.20
N ALA E 14 38.03 20.50 14.20
CA ALA E 14 38.42 19.63 15.31
C ALA E 14 38.10 18.17 15.04
N HIS E 15 37.00 17.92 14.33
CA HIS E 15 36.55 16.56 14.03
C HIS E 15 37.11 15.97 12.74
N GLY E 16 36.88 14.66 12.61
CA GLY E 16 37.31 13.89 11.45
C GLY E 16 37.78 14.58 10.19
N ILE E 17 36.87 14.81 9.24
CA ILE E 17 37.23 15.42 7.97
C ILE E 17 37.92 16.77 8.12
N GLY E 18 37.37 17.64 8.95
CA GLY E 18 38.01 18.93 9.14
C GLY E 18 39.42 18.75 9.65
N ARG E 19 39.56 17.94 10.70
CA ARG E 19 40.86 17.67 11.30
C ARG E 19 41.85 17.17 10.24
N ALA E 20 41.45 16.17 9.47
CA ALA E 20 42.31 15.61 8.43
C ALA E 20 42.69 16.66 7.39
N THR E 21 41.75 17.55 7.08
CA THR E 21 42.00 18.62 6.12
C THR E 21 43.00 19.62 6.73
N LEU E 22 42.86 19.88 8.03
CA LEU E 22 43.76 20.78 8.74
C LEU E 22 45.19 20.27 8.62
N GLU E 23 45.37 18.97 8.80
CA GLU E 23 46.69 18.34 8.72
C GLU E 23 47.27 18.37 7.30
N LEU E 24 46.47 17.94 6.33
CA LEU E 24 46.91 17.92 4.94
C LEU E 24 47.30 19.33 4.48
N PHE E 25 46.45 20.32 4.78
CA PHE E 25 46.75 21.69 4.38
C PHE E 25 48.03 22.20 5.03
N ALA E 26 48.20 21.90 6.33
CA ALA E 26 49.40 22.32 7.04
C ALA E 26 50.62 21.75 6.36
N LYS E 27 50.58 20.48 5.96
CA LYS E 27 51.73 19.90 5.28
C LYS E 27 51.95 20.64 3.97
N GLU E 28 50.86 21.07 3.35
CA GLU E 28 50.96 21.81 2.09
C GLU E 28 51.35 23.28 2.29
N GLY E 29 51.87 23.59 3.47
CA GLY E 29 52.34 24.94 3.78
C GLY E 29 51.37 26.09 3.88
N ALA E 30 50.14 25.83 4.31
CA ALA E 30 49.16 26.89 4.44
C ALA E 30 49.27 27.57 5.80
N ARG E 31 48.84 28.82 5.87
CA ARG E 31 48.82 29.57 7.11
C ARG E 31 47.35 29.41 7.47
N LEU E 32 47.08 28.58 8.46
CA LEU E 32 45.70 28.26 8.82
C LEU E 32 45.10 28.87 10.08
N VAL E 33 43.78 28.96 10.03
CA VAL E 33 42.95 29.42 11.14
C VAL E 33 41.96 28.28 11.26
N ALA E 34 41.99 27.57 12.38
CA ALA E 34 41.09 26.45 12.59
C ALA E 34 39.89 26.90 13.42
N CYS E 35 38.69 26.61 12.90
CA CYS E 35 37.46 26.97 13.60
C CYS E 35 36.61 25.74 13.93
N ASP E 36 35.96 25.79 15.09
CA ASP E 36 35.06 24.75 15.53
C ASP E 36 34.37 25.22 16.80
N ILE E 37 33.30 24.52 17.16
CA ILE E 37 32.47 24.89 18.31
C ILE E 37 33.10 24.73 19.71
N GLU E 38 33.85 23.67 19.96
CA GLU E 38 34.45 23.44 21.27
C GLU E 38 35.91 23.84 21.36
N GLU E 39 36.21 24.82 22.21
CA GLU E 39 37.58 25.30 22.36
C GLU E 39 38.58 24.23 22.77
N GLY E 40 38.20 23.38 23.73
CA GLY E 40 39.10 22.34 24.20
C GLY E 40 39.75 21.57 23.07
N PRO E 41 38.99 20.71 22.38
CA PRO E 41 39.57 19.94 21.28
C PRO E 41 40.01 20.80 20.08
N LEU E 42 39.56 22.05 20.02
CA LEU E 42 39.92 22.93 18.91
C LEU E 42 41.39 23.34 19.04
N ARG E 43 41.77 23.78 20.22
CA ARG E 43 43.15 24.22 20.44
C ARG E 43 44.10 23.04 20.33
N GLU E 44 43.65 21.86 20.71
CA GLU E 44 44.48 20.68 20.61
C GLU E 44 44.78 20.42 19.13
N ALA E 45 43.74 20.43 18.30
CA ALA E 45 43.89 20.19 16.87
C ALA E 45 44.75 21.26 16.22
N ALA E 46 44.50 22.51 16.60
CA ALA E 46 45.23 23.63 16.04
C ALA E 46 46.71 23.61 16.40
N GLU E 47 47.01 23.34 17.66
CA GLU E 47 48.38 23.31 18.13
C GLU E 47 49.20 22.19 17.52
N ALA E 48 48.58 21.03 17.34
CA ALA E 48 49.27 19.89 16.77
C ALA E 48 49.77 20.18 15.35
N VAL E 49 49.25 21.24 14.74
CA VAL E 49 49.64 21.52 13.38
C VAL E 49 50.12 22.95 13.09
N GLY E 50 50.10 23.81 14.10
CA GLY E 50 50.57 25.17 13.90
C GLY E 50 49.51 26.13 13.40
N ALA E 51 48.25 25.73 13.51
CA ALA E 51 47.16 26.59 13.06
C ALA E 51 46.71 27.49 14.20
N HIS E 52 45.98 28.55 13.88
CA HIS E 52 45.50 29.47 14.89
C HIS E 52 44.03 29.17 15.15
N PRO E 53 43.70 28.75 16.38
CA PRO E 53 42.35 28.40 16.85
C PRO E 53 41.41 29.57 17.07
N VAL E 54 40.22 29.47 16.50
CA VAL E 54 39.19 30.50 16.62
C VAL E 54 37.85 29.81 16.81
N VAL E 55 37.32 29.84 18.03
CA VAL E 55 36.05 29.20 18.32
C VAL E 55 34.94 29.83 17.49
N ASP E 57 30.66 29.30 16.08
CA ASP E 57 29.36 28.61 16.03
C ASP E 57 28.83 29.03 14.67
N VAL E 58 28.97 28.20 13.65
CA VAL E 58 28.52 28.59 12.32
C VAL E 58 27.02 28.87 12.23
N ALA E 59 26.27 28.52 13.27
CA ALA E 59 24.83 28.76 13.25
C ALA E 59 24.50 30.15 13.84
N ASP E 60 25.51 30.80 14.41
CA ASP E 60 25.34 32.12 15.02
C ASP E 60 25.99 33.23 14.18
N PRO E 61 25.16 34.11 13.58
CA PRO E 61 25.61 35.22 12.74
C PRO E 61 26.72 36.06 13.38
N ALA E 62 26.58 36.33 14.67
CA ALA E 62 27.56 37.12 15.40
C ALA E 62 28.87 36.34 15.60
N SER E 63 28.76 35.03 15.81
CA SER E 63 29.94 34.21 16.01
C SER E 63 30.78 34.17 14.73
N VAL E 64 30.14 33.87 13.61
CA VAL E 64 30.83 33.81 12.33
C VAL E 64 31.48 35.17 12.05
N GLU E 65 30.74 36.24 12.32
CA GLU E 65 31.26 37.57 12.08
C GLU E 65 32.51 37.83 12.93
N ARG E 66 32.44 37.61 14.23
CA ARG E 66 33.60 37.82 15.08
C ARG E 66 34.73 36.92 14.62
N GLY E 67 34.42 35.65 14.41
CA GLY E 67 35.41 34.69 13.99
C GLY E 67 36.22 35.14 12.79
N PHE E 68 35.56 35.55 11.71
CA PHE E 68 36.29 35.98 10.52
C PHE E 68 37.09 37.26 10.76
N ALA E 69 36.67 38.06 11.73
CA ALA E 69 37.39 39.29 12.04
C ALA E 69 38.74 38.85 12.61
N GLU E 70 38.72 37.91 13.54
CA GLU E 70 39.95 37.42 14.13
C GLU E 70 40.84 36.83 13.06
N ALA E 71 40.27 35.91 12.27
CA ALA E 71 41.02 35.24 11.21
C ALA E 71 41.73 36.24 10.31
N LEU E 72 41.02 37.29 9.92
CA LEU E 72 41.60 38.32 9.06
C LEU E 72 42.64 39.14 9.82
N ALA E 73 42.38 39.40 11.10
CA ALA E 73 43.32 40.15 11.91
C ALA E 73 44.59 39.31 12.02
N HIS E 74 44.41 38.01 12.14
CA HIS E 74 45.54 37.13 12.29
C HIS E 74 46.25 36.83 11.00
N LEU E 75 45.49 36.56 9.93
CA LEU E 75 46.09 36.23 8.65
C LEU E 75 46.38 37.45 7.78
N GLY E 76 45.56 38.48 7.90
CA GLY E 76 45.76 39.68 7.11
C GLY E 76 45.16 39.59 5.72
N ARG E 77 44.70 38.40 5.35
CA ARG E 77 44.11 38.19 4.03
C ARG E 77 43.52 36.79 3.98
N LEU E 78 42.64 36.52 3.03
CA LEU E 78 42.04 35.20 2.91
C LEU E 78 42.17 34.69 1.48
N ASP E 79 42.76 33.52 1.31
CA ASP E 79 42.91 32.95 -0.03
C ASP E 79 41.87 31.86 -0.29
N GLY E 80 41.43 31.21 0.78
CA GLY E 80 40.45 30.16 0.62
C GLY E 80 39.85 29.74 1.94
N VAL E 81 38.69 29.08 1.85
CA VAL E 81 37.99 28.60 3.03
C VAL E 81 37.34 27.26 2.73
N VAL E 82 37.41 26.34 3.68
CA VAL E 82 36.76 25.05 3.51
C VAL E 82 35.77 24.92 4.67
N HIS E 83 34.50 24.88 4.33
CA HIS E 83 33.44 24.79 5.33
C HIS E 83 32.92 23.37 5.51
N TYR E 84 32.95 22.85 6.73
CA TYR E 84 32.43 21.51 6.99
C TYR E 84 31.21 21.57 7.91
N ALA E 85 31.44 21.95 9.17
CA ALA E 85 30.39 22.05 10.20
C ALA E 85 28.96 21.67 9.78
N GLY E 86 28.60 20.40 9.94
CA GLY E 86 27.25 19.97 9.56
C GLY E 86 26.64 19.04 10.60
N ILE E 87 25.33 18.85 10.57
CA ILE E 87 24.66 17.96 11.53
C ILE E 87 23.53 17.15 10.92
N THR E 88 23.07 16.12 11.64
CA THR E 88 21.98 15.28 11.16
C THR E 88 20.96 15.02 12.27
N ARG E 89 19.71 14.86 11.86
CA ARG E 89 18.60 14.58 12.77
C ARG E 89 17.69 13.66 11.96
N ASP E 90 18.13 12.42 11.78
CA ASP E 90 17.40 11.46 10.98
C ASP E 90 16.03 11.05 11.47
N ASN E 91 15.16 10.78 10.50
CA ASN E 91 13.79 10.36 10.76
C ASN E 91 13.00 10.37 9.47
N PHE E 92 12.03 9.46 9.37
CA PHE E 92 11.16 9.47 8.20
C PHE E 92 10.38 10.76 8.41
N HIS E 93 9.94 11.38 7.33
CA HIS E 93 9.23 12.65 7.43
C HIS E 93 8.04 12.69 8.39
N TRP E 94 7.25 11.62 8.47
CA TRP E 94 6.10 11.62 9.36
C TRP E 94 6.44 11.54 10.84
N LYS E 95 7.68 11.25 11.17
CA LYS E 95 8.09 11.15 12.55
C LYS E 95 9.06 12.26 12.88
N PRO E 97 10.17 15.83 13.87
CA PRO E 97 9.60 17.03 14.48
C PRO E 97 10.11 18.30 13.79
N LEU E 98 9.29 19.33 13.73
CA LEU E 98 9.68 20.60 13.10
C LEU E 98 11.00 21.11 13.65
N GLU E 99 11.20 21.02 14.96
CA GLU E 99 12.44 21.49 15.58
C GLU E 99 13.66 20.89 14.85
N ASP E 100 13.60 19.57 14.64
CA ASP E 100 14.67 18.83 14.00
C ASP E 100 14.90 19.25 12.55
N TRP E 101 13.81 19.55 11.85
CA TRP E 101 13.91 19.99 10.48
C TRP E 101 14.60 21.35 10.46
N GLU E 102 14.13 22.28 11.28
CA GLU E 102 14.70 23.62 11.29
C GLU E 102 16.08 23.72 11.87
N LEU E 103 16.46 22.77 12.72
CA LEU E 103 17.79 22.84 13.28
C LEU E 103 18.83 22.47 12.22
N VAL E 104 18.61 21.38 11.48
CA VAL E 104 19.59 21.01 10.47
C VAL E 104 19.67 22.03 9.34
N LEU E 105 18.55 22.65 8.99
CA LEU E 105 18.56 23.67 7.95
C LEU E 105 19.35 24.88 8.45
N ARG E 106 19.07 25.28 9.69
CA ARG E 106 19.71 26.42 10.31
C ARG E 106 21.23 26.25 10.35
N VAL E 107 21.67 25.07 10.81
CA VAL E 107 23.08 24.77 10.91
C VAL E 107 23.74 24.48 9.57
N ASN E 108 23.18 23.54 8.81
CA ASN E 108 23.76 23.16 7.53
C ASN E 108 23.61 24.17 6.40
N LEU E 109 22.37 24.61 6.15
CA LEU E 109 22.10 25.54 5.06
C LEU E 109 22.43 27.00 5.38
N THR E 110 21.80 27.56 6.42
CA THR E 110 22.06 28.96 6.79
C THR E 110 23.50 29.11 7.28
N GLY E 111 24.03 28.06 7.92
CA GLY E 111 25.39 28.09 8.40
C GLY E 111 26.34 28.27 7.23
N SER E 112 26.09 27.54 6.14
CA SER E 112 26.94 27.66 4.96
C SER E 112 26.80 29.04 4.33
N PHE E 113 25.59 29.60 4.40
CA PHE E 113 25.36 30.93 3.86
C PHE E 113 26.20 31.94 4.67
N LEU E 114 26.11 31.85 5.99
CA LEU E 114 26.86 32.75 6.86
C LEU E 114 28.37 32.66 6.61
N VAL E 115 28.90 31.44 6.60
CA VAL E 115 30.32 31.24 6.38
C VAL E 115 30.76 31.67 4.98
N ALA E 116 29.98 31.33 3.96
CA ALA E 116 30.35 31.72 2.59
C ALA E 116 30.26 33.24 2.42
N LYS E 117 29.24 33.85 3.04
CA LYS E 117 29.06 35.30 2.95
C LYS E 117 30.29 36.00 3.56
N ALA E 118 30.71 35.53 4.73
CA ALA E 118 31.87 36.09 5.40
C ALA E 118 33.14 35.87 4.59
N ALA E 119 33.30 34.67 4.04
CA ALA E 119 34.48 34.34 3.25
C ALA E 119 34.53 35.26 2.03
N SER E 120 33.38 35.43 1.38
CA SER E 120 33.24 36.27 0.20
C SER E 120 33.60 37.72 0.53
N GLU E 121 33.08 38.21 1.65
CA GLU E 121 33.31 39.58 2.10
C GLU E 121 34.80 39.83 2.29
N ALA E 122 35.51 38.84 2.80
CA ALA E 122 36.92 38.97 3.06
C ALA E 122 37.79 38.91 1.80
N ARG E 124 36.20 39.40 -1.89
CA ARG E 124 35.67 40.15 -3.01
C ARG E 124 36.29 41.55 -3.15
N GLU E 125 36.86 41.82 -4.32
CA GLU E 125 37.52 43.10 -4.63
C GLU E 125 38.86 43.27 -3.91
N LYS E 126 39.34 42.22 -3.27
CA LYS E 126 40.63 42.27 -2.59
C LYS E 126 41.61 41.37 -3.31
N ASN E 127 41.19 40.13 -3.52
CA ASN E 127 42.04 39.18 -4.20
C ASN E 127 41.26 37.98 -4.71
N PRO E 128 41.85 37.20 -5.62
CA PRO E 128 41.12 36.03 -6.10
C PRO E 128 41.11 35.05 -4.93
N GLY E 129 40.34 33.97 -5.05
CA GLY E 129 40.29 33.02 -3.96
C GLY E 129 39.43 31.84 -4.32
N SER E 130 39.28 30.92 -3.37
CA SER E 130 38.49 29.74 -3.60
C SER E 130 37.74 29.34 -2.33
N ILE E 131 36.44 29.10 -2.48
CA ILE E 131 35.60 28.71 -1.37
C ILE E 131 35.02 27.33 -1.62
N VAL E 132 35.19 26.45 -0.64
CA VAL E 132 34.69 25.08 -0.77
C VAL E 132 33.63 24.87 0.30
N LEU E 133 32.42 24.52 -0.13
CA LEU E 133 31.31 24.27 0.79
C LEU E 133 31.04 22.77 0.73
N THR E 134 30.88 22.15 1.89
CA THR E 134 30.64 20.72 1.89
C THR E 134 29.17 20.41 1.99
N ALA E 135 28.71 19.59 1.05
CA ALA E 135 27.34 19.15 1.03
C ALA E 135 27.37 17.68 1.40
N SER E 136 26.77 16.84 0.57
CA SER E 136 26.73 15.40 0.83
C SER E 136 26.06 14.69 -0.33
N ARG E 137 26.46 13.45 -0.56
CA ARG E 137 25.87 12.64 -1.63
C ARG E 137 24.36 12.59 -1.41
N VAL E 138 23.94 12.70 -0.15
CA VAL E 138 22.54 12.64 0.27
C VAL E 138 21.65 13.78 -0.26
N TYR E 139 22.26 14.82 -0.83
CA TYR E 139 21.46 15.93 -1.35
C TYR E 139 20.55 15.42 -2.45
N LEU E 140 20.84 14.22 -2.95
CA LEU E 140 20.05 13.60 -4.02
C LEU E 140 18.87 12.81 -3.45
N GLY E 141 18.71 12.87 -2.14
CA GLY E 141 17.63 12.16 -1.49
C GLY E 141 18.12 10.88 -0.84
N ASN E 142 17.64 10.62 0.38
CA ASN E 142 18.00 9.40 1.10
C ASN E 142 16.99 9.15 2.18
N LEU E 143 16.63 7.87 2.34
CA LEU E 143 15.64 7.46 3.34
C LEU E 143 15.93 7.97 4.75
N GLY E 144 14.91 8.56 5.37
CA GLY E 144 15.03 9.07 6.73
C GLY E 144 15.83 10.36 6.86
N GLN E 145 16.12 11.01 5.74
CA GLN E 145 16.91 12.23 5.80
C GLN E 145 16.37 13.43 5.00
N ALA E 146 15.06 13.62 5.03
CA ALA E 146 14.46 14.73 4.30
C ALA E 146 15.12 16.05 4.70
N ASN E 147 15.34 16.26 6.00
CA ASN E 147 15.96 17.50 6.43
C ASN E 147 17.41 17.63 5.96
N TYR E 148 18.20 16.59 6.14
CA TYR E 148 19.60 16.62 5.73
C TYR E 148 19.70 16.77 4.20
N ALA E 149 18.87 16.05 3.47
CA ALA E 149 18.88 16.12 2.02
C ALA E 149 18.51 17.51 1.48
N ALA E 150 17.49 18.12 2.08
CA ALA E 150 17.06 19.45 1.67
C ALA E 150 18.10 20.50 2.05
N SER E 151 18.68 20.38 3.23
CA SER E 151 19.66 21.37 3.65
C SER E 151 20.90 21.31 2.75
N ALA E 153 21.04 20.00 -0.36
CA ALA E 153 20.69 20.32 -1.74
C ALA E 153 20.68 21.83 -1.85
N GLY E 154 20.31 22.48 -0.73
CA GLY E 154 20.29 23.94 -0.70
C GLY E 154 21.69 24.50 -0.81
N VAL E 155 22.66 23.78 -0.25
CA VAL E 155 24.05 24.22 -0.30
C VAL E 155 24.54 24.13 -1.73
N VAL E 156 24.11 23.08 -2.44
CA VAL E 156 24.49 22.92 -3.85
C VAL E 156 23.95 24.11 -4.64
N GLY E 157 22.73 24.54 -4.30
CA GLY E 157 22.11 25.67 -4.98
C GLY E 157 22.82 26.97 -4.65
N LEU E 158 23.20 27.12 -3.39
CA LEU E 158 23.92 28.31 -2.94
C LEU E 158 25.28 28.39 -3.66
N THR E 159 25.99 27.28 -3.74
CA THR E 159 27.28 27.25 -4.40
C THR E 159 27.19 27.70 -5.86
N ARG E 160 26.21 27.19 -6.59
CA ARG E 160 26.08 27.56 -8.00
C ARG E 160 25.75 29.05 -8.15
N THR E 161 24.95 29.58 -7.22
CA THR E 161 24.57 30.99 -7.27
C THR E 161 25.79 31.84 -6.91
N LEU E 162 26.51 31.44 -5.87
CA LEU E 162 27.69 32.16 -5.41
C LEU E 162 28.80 32.14 -6.47
N ALA E 163 28.89 31.04 -7.21
CA ALA E 163 29.90 30.91 -8.26
C ALA E 163 29.63 31.90 -9.38
N LEU E 164 28.35 32.03 -9.76
CA LEU E 164 27.97 32.96 -10.82
C LEU E 164 28.26 34.40 -10.42
N GLU E 165 27.85 34.78 -9.21
CA GLU E 165 28.05 36.13 -8.70
C GLU E 165 29.52 36.52 -8.45
N LEU E 166 30.35 35.54 -8.07
CA LEU E 166 31.75 35.84 -7.76
C LEU E 166 32.77 35.55 -8.87
N GLY E 167 32.34 34.88 -9.93
CA GLY E 167 33.24 34.56 -11.04
C GLY E 167 34.11 35.72 -11.49
N ARG E 168 33.48 36.81 -11.90
CA ARG E 168 34.19 37.99 -12.37
C ARG E 168 35.21 38.55 -11.37
N TRP E 169 35.13 38.12 -10.12
CA TRP E 169 36.05 38.60 -9.09
C TRP E 169 37.20 37.62 -8.85
N GLY E 170 37.32 36.63 -9.73
CA GLY E 170 38.36 35.63 -9.59
C GLY E 170 38.17 34.70 -8.40
N ILE E 171 36.97 34.70 -7.83
CA ILE E 171 36.67 33.86 -6.68
C ILE E 171 35.86 32.66 -7.12
N ARG E 172 36.43 31.46 -6.92
CA ARG E 172 35.78 30.22 -7.28
C ARG E 172 35.00 29.64 -6.10
N VAL E 173 33.88 28.99 -6.38
CA VAL E 173 33.07 28.40 -5.33
C VAL E 173 32.63 27.02 -5.78
N ASN E 174 32.99 26.01 -4.99
CA ASN E 174 32.68 24.63 -5.31
C ASN E 174 32.16 23.91 -4.10
N THR E 175 31.51 22.78 -4.36
CA THR E 175 30.95 21.99 -3.28
C THR E 175 31.35 20.50 -3.31
N LEU E 176 31.75 19.98 -2.15
CA LEU E 176 32.14 18.58 -2.01
C LEU E 176 30.88 17.79 -1.63
N ALA E 177 30.77 16.56 -2.12
CA ALA E 177 29.63 15.72 -1.81
C ALA E 177 30.10 14.36 -1.32
N PRO E 178 30.54 14.29 -0.06
CA PRO E 178 31.01 13.00 0.47
C PRO E 178 29.90 11.96 0.62
N GLY E 179 30.29 10.69 0.61
CA GLY E 179 29.35 9.60 0.78
C GLY E 179 29.53 9.07 2.18
N PHE E 180 29.81 7.78 2.30
CA PHE E 180 30.02 7.19 3.61
C PHE E 180 31.49 7.32 3.97
N ILE E 181 31.78 8.22 4.91
CA ILE E 181 33.15 8.47 5.37
C ILE E 181 33.24 8.06 6.84
N GLU E 182 34.14 7.12 7.12
CA GLU E 182 34.32 6.62 8.47
C GLU E 182 34.86 7.69 9.41
N THR E 183 34.08 8.01 10.43
CA THR E 183 34.48 9.00 11.43
C THR E 183 33.85 8.61 12.75
N ARG E 184 34.11 9.41 13.77
CA ARG E 184 33.57 9.15 15.09
C ARG E 184 32.04 9.19 15.03
N THR E 186 30.12 7.94 12.77
CA THR E 186 29.52 6.75 12.16
C THR E 186 29.83 5.49 12.95
N ALA E 187 30.46 5.64 14.11
CA ALA E 187 30.81 4.50 14.93
C ALA E 187 29.61 3.64 15.32
N LYS E 188 28.59 4.28 15.91
CA LYS E 188 27.40 3.56 16.34
C LYS E 188 26.49 3.11 15.21
N VAL E 189 26.94 3.26 13.97
CA VAL E 189 26.15 2.84 12.83
C VAL E 189 26.04 1.31 12.82
N PRO E 190 24.80 0.79 12.84
CA PRO E 190 24.54 -0.66 12.84
C PRO E 190 25.23 -1.40 11.70
N GLU E 191 25.97 -2.45 12.06
CA GLU E 191 26.71 -3.25 11.08
C GLU E 191 25.86 -3.61 9.88
N LYS E 192 24.64 -4.09 10.13
CA LYS E 192 23.75 -4.47 9.03
C LYS E 192 23.57 -3.33 8.04
N VAL E 193 23.59 -2.10 8.55
CA VAL E 193 23.45 -0.91 7.73
C VAL E 193 24.77 -0.61 7.04
N ARG E 194 25.86 -0.76 7.78
CA ARG E 194 27.20 -0.51 7.27
C ARG E 194 27.48 -1.42 6.09
N GLU E 195 27.02 -2.66 6.18
CA GLU E 195 27.24 -3.63 5.12
C GLU E 195 26.33 -3.39 3.92
N LYS E 196 25.27 -2.61 4.13
CA LYS E 196 24.33 -2.29 3.06
C LYS E 196 24.85 -1.08 2.28
N ALA E 197 25.52 -0.17 2.99
CA ALA E 197 26.09 1.03 2.39
C ALA E 197 27.26 0.63 1.49
N ILE E 198 28.14 -0.21 2.04
CA ILE E 198 29.30 -0.69 1.31
C ILE E 198 28.84 -1.46 0.08
N ALA E 199 27.73 -2.18 0.22
CA ALA E 199 27.18 -2.97 -0.87
C ALA E 199 26.73 -2.06 -2.01
N ALA E 200 26.37 -0.83 -1.69
CA ALA E 200 25.91 0.10 -2.70
C ALA E 200 27.07 0.93 -3.25
N THR E 201 28.28 0.63 -2.79
CA THR E 201 29.46 1.37 -3.21
C THR E 201 30.36 0.56 -4.15
N PRO E 202 30.38 0.93 -5.44
CA PRO E 202 31.24 0.18 -6.37
C PRO E 202 32.67 -0.04 -5.86
N LEU E 203 33.24 0.93 -5.14
CA LEU E 203 34.59 0.76 -4.60
C LEU E 203 34.62 -0.17 -3.39
N GLY E 204 33.45 -0.71 -3.05
CA GLY E 204 33.32 -1.64 -1.95
C GLY E 204 33.94 -1.37 -0.59
N ARG E 205 33.93 -0.12 -0.14
CA ARG E 205 34.49 0.20 1.17
C ARG E 205 34.03 1.59 1.60
N ALA E 206 34.22 1.90 2.88
CA ALA E 206 33.88 3.22 3.39
C ALA E 206 35.05 4.11 3.01
N GLY E 207 34.80 5.41 2.93
CA GLY E 207 35.85 6.35 2.58
C GLY E 207 36.56 6.83 3.82
N LYS E 208 37.74 7.42 3.63
CA LYS E 208 38.52 7.92 4.75
C LYS E 208 38.56 9.45 4.71
N PRO E 209 38.56 10.10 5.88
CA PRO E 209 38.60 11.56 5.85
C PRO E 209 39.73 12.15 5.01
N LEU E 210 40.91 11.54 5.05
CA LEU E 210 42.04 12.06 4.26
C LEU E 210 41.64 12.19 2.79
N GLU E 211 40.87 11.21 2.30
CA GLU E 211 40.43 11.22 0.90
C GLU E 211 39.53 12.43 0.60
N VAL E 212 38.73 12.84 1.59
CA VAL E 212 37.86 13.98 1.42
C VAL E 212 38.74 15.23 1.43
N ALA E 213 39.75 15.20 2.31
CA ALA E 213 40.68 16.30 2.45
C ALA E 213 41.41 16.57 1.14
N TYR E 214 41.84 15.50 0.47
CA TYR E 214 42.54 15.66 -0.79
C TYR E 214 41.65 16.34 -1.82
N ALA E 215 40.37 16.01 -1.80
CA ALA E 215 39.42 16.61 -2.74
C ALA E 215 39.38 18.10 -2.45
N ALA E 216 39.35 18.44 -1.18
CA ALA E 216 39.32 19.84 -0.74
C ALA E 216 40.58 20.56 -1.20
N LEU E 217 41.72 19.89 -1.03
CA LEU E 217 43.02 20.42 -1.42
C LEU E 217 42.93 20.88 -2.87
N PHE E 218 42.50 19.95 -3.71
CA PHE E 218 42.36 20.18 -5.14
C PHE E 218 41.51 21.43 -5.44
N LEU E 219 40.29 21.47 -4.91
CA LEU E 219 39.41 22.61 -5.14
C LEU E 219 39.94 23.94 -4.60
N LEU E 220 40.69 23.90 -3.50
CA LEU E 220 41.19 25.14 -2.93
C LEU E 220 42.48 25.63 -3.59
N SER E 221 43.34 24.70 -4.01
CA SER E 221 44.61 25.06 -4.66
C SER E 221 44.42 25.59 -6.08
N ASP E 222 45.43 26.28 -6.59
CA ASP E 222 45.40 26.85 -7.93
C ASP E 222 45.31 25.81 -9.04
N GLU E 223 45.40 24.54 -8.67
CA GLU E 223 45.32 23.48 -9.67
C GLU E 223 43.93 23.37 -10.28
N SER E 224 42.92 23.87 -9.58
CA SER E 224 41.55 23.83 -10.10
C SER E 224 41.10 25.23 -10.45
N SER E 225 42.06 26.07 -10.81
CA SER E 225 41.82 27.47 -11.14
C SER E 225 40.74 27.74 -12.19
N PHE E 226 40.47 26.77 -13.05
CA PHE E 226 39.44 26.98 -14.05
C PHE E 226 38.17 26.18 -13.73
N ILE E 227 38.06 25.74 -12.48
CA ILE E 227 36.92 24.95 -12.03
C ILE E 227 36.10 25.66 -10.95
N THR E 228 34.84 25.97 -11.26
CA THR E 228 33.99 26.65 -10.28
C THR E 228 32.52 26.24 -10.49
N GLY E 229 31.72 26.35 -9.42
CA GLY E 229 30.31 26.01 -9.48
C GLY E 229 30.05 24.51 -9.60
N GLN E 230 31.02 23.70 -9.21
CA GLN E 230 30.87 22.25 -9.32
C GLN E 230 30.56 21.52 -8.04
N VAL E 231 30.07 20.29 -8.21
CA VAL E 231 29.76 19.40 -7.10
C VAL E 231 30.65 18.20 -7.31
N LEU E 232 31.57 17.97 -6.39
CA LEU E 232 32.48 16.85 -6.51
C LEU E 232 32.12 15.77 -5.49
N PHE E 233 31.62 14.65 -6.00
CA PHE E 233 31.24 13.53 -5.15
C PHE E 233 32.47 12.73 -4.77
N VAL E 234 32.65 12.52 -3.47
CA VAL E 234 33.74 11.69 -2.97
C VAL E 234 32.98 10.61 -2.18
N ASP E 235 32.34 9.70 -2.90
CA ASP E 235 31.52 8.66 -2.30
C ASP E 235 31.77 7.25 -2.81
N GLY E 236 32.90 7.05 -3.49
CA GLY E 236 33.22 5.73 -4.02
C GLY E 236 32.27 5.21 -5.08
N GLY E 237 31.54 6.11 -5.73
CA GLY E 237 30.60 5.70 -6.78
C GLY E 237 29.22 5.32 -6.27
N ARG E 238 28.96 5.57 -4.99
CA ARG E 238 27.68 5.25 -4.36
C ARG E 238 26.45 5.88 -5.01
N THR E 239 26.65 6.93 -5.78
CA THR E 239 25.52 7.62 -6.40
C THR E 239 25.46 7.50 -7.93
N ILE E 240 26.25 6.60 -8.51
CA ILE E 240 26.22 6.43 -9.97
C ILE E 240 24.86 5.81 -10.30
N GLY E 241 24.40 4.94 -9.40
CA GLY E 241 23.11 4.31 -9.57
C GLY E 241 22.36 4.43 -8.25
N ALA E 242 21.05 4.27 -8.28
CA ALA E 242 20.31 4.37 -7.03
C ALA E 242 20.56 3.11 -6.22
N ALA E 243 20.65 3.24 -4.90
CA ALA E 243 20.85 2.10 -4.02
C ALA E 243 19.47 1.65 -3.55
N PRO E 244 19.21 0.34 -3.55
CA PRO E 244 17.91 -0.18 -3.11
C PRO E 244 17.81 -0.40 -1.59
N ALA E 245 16.89 -1.28 -1.20
CA ALA E 245 16.66 -1.62 0.20
C ALA E 245 16.03 -0.47 0.96
N ARG F 2 53.34 13.19 -7.51
CA ARG F 2 52.09 12.47 -7.38
C ARG F 2 51.89 11.22 -8.22
N LEU F 3 52.76 10.98 -9.19
CA LEU F 3 52.62 9.81 -10.03
C LEU F 3 53.93 9.03 -10.09
N LYS F 4 54.65 9.06 -8.97
CA LYS F 4 55.95 8.37 -8.88
C LYS F 4 55.86 6.92 -9.31
N ASP F 5 56.60 6.58 -10.36
CA ASP F 5 56.64 5.23 -10.92
C ASP F 5 55.31 4.68 -11.45
N LYS F 6 54.28 5.52 -11.52
CA LYS F 6 52.99 5.08 -12.04
C LYS F 6 53.17 4.92 -13.55
N ALA F 7 52.68 3.81 -14.10
CA ALA F 7 52.78 3.60 -15.55
C ALA F 7 51.49 4.13 -16.15
N VAL F 8 51.60 5.16 -16.99
CA VAL F 8 50.44 5.79 -17.61
C VAL F 8 50.54 5.93 -19.11
N LEU F 9 49.43 5.70 -19.81
CA LEU F 9 49.37 5.86 -21.26
C LEU F 9 48.40 7.02 -21.53
N ILE F 10 48.80 7.94 -22.41
CA ILE F 10 47.98 9.11 -22.75
C ILE F 10 47.77 9.21 -24.26
N THR F 11 46.52 9.36 -24.68
CA THR F 11 46.20 9.48 -26.11
C THR F 11 46.10 10.94 -26.52
N GLY F 12 46.28 11.19 -27.81
CA GLY F 12 46.24 12.56 -28.33
C GLY F 12 47.32 13.37 -27.63
N ALA F 13 48.41 12.70 -27.26
CA ALA F 13 49.52 13.32 -26.53
C ALA F 13 50.41 14.28 -27.33
N ALA F 14 50.19 14.38 -28.63
CA ALA F 14 51.00 15.27 -29.45
C ALA F 14 50.51 16.71 -29.46
N HIS F 15 49.19 16.92 -29.31
CA HIS F 15 48.66 18.27 -29.34
C HIS F 15 48.18 18.80 -27.99
N GLY F 16 47.89 20.10 -27.98
CA GLY F 16 47.42 20.83 -26.81
C GLY F 16 47.29 20.15 -25.48
N ILE F 17 46.05 19.91 -25.06
CA ILE F 17 45.77 19.29 -23.77
C ILE F 17 46.53 17.99 -23.54
N GLY F 18 46.60 17.12 -24.54
CA GLY F 18 47.31 15.87 -24.38
C GLY F 18 48.80 16.10 -24.11
N ARG F 19 49.38 17.04 -24.85
CA ARG F 19 50.79 17.38 -24.72
C ARG F 19 51.09 18.00 -23.34
N ALA F 20 50.18 18.85 -22.85
CA ALA F 20 50.36 19.50 -21.56
C ALA F 20 50.23 18.48 -20.43
N THR F 21 49.39 17.47 -20.64
CA THR F 21 49.20 16.43 -19.65
C THR F 21 50.46 15.56 -19.60
N LEU F 22 51.06 15.34 -20.77
CA LEU F 22 52.28 14.54 -20.89
C LEU F 22 53.42 15.22 -20.09
N GLU F 23 53.51 16.54 -20.25
CA GLU F 23 54.55 17.30 -19.56
C GLU F 23 54.35 17.29 -18.04
N LEU F 24 53.11 17.52 -17.61
CA LEU F 24 52.79 17.55 -16.18
C LEU F 24 53.05 16.19 -15.54
N PHE F 25 52.57 15.14 -16.18
CA PHE F 25 52.76 13.79 -15.65
C PHE F 25 54.23 13.45 -15.54
N ALA F 26 55.02 13.86 -16.53
CA ALA F 26 56.45 13.61 -16.51
C ALA F 26 57.09 14.26 -15.29
N LYS F 27 56.75 15.53 -15.03
CA LYS F 27 57.29 16.23 -13.86
C LYS F 27 56.87 15.50 -12.59
N GLU F 28 55.69 14.88 -12.63
CA GLU F 28 55.17 14.15 -11.48
C GLU F 28 55.76 12.74 -11.33
N GLY F 29 56.74 12.43 -12.18
CA GLY F 29 57.42 11.14 -12.11
C GLY F 29 56.79 9.87 -12.67
N ALA F 30 55.94 9.98 -13.67
CA ALA F 30 55.31 8.80 -14.25
C ALA F 30 56.11 8.23 -15.41
N ARG F 31 56.00 6.92 -15.61
CA ARG F 31 56.65 6.26 -16.74
C ARG F 31 55.58 6.33 -17.81
N LEU F 32 55.80 7.15 -18.82
CA LEU F 32 54.81 7.37 -19.86
C LEU F 32 54.94 6.74 -21.22
N VAL F 33 53.78 6.52 -21.83
CA VAL F 33 53.65 5.99 -23.17
C VAL F 33 52.74 7.04 -23.81
N ALA F 34 53.26 7.77 -24.78
CA ALA F 34 52.49 8.82 -25.45
C ALA F 34 51.93 8.29 -26.75
N CYS F 35 50.63 8.43 -26.94
CA CYS F 35 50.00 7.94 -28.15
C CYS F 35 49.30 9.05 -28.92
N ASP F 36 49.40 8.96 -30.25
CA ASP F 36 48.74 9.90 -31.15
C ASP F 36 48.82 9.34 -32.56
N ILE F 37 48.07 9.96 -33.47
CA ILE F 37 47.97 9.54 -34.86
C ILE F 37 49.18 9.82 -35.79
N GLU F 38 49.83 10.96 -35.62
CA GLU F 38 50.99 11.31 -36.45
C GLU F 38 52.31 11.03 -35.75
N GLU F 39 53.13 10.18 -36.34
CA GLU F 39 54.41 9.83 -35.74
C GLU F 39 55.41 10.99 -35.59
N GLY F 40 55.53 11.80 -36.62
CA GLY F 40 56.45 12.93 -36.57
C GLY F 40 56.29 13.75 -35.31
N PRO F 41 55.17 14.47 -35.15
CA PRO F 41 54.95 15.30 -33.95
C PRO F 41 54.83 14.49 -32.65
N LEU F 42 54.50 13.22 -32.77
CA LEU F 42 54.37 12.35 -31.60
C LEU F 42 55.74 12.10 -30.98
N ARG F 43 56.69 11.69 -31.81
CA ARG F 43 58.03 11.41 -31.32
C ARG F 43 58.65 12.64 -30.69
N GLU F 44 58.40 13.80 -31.29
CA GLU F 44 58.95 15.05 -30.78
C GLU F 44 58.45 15.32 -29.37
N ALA F 45 57.13 15.27 -29.19
CA ALA F 45 56.52 15.51 -27.89
C ALA F 45 57.00 14.50 -26.85
N ALA F 46 57.06 13.24 -27.24
CA ALA F 46 57.49 12.19 -26.34
C ALA F 46 58.94 12.33 -25.90
N GLU F 47 59.83 12.54 -26.87
CA GLU F 47 61.25 12.67 -26.58
C GLU F 47 61.57 13.88 -25.69
N ALA F 48 60.86 14.98 -25.90
CA ALA F 48 61.10 16.18 -25.12
C ALA F 48 60.69 16.02 -23.67
N VAL F 49 60.14 14.86 -23.34
CA VAL F 49 59.70 14.64 -21.96
C VAL F 49 60.18 13.30 -21.39
N GLY F 50 60.76 12.46 -22.24
CA GLY F 50 61.25 11.17 -21.78
C GLY F 50 60.18 10.09 -21.81
N ALA F 51 59.17 10.30 -22.64
CA ALA F 51 58.08 9.34 -22.78
C ALA F 51 58.41 8.41 -23.94
N HIS F 52 57.71 7.29 -24.00
CA HIS F 52 57.90 6.34 -25.08
C HIS F 52 56.74 6.53 -26.05
N PRO F 53 57.05 6.92 -27.30
CA PRO F 53 56.03 7.15 -28.33
C PRO F 53 55.52 5.88 -28.99
N VAL F 54 54.20 5.83 -29.17
CA VAL F 54 53.54 4.70 -29.81
C VAL F 54 52.38 5.22 -30.63
N VAL F 55 52.54 5.21 -31.95
CA VAL F 55 51.52 5.69 -32.86
C VAL F 55 50.26 4.85 -32.69
N ASP F 57 45.81 4.85 -33.73
CA ASP F 57 44.62 5.40 -34.35
C ASP F 57 43.44 4.89 -33.51
N VAL F 58 43.00 5.68 -32.53
CA VAL F 58 41.92 5.26 -31.64
C VAL F 58 40.65 4.84 -32.37
N ALA F 59 40.55 5.17 -33.65
CA ALA F 59 39.39 4.80 -34.44
C ALA F 59 39.56 3.41 -35.05
N ASP F 60 40.76 2.85 -34.92
CA ASP F 60 41.05 1.54 -35.48
C ASP F 60 41.28 0.50 -34.39
N PRO F 61 40.37 -0.48 -34.26
CA PRO F 61 40.44 -1.54 -33.27
C PRO F 61 41.81 -2.22 -33.20
N ALA F 62 42.34 -2.61 -34.35
CA ALA F 62 43.63 -3.28 -34.41
C ALA F 62 44.76 -2.33 -33.99
N SER F 63 44.65 -1.08 -34.38
CA SER F 63 45.65 -0.07 -34.04
C SER F 63 45.69 0.13 -32.52
N VAL F 64 44.51 0.17 -31.90
CA VAL F 64 44.41 0.35 -30.46
C VAL F 64 44.99 -0.87 -29.76
N GLU F 65 44.68 -2.04 -30.30
CA GLU F 65 45.16 -3.31 -29.74
C GLU F 65 46.68 -3.42 -29.81
N ARG F 66 47.27 -3.09 -30.95
CA ARG F 66 48.72 -3.15 -31.11
C ARG F 66 49.39 -2.16 -30.17
N GLY F 67 48.86 -0.94 -30.15
CA GLY F 67 49.40 0.10 -29.30
C GLY F 67 49.48 -0.29 -27.83
N PHE F 68 48.43 -0.89 -27.29
CA PHE F 68 48.46 -1.29 -25.88
C PHE F 68 49.42 -2.45 -25.64
N ALA F 69 49.58 -3.31 -26.66
CA ALA F 69 50.49 -4.43 -26.54
C ALA F 69 51.89 -3.85 -26.39
N GLU F 70 52.21 -2.86 -27.22
CA GLU F 70 53.52 -2.21 -27.13
C GLU F 70 53.68 -1.51 -25.80
N ALA F 71 52.65 -0.76 -25.42
CA ALA F 71 52.69 -0.03 -24.15
C ALA F 71 53.01 -1.00 -23.02
N LEU F 72 52.29 -2.12 -22.98
CA LEU F 72 52.49 -3.13 -21.94
C LEU F 72 53.86 -3.80 -21.99
N ALA F 73 54.37 -4.05 -23.19
CA ALA F 73 55.68 -4.66 -23.32
C ALA F 73 56.71 -3.70 -22.74
N HIS F 74 56.50 -2.42 -23.00
CA HIS F 74 57.41 -1.38 -22.51
C HIS F 74 57.23 -1.09 -21.02
N LEU F 75 55.99 -0.97 -20.58
CA LEU F 75 55.70 -0.65 -19.19
C LEU F 75 55.63 -1.84 -18.25
N GLY F 76 55.12 -2.96 -18.75
CA GLY F 76 55.00 -4.15 -17.94
C GLY F 76 53.73 -4.15 -17.12
N ARG F 77 53.13 -2.98 -16.95
CA ARG F 77 51.91 -2.82 -16.19
C ARG F 77 51.24 -1.50 -16.58
N LEU F 78 50.01 -1.30 -16.12
CA LEU F 78 49.30 -0.06 -16.40
C LEU F 78 48.66 0.38 -15.10
N ASP F 79 48.86 1.63 -14.73
CA ASP F 79 48.29 2.18 -13.51
C ASP F 79 47.23 3.19 -13.87
N GLY F 80 47.27 3.67 -15.10
CA GLY F 80 46.26 4.63 -15.50
C GLY F 80 46.33 4.99 -16.97
N VAL F 81 45.26 5.60 -17.47
CA VAL F 81 45.20 6.04 -18.84
C VAL F 81 44.35 7.30 -18.91
N VAL F 82 44.81 8.25 -19.70
CA VAL F 82 44.07 9.49 -19.91
C VAL F 82 43.81 9.53 -21.41
N HIS F 83 42.54 9.42 -21.79
CA HIS F 83 42.16 9.43 -23.19
C HIS F 83 41.59 10.77 -23.63
N TYR F 84 42.22 11.37 -24.64
CA TYR F 84 41.77 12.65 -25.17
C TYR F 84 41.23 12.53 -26.60
N ALA F 85 42.07 12.04 -27.52
CA ALA F 85 41.72 11.88 -28.93
C ALA F 85 40.25 12.10 -29.33
N GLY F 86 39.94 13.28 -29.85
CA GLY F 86 38.57 13.58 -30.26
C GLY F 86 38.50 14.45 -31.50
N ILE F 87 37.32 14.57 -32.11
CA ILE F 87 37.15 15.39 -33.33
C ILE F 87 35.77 16.02 -33.42
N THR F 88 35.65 17.04 -34.27
CA THR F 88 34.38 17.71 -34.48
C THR F 88 34.04 17.85 -35.96
N ARG F 89 32.76 17.97 -36.24
CA ARG F 89 32.24 18.14 -37.60
C ARG F 89 30.95 18.92 -37.41
N ASP F 90 31.07 20.17 -36.99
CA ASP F 90 29.92 21.02 -36.75
C ASP F 90 29.01 21.21 -37.93
N ASN F 91 27.74 21.43 -37.62
CA ASN F 91 26.70 21.68 -38.62
C ASN F 91 25.36 21.52 -37.93
N PHE F 92 24.40 22.36 -38.30
CA PHE F 92 23.06 22.23 -37.73
C PHE F 92 22.59 20.88 -38.28
N HIS F 93 21.81 20.15 -37.50
CA HIS F 93 21.40 18.81 -37.94
C HIS F 93 20.86 18.68 -39.37
N TRP F 94 20.10 19.67 -39.85
CA TRP F 94 19.56 19.59 -41.21
C TRP F 94 20.63 19.66 -42.30
N LYS F 95 21.80 20.19 -41.97
CA LYS F 95 22.89 20.29 -42.94
C LYS F 95 24.00 19.33 -42.60
N PRO F 97 25.74 15.93 -42.83
CA PRO F 97 25.78 14.68 -43.62
C PRO F 97 25.99 13.45 -42.74
N LEU F 98 25.26 12.38 -43.03
CA LEU F 98 25.35 11.14 -42.26
C LEU F 98 26.81 10.75 -41.99
N GLU F 99 27.67 10.89 -43.00
CA GLU F 99 29.07 10.52 -42.83
C GLU F 99 29.73 11.28 -41.68
N ASP F 100 29.40 12.57 -41.56
CA ASP F 100 29.96 13.42 -40.50
C ASP F 100 29.47 12.97 -39.13
N TRP F 101 28.21 12.57 -39.05
CA TRP F 101 27.64 12.09 -37.80
C TRP F 101 28.33 10.80 -37.40
N GLU F 102 28.44 9.87 -38.34
CA GLU F 102 29.06 8.59 -38.04
C GLU F 102 30.55 8.65 -37.79
N LEU F 103 31.24 9.67 -38.30
CA LEU F 103 32.67 9.75 -38.08
C LEU F 103 32.98 10.17 -36.65
N VAL F 104 32.34 11.23 -36.16
CA VAL F 104 32.60 11.69 -34.80
C VAL F 104 32.19 10.63 -33.77
N LEU F 105 31.15 9.85 -34.08
CA LEU F 105 30.74 8.81 -33.13
C LEU F 105 31.77 7.70 -33.12
N ARG F 106 32.20 7.27 -34.29
CA ARG F 106 33.19 6.21 -34.40
C ARG F 106 34.49 6.60 -33.68
N VAL F 107 34.93 7.84 -33.92
CA VAL F 107 36.17 8.33 -33.33
C VAL F 107 36.04 8.72 -31.87
N ASN F 108 35.02 9.50 -31.53
CA ASN F 108 34.85 9.93 -30.15
C ASN F 108 34.23 8.92 -29.19
N LEU F 109 33.10 8.35 -29.57
CA LEU F 109 32.42 7.38 -28.71
C LEU F 109 33.00 5.97 -28.79
N THR F 110 33.10 5.41 -29.98
CA THR F 110 33.65 4.07 -30.11
C THR F 110 35.14 4.08 -29.79
N GLY F 111 35.80 5.18 -30.11
CA GLY F 111 37.22 5.29 -29.83
C GLY F 111 37.45 5.15 -28.33
N SER F 112 36.66 5.88 -27.55
CA SER F 112 36.77 5.84 -26.09
C SER F 112 36.46 4.44 -25.57
N PHE F 113 35.55 3.75 -26.24
CA PHE F 113 35.21 2.40 -25.84
C PHE F 113 36.42 1.51 -26.05
N LEU F 114 37.03 1.61 -27.22
CA LEU F 114 38.19 0.80 -27.55
C LEU F 114 39.33 1.02 -26.58
N VAL F 115 39.66 2.28 -26.32
CA VAL F 115 40.74 2.60 -25.41
C VAL F 115 40.44 2.21 -23.97
N ALA F 116 39.22 2.49 -23.50
CA ALA F 116 38.86 2.13 -22.14
C ALA F 116 38.86 0.61 -21.98
N LYS F 117 38.39 -0.09 -23.00
CA LYS F 117 38.35 -1.54 -22.93
C LYS F 117 39.76 -2.08 -22.82
N ALA F 118 40.66 -1.59 -23.67
CA ALA F 118 42.05 -2.02 -23.66
C ALA F 118 42.66 -1.73 -22.29
N ALA F 119 42.50 -0.49 -21.83
CA ALA F 119 43.02 -0.10 -20.54
C ALA F 119 42.56 -1.04 -19.43
N SER F 120 41.25 -1.33 -19.45
CA SER F 120 40.64 -2.22 -18.47
C SER F 120 41.22 -3.62 -18.53
N GLU F 121 41.35 -4.15 -19.74
CA GLU F 121 41.88 -5.49 -19.92
C GLU F 121 43.30 -5.58 -19.35
N ALA F 122 44.05 -4.50 -19.45
CA ALA F 122 45.42 -4.47 -18.95
C ALA F 122 45.49 -4.37 -17.42
N ARG F 124 42.31 -5.01 -15.05
CA ARG F 124 41.37 -5.86 -14.31
C ARG F 124 41.99 -7.15 -13.79
N GLU F 125 41.87 -7.35 -12.48
CA GLU F 125 42.39 -8.52 -11.79
C GLU F 125 43.92 -8.57 -11.72
N LYS F 126 44.57 -7.49 -12.14
CA LYS F 126 46.03 -7.43 -12.08
C LYS F 126 46.46 -6.39 -11.06
N ASN F 127 45.79 -5.24 -11.07
CA ASN F 127 46.12 -4.18 -10.12
C ASN F 127 45.08 -3.06 -10.17
N PRO F 128 45.00 -2.26 -9.09
CA PRO F 128 44.06 -1.15 -9.05
C PRO F 128 44.55 -0.09 -10.02
N GLY F 129 43.66 0.83 -10.40
CA GLY F 129 44.06 1.86 -11.33
C GLY F 129 42.98 2.88 -11.59
N SER F 130 43.32 3.88 -12.41
CA SER F 130 42.40 4.95 -12.73
C SER F 130 42.34 5.23 -14.24
N ILE F 131 41.13 5.28 -14.76
CA ILE F 131 40.90 5.53 -16.18
C ILE F 131 40.15 6.86 -16.35
N VAL F 132 40.77 7.80 -17.04
CA VAL F 132 40.16 9.10 -17.28
C VAL F 132 39.80 9.26 -18.76
N LEU F 133 38.50 9.40 -19.02
CA LEU F 133 38.03 9.58 -20.39
C LEU F 133 37.59 11.03 -20.52
N THR F 134 37.89 11.62 -21.67
CA THR F 134 37.55 13.01 -21.88
C THR F 134 36.29 13.22 -22.70
N ALA F 135 35.32 13.91 -22.09
CA ALA F 135 34.09 14.22 -22.78
C ALA F 135 34.16 15.69 -23.13
N SER F 136 33.13 16.44 -22.77
CA SER F 136 33.09 17.87 -23.06
C SER F 136 31.87 18.49 -22.43
N ARG F 137 31.97 19.76 -22.10
CA ARG F 137 30.85 20.47 -21.51
C ARG F 137 29.68 20.44 -22.50
N VAL F 138 29.98 20.23 -23.79
CA VAL F 138 28.97 20.20 -24.84
C VAL F 138 28.04 18.98 -24.79
N TYR F 139 28.40 17.96 -24.01
CA TYR F 139 27.57 16.76 -23.90
C TYR F 139 26.18 17.12 -23.41
N LEU F 140 26.03 18.34 -22.91
CA LEU F 140 24.75 18.84 -22.43
C LEU F 140 23.96 19.47 -23.56
N GLY F 141 24.52 19.41 -24.77
CA GLY F 141 23.85 20.00 -25.92
C GLY F 141 24.43 21.35 -26.28
N ASN F 142 24.60 21.58 -27.57
CA ASN F 142 25.15 22.85 -28.04
C ASN F 142 24.83 23.01 -29.52
N LEU F 143 24.46 24.21 -29.92
CA LEU F 143 24.10 24.47 -31.31
C LEU F 143 25.17 24.06 -32.32
N GLY F 144 24.72 23.45 -33.41
CA GLY F 144 25.59 23.02 -34.47
C GLY F 144 26.48 21.82 -34.12
N GLN F 145 26.22 21.21 -32.98
CA GLN F 145 27.03 20.08 -32.53
C GLN F 145 26.29 18.82 -32.09
N ALA F 146 25.22 18.48 -32.79
CA ALA F 146 24.44 17.30 -32.44
C ALA F 146 25.31 16.03 -32.32
N ASN F 147 26.22 15.85 -33.28
CA ASN F 147 27.09 14.68 -33.29
C ASN F 147 28.13 14.68 -32.17
N TYR F 148 28.75 15.83 -31.94
CA TYR F 148 29.76 15.93 -30.89
C TYR F 148 29.07 15.76 -29.55
N ALA F 149 27.94 16.43 -29.36
CA ALA F 149 27.18 16.34 -28.11
C ALA F 149 26.76 14.89 -27.82
N ALA F 150 26.19 14.22 -28.82
CA ALA F 150 25.78 12.83 -28.62
C ALA F 150 26.96 11.91 -28.30
N SER F 151 28.06 12.07 -29.03
CA SER F 151 29.23 11.23 -28.81
C SER F 151 29.78 11.43 -27.39
N ALA F 153 28.17 12.73 -24.86
CA ALA F 153 27.17 12.32 -23.89
C ALA F 153 27.23 10.80 -23.77
N GLY F 154 27.64 10.15 -24.84
CA GLY F 154 27.76 8.69 -24.83
C GLY F 154 28.94 8.28 -23.96
N VAL F 155 30.01 9.07 -24.00
CA VAL F 155 31.20 8.80 -23.20
C VAL F 155 30.86 8.86 -21.72
N VAL F 156 30.08 9.87 -21.32
CA VAL F 156 29.68 9.99 -19.92
C VAL F 156 28.93 8.72 -19.51
N GLY F 157 28.02 8.25 -20.36
CA GLY F 157 27.28 7.05 -20.07
C GLY F 157 28.20 5.84 -19.99
N LEU F 158 29.26 5.86 -20.80
CA LEU F 158 30.23 4.77 -20.83
C LEU F 158 31.03 4.78 -19.53
N THR F 159 31.49 5.96 -19.14
CA THR F 159 32.26 6.11 -17.92
C THR F 159 31.48 5.61 -16.71
N ARG F 160 30.21 5.97 -16.61
CA ARG F 160 29.40 5.53 -15.48
C ARG F 160 29.24 4.01 -15.45
N THR F 161 29.00 3.41 -16.61
CA THR F 161 28.85 1.96 -16.66
C THR F 161 30.17 1.29 -16.27
N LEU F 162 31.27 1.73 -16.86
CA LEU F 162 32.57 1.14 -16.56
C LEU F 162 32.87 1.24 -15.08
N ALA F 163 32.59 2.41 -14.49
CA ALA F 163 32.85 2.61 -13.07
C ALA F 163 32.08 1.59 -12.24
N LEU F 164 30.84 1.31 -12.63
CA LEU F 164 30.04 0.35 -11.89
C LEU F 164 30.62 -1.06 -12.02
N GLU F 165 31.10 -1.39 -13.21
CA GLU F 165 31.65 -2.72 -13.46
C GLU F 165 33.05 -2.96 -12.95
N LEU F 166 33.87 -1.91 -12.86
CA LEU F 166 35.26 -2.05 -12.42
C LEU F 166 35.55 -1.68 -10.98
N GLY F 167 34.57 -1.09 -10.31
CA GLY F 167 34.76 -0.67 -8.93
C GLY F 167 35.29 -1.73 -7.99
N ARG F 168 34.75 -2.94 -8.07
CA ARG F 168 35.18 -4.03 -7.20
C ARG F 168 36.63 -4.46 -7.44
N TRP F 169 37.18 -4.08 -8.58
CA TRP F 169 38.56 -4.45 -8.91
C TRP F 169 39.53 -3.33 -8.56
N GLY F 170 39.02 -2.29 -7.91
CA GLY F 170 39.87 -1.17 -7.53
C GLY F 170 40.23 -0.26 -8.69
N ILE F 171 39.48 -0.36 -9.78
CA ILE F 171 39.72 0.46 -10.96
C ILE F 171 38.69 1.57 -11.08
N ARG F 172 39.15 2.81 -10.93
CA ARG F 172 38.26 3.97 -11.02
C ARG F 172 38.13 4.49 -12.47
N VAL F 173 36.93 4.97 -12.80
CA VAL F 173 36.70 5.51 -14.13
C VAL F 173 36.02 6.86 -13.97
N ASN F 174 36.60 7.89 -14.57
CA ASN F 174 36.05 9.23 -14.47
C ASN F 174 36.16 9.98 -15.80
N THR F 175 35.31 10.99 -15.97
CA THR F 175 35.27 11.77 -17.19
C THR F 175 35.55 13.27 -17.02
N LEU F 176 36.41 13.80 -17.89
CA LEU F 176 36.73 15.21 -17.87
C LEU F 176 35.77 15.88 -18.85
N ALA F 177 35.26 17.05 -18.47
CA ALA F 177 34.34 17.80 -19.32
C ALA F 177 34.93 19.18 -19.51
N PRO F 178 35.97 19.31 -20.36
CA PRO F 178 36.54 20.66 -20.54
C PRO F 178 35.57 21.60 -21.23
N GLY F 179 35.76 22.89 -20.98
CA GLY F 179 34.90 23.88 -21.60
C GLY F 179 35.63 24.43 -22.80
N PHE F 180 35.68 25.75 -22.89
CA PHE F 180 36.38 26.42 -23.97
C PHE F 180 37.85 26.62 -23.60
N ILE F 181 38.72 25.85 -24.25
CA ILE F 181 40.16 25.92 -23.97
C ILE F 181 40.89 26.39 -25.23
N GLU F 182 41.73 27.42 -25.09
CA GLU F 182 42.49 27.92 -26.23
C GLU F 182 43.94 27.46 -26.21
N THR F 183 44.25 26.50 -27.07
CA THR F 183 45.61 25.97 -27.19
C THR F 183 46.34 26.86 -28.18
N ARG F 184 47.60 27.16 -27.87
CA ARG F 184 48.43 28.03 -28.69
C ARG F 184 48.56 27.72 -30.18
N THR F 186 46.44 26.18 -32.10
CA THR F 186 45.13 25.89 -32.66
C THR F 186 44.51 27.10 -33.34
N ALA F 187 43.91 26.88 -34.51
CA ALA F 187 43.27 27.95 -35.26
C ALA F 187 42.32 28.70 -34.35
N LYS F 188 41.93 29.91 -34.74
CA LYS F 188 41.03 30.70 -33.91
C LYS F 188 39.58 30.53 -34.34
N VAL F 189 38.67 30.48 -33.37
CA VAL F 189 37.25 30.35 -33.68
C VAL F 189 36.82 31.74 -34.12
N PRO F 190 35.81 31.84 -34.99
CA PRO F 190 35.35 33.15 -35.45
C PRO F 190 35.17 34.12 -34.28
N GLU F 191 35.26 35.42 -34.55
CA GLU F 191 35.15 36.40 -33.48
C GLU F 191 33.84 36.38 -32.72
N LYS F 192 32.74 36.08 -33.39
CA LYS F 192 31.44 36.04 -32.72
C LYS F 192 31.34 34.87 -31.75
N VAL F 193 31.98 33.76 -32.09
CA VAL F 193 31.97 32.58 -31.23
C VAL F 193 32.78 32.81 -29.95
N ARG F 194 34.00 33.31 -30.10
CA ARG F 194 34.84 33.59 -28.94
C ARG F 194 34.17 34.52 -27.94
N GLU F 195 33.60 35.62 -28.43
CA GLU F 195 32.94 36.61 -27.57
C GLU F 195 31.79 35.99 -26.79
N LYS F 196 31.03 35.14 -27.47
CA LYS F 196 29.89 34.46 -26.87
C LYS F 196 30.35 33.44 -25.84
N ALA F 197 31.50 32.83 -26.08
CA ALA F 197 32.03 31.82 -25.18
C ALA F 197 32.42 32.50 -23.87
N ILE F 198 33.32 33.47 -23.97
CA ILE F 198 33.78 34.19 -22.80
C ILE F 198 32.64 34.84 -22.03
N ALA F 199 31.70 35.45 -22.74
CA ALA F 199 30.57 36.10 -22.09
C ALA F 199 29.76 35.12 -21.25
N ALA F 200 29.74 33.86 -21.67
CA ALA F 200 28.98 32.82 -20.96
C ALA F 200 29.80 32.10 -19.89
N THR F 201 31.02 32.56 -19.67
CA THR F 201 31.90 31.95 -18.69
C THR F 201 32.11 32.85 -17.46
N PRO F 202 31.54 32.45 -16.31
CA PRO F 202 31.68 33.24 -15.09
C PRO F 202 33.10 33.71 -14.81
N LEU F 203 34.09 32.85 -15.05
CA LEU F 203 35.49 33.24 -14.82
C LEU F 203 35.99 34.26 -15.84
N GLY F 204 35.20 34.54 -16.86
CA GLY F 204 35.53 35.54 -17.86
C GLY F 204 36.76 35.36 -18.73
N ARG F 205 37.16 34.12 -19.01
CA ARG F 205 38.32 33.87 -19.86
C ARG F 205 38.26 32.45 -20.41
N ALA F 206 39.14 32.14 -21.35
CA ALA F 206 39.20 30.82 -21.93
C ALA F 206 40.08 30.02 -20.99
N GLY F 207 39.98 28.69 -21.08
CA GLY F 207 40.79 27.84 -20.24
C GLY F 207 42.10 27.52 -20.91
N LYS F 208 43.07 27.07 -20.12
CA LYS F 208 44.37 26.72 -20.68
C LYS F 208 44.56 25.22 -20.56
N PRO F 209 45.24 24.61 -21.52
CA PRO F 209 45.44 23.16 -21.45
C PRO F 209 46.01 22.63 -20.13
N LEU F 210 46.93 23.37 -19.51
CA LEU F 210 47.52 22.91 -18.25
C LEU F 210 46.43 22.71 -17.18
N GLU F 211 45.42 23.57 -17.20
CA GLU F 211 44.33 23.50 -16.25
C GLU F 211 43.56 22.19 -16.39
N VAL F 212 43.39 21.73 -17.62
CA VAL F 212 42.72 20.46 -17.87
C VAL F 212 43.66 19.35 -17.45
N ALA F 213 44.95 19.59 -17.63
CA ALA F 213 45.99 18.62 -17.27
C ALA F 213 45.96 18.36 -15.76
N TYR F 214 45.82 19.42 -14.97
CA TYR F 214 45.80 19.26 -13.52
C TYR F 214 44.60 18.44 -13.09
N ALA F 215 43.47 18.65 -13.75
CA ALA F 215 42.25 17.91 -13.45
C ALA F 215 42.48 16.43 -13.70
N ALA F 216 43.22 16.13 -14.78
CA ALA F 216 43.54 14.75 -15.14
C ALA F 216 44.50 14.18 -14.09
N LEU F 217 45.46 15.00 -13.66
CA LEU F 217 46.43 14.61 -12.66
C LEU F 217 45.69 14.15 -11.39
N PHE F 218 44.75 14.97 -10.96
CA PHE F 218 43.94 14.68 -9.77
C PHE F 218 43.18 13.34 -9.88
N LEU F 219 42.47 13.15 -10.98
CA LEU F 219 41.69 11.93 -11.16
C LEU F 219 42.53 10.68 -11.36
N LEU F 220 43.75 10.81 -11.87
CA LEU F 220 44.58 9.64 -12.09
C LEU F 220 45.42 9.27 -10.86
N SER F 221 45.77 10.28 -10.05
CA SER F 221 46.58 10.06 -8.85
C SER F 221 45.76 9.44 -7.72
N ASP F 222 46.45 8.95 -6.69
CA ASP F 222 45.79 8.31 -5.56
C ASP F 222 45.02 9.30 -4.67
N GLU F 223 45.11 10.57 -5.00
CA GLU F 223 44.41 11.59 -4.23
C GLU F 223 42.91 11.54 -4.47
N SER F 224 42.50 10.94 -5.58
CA SER F 224 41.09 10.82 -5.91
C SER F 224 40.67 9.36 -5.75
N SER F 225 41.42 8.63 -4.94
CA SER F 225 41.18 7.22 -4.68
C SER F 225 39.74 6.84 -4.33
N PHE F 226 38.98 7.75 -3.76
CA PHE F 226 37.60 7.43 -3.41
C PHE F 226 36.58 8.08 -4.35
N ILE F 227 37.06 8.53 -5.52
CA ILE F 227 36.21 9.18 -6.51
C ILE F 227 36.13 8.36 -7.80
N THR F 228 34.92 8.02 -8.22
CA THR F 228 34.73 7.23 -9.44
C THR F 228 33.33 7.45 -10.04
N GLY F 229 33.25 7.33 -11.36
CA GLY F 229 31.98 7.54 -12.05
C GLY F 229 31.56 9.00 -12.08
N GLN F 230 32.53 9.91 -11.93
CA GLN F 230 32.27 11.34 -11.92
C GLN F 230 32.59 12.09 -13.21
N VAL F 231 31.89 13.21 -13.39
CA VAL F 231 32.08 14.08 -14.54
C VAL F 231 32.62 15.37 -13.95
N LEU F 232 33.89 15.65 -14.21
CA LEU F 232 34.50 16.86 -13.71
C LEU F 232 34.55 17.92 -14.80
N PHE F 233 33.81 19.01 -14.61
CA PHE F 233 33.79 20.09 -15.58
C PHE F 233 34.93 21.07 -15.37
N VAL F 234 35.70 21.33 -16.42
CA VAL F 234 36.80 22.30 -16.34
C VAL F 234 36.39 23.28 -17.43
N ASP F 235 35.39 24.09 -17.11
CA ASP F 235 34.85 25.05 -18.07
C ASP F 235 34.68 26.45 -17.52
N GLY F 236 35.28 26.72 -16.37
CA GLY F 236 35.18 28.03 -15.77
C GLY F 236 33.76 28.45 -15.41
N GLY F 237 32.88 27.47 -15.20
CA GLY F 237 31.52 27.78 -14.83
C GLY F 237 30.56 28.03 -15.97
N ARG F 238 31.03 27.85 -17.20
CA ARG F 238 30.21 28.05 -18.39
C ARG F 238 28.94 27.22 -18.39
N THR F 239 28.97 26.09 -17.68
CA THR F 239 27.83 25.19 -17.64
C THR F 239 26.92 25.33 -16.41
N ILE F 240 27.15 26.35 -15.58
CA ILE F 240 26.30 26.50 -14.40
C ILE F 240 24.87 26.90 -14.78
N GLY F 241 24.70 27.62 -15.89
CA GLY F 241 23.37 28.05 -16.28
C GLY F 241 23.01 28.20 -17.77
N ALA F 242 23.90 27.81 -18.68
CA ALA F 242 23.63 27.93 -20.12
C ALA F 242 23.45 29.39 -20.57
N ARG G 2 -7.01 14.76 -27.23
CA ARG G 2 -5.84 15.60 -27.17
C ARG G 2 -4.98 15.57 -28.43
N LEU G 3 -5.28 14.65 -29.34
CA LEU G 3 -4.51 14.54 -30.57
C LEU G 3 -5.44 14.62 -31.77
N LYS G 4 -6.53 15.35 -31.59
CA LYS G 4 -7.54 15.51 -32.64
C LYS G 4 -6.99 15.88 -34.02
N ASP G 5 -7.08 14.94 -34.95
CA ASP G 5 -6.63 15.15 -36.32
C ASP G 5 -5.13 15.44 -36.46
N LYS G 6 -4.36 15.18 -35.40
CA LYS G 6 -2.93 15.42 -35.49
C LYS G 6 -2.25 14.28 -36.24
N ALA G 7 -1.36 14.62 -37.17
CA ALA G 7 -0.62 13.62 -37.93
C ALA G 7 0.58 13.16 -37.10
N VAL G 8 0.58 11.89 -36.71
CA VAL G 8 1.65 11.32 -35.89
C VAL G 8 2.25 10.02 -36.44
N LEU G 9 3.56 9.89 -36.30
CA LEU G 9 4.26 8.69 -36.74
C LEU G 9 4.92 8.10 -35.51
N ILE G 10 4.94 6.77 -35.45
CA ILE G 10 5.53 6.05 -34.33
C ILE G 10 6.40 4.91 -34.83
N THR G 11 7.59 4.75 -34.24
CA THR G 11 8.47 3.67 -34.63
C THR G 11 8.39 2.59 -33.56
N GLY G 12 8.75 1.36 -33.92
CA GLY G 12 8.66 0.27 -32.96
C GLY G 12 7.22 0.16 -32.50
N ALA G 13 6.29 0.50 -33.39
CA ALA G 13 4.86 0.49 -33.10
C ALA G 13 4.24 -0.90 -32.94
N ALA G 14 4.93 -1.95 -33.39
CA ALA G 14 4.39 -3.30 -33.27
C ALA G 14 4.72 -3.95 -31.93
N HIS G 15 5.66 -3.36 -31.20
CA HIS G 15 6.09 -3.87 -29.90
C HIS G 15 5.25 -3.34 -28.74
N GLY G 16 5.49 -3.90 -27.55
CA GLY G 16 4.78 -3.52 -26.35
C GLY G 16 4.42 -2.06 -26.17
N ILE G 17 5.42 -1.23 -25.91
CA ILE G 17 5.17 0.20 -25.70
C ILE G 17 4.62 0.91 -26.94
N GLY G 18 5.16 0.60 -28.10
CA GLY G 18 4.68 1.22 -29.33
C GLY G 18 3.21 0.88 -29.57
N ARG G 19 2.87 -0.38 -29.42
CA ARG G 19 1.50 -0.82 -29.62
C ARG G 19 0.54 -0.13 -28.66
N ALA G 20 0.94 -0.01 -27.40
CA ALA G 20 0.08 0.61 -26.41
C ALA G 20 -0.13 2.08 -26.73
N THR G 21 0.90 2.70 -27.31
CA THR G 21 0.86 4.09 -27.69
C THR G 21 -0.04 4.30 -28.92
N LEU G 22 -0.05 3.31 -29.81
CA LEU G 22 -0.90 3.40 -31.01
C LEU G 22 -2.35 3.43 -30.55
N GLU G 23 -2.70 2.49 -29.67
CA GLU G 23 -4.05 2.41 -29.14
C GLU G 23 -4.47 3.73 -28.49
N LEU G 24 -3.65 4.26 -27.60
CA LEU G 24 -3.94 5.51 -26.92
C LEU G 24 -4.10 6.66 -27.92
N PHE G 25 -3.10 6.82 -28.79
CA PHE G 25 -3.14 7.90 -29.76
C PHE G 25 -4.32 7.79 -30.71
N ALA G 26 -4.77 6.57 -30.99
CA ALA G 26 -5.92 6.39 -31.86
C ALA G 26 -7.17 6.90 -31.16
N LYS G 27 -7.34 6.56 -29.88
CA LYS G 27 -8.52 7.02 -29.14
C LYS G 27 -8.45 8.53 -29.02
N GLU G 28 -7.24 9.07 -28.96
CA GLU G 28 -7.07 10.51 -28.84
C GLU G 28 -7.25 11.26 -30.16
N GLY G 29 -7.75 10.54 -31.17
CA GLY G 29 -8.03 11.15 -32.46
C GLY G 29 -6.93 11.43 -33.47
N ALA G 30 -5.78 10.79 -33.30
CA ALA G 30 -4.65 11.03 -34.22
C ALA G 30 -4.78 10.28 -35.54
N ARG G 31 -4.11 10.82 -36.56
CA ARG G 31 -4.07 10.19 -37.88
C ARG G 31 -2.70 9.55 -37.81
N LEU G 32 -2.67 8.27 -37.53
CA LEU G 32 -1.41 7.56 -37.34
C LEU G 32 -0.77 6.78 -38.47
N VAL G 33 0.55 6.75 -38.41
CA VAL G 33 1.38 5.99 -39.32
C VAL G 33 2.22 5.11 -38.36
N ALA G 34 2.04 3.80 -38.45
CA ALA G 34 2.76 2.88 -37.58
C ALA G 34 3.97 2.32 -38.30
N CYS G 35 5.14 2.43 -37.68
CA CYS G 35 6.38 1.95 -38.27
C CYS G 35 7.11 0.91 -37.43
N ASP G 36 7.54 -0.17 -38.06
CA ASP G 36 8.29 -1.20 -37.38
C ASP G 36 8.97 -2.11 -38.40
N ILE G 37 9.91 -2.94 -37.93
CA ILE G 37 10.72 -3.80 -38.78
C ILE G 37 10.09 -5.04 -39.44
N GLU G 38 9.17 -5.72 -38.76
CA GLU G 38 8.55 -6.92 -39.34
C GLU G 38 7.14 -6.62 -39.82
N GLU G 39 6.95 -6.69 -41.14
CA GLU G 39 5.66 -6.39 -41.75
C GLU G 39 4.47 -7.15 -41.20
N GLY G 40 4.64 -8.45 -41.02
CA GLY G 40 3.55 -9.28 -40.50
C GLY G 40 2.91 -8.69 -39.26
N PRO G 41 3.62 -8.67 -38.12
CA PRO G 41 3.05 -8.12 -36.89
C PRO G 41 2.82 -6.60 -36.92
N LEU G 42 3.39 -5.91 -37.91
CA LEU G 42 3.19 -4.47 -38.02
C LEU G 42 1.79 -4.21 -38.59
N ARG G 43 1.44 -4.94 -39.66
CA ARG G 43 0.13 -4.77 -40.29
C ARG G 43 -0.99 -5.08 -39.30
N GLU G 44 -0.77 -6.09 -38.47
CA GLU G 44 -1.74 -6.51 -37.46
C GLU G 44 -1.99 -5.38 -36.46
N ALA G 45 -0.90 -4.85 -35.91
CA ALA G 45 -1.00 -3.78 -34.93
C ALA G 45 -1.63 -2.52 -35.49
N ALA G 46 -1.27 -2.16 -36.72
CA ALA G 46 -1.80 -0.95 -37.35
C ALA G 46 -3.28 -1.07 -37.66
N GLU G 47 -3.65 -2.18 -38.30
CA GLU G 47 -5.04 -2.40 -38.66
C GLU G 47 -5.99 -2.41 -37.47
N ALA G 48 -5.56 -3.01 -36.37
CA ALA G 48 -6.40 -3.08 -35.18
C ALA G 48 -6.76 -1.70 -34.65
N VAL G 49 -6.01 -0.69 -35.07
CA VAL G 49 -6.22 0.67 -34.60
C VAL G 49 -6.54 1.67 -35.74
N GLY G 50 -6.55 1.17 -36.97
CA GLY G 50 -6.82 2.04 -38.10
C GLY G 50 -5.64 2.90 -38.51
N ALA G 51 -4.43 2.46 -38.17
CA ALA G 51 -3.22 3.20 -38.52
C ALA G 51 -2.67 2.69 -39.86
N HIS G 52 -1.91 3.53 -40.55
CA HIS G 52 -1.32 3.14 -41.82
C HIS G 52 0.06 2.53 -41.59
N PRO G 53 0.24 1.25 -41.95
CA PRO G 53 1.51 0.54 -41.75
C PRO G 53 2.59 0.88 -42.79
N VAL G 54 3.78 1.17 -42.28
CA VAL G 54 4.93 1.51 -43.11
C VAL G 54 6.15 0.80 -42.52
N VAL G 55 6.60 -0.26 -43.18
CA VAL G 55 7.74 -1.00 -42.68
C VAL G 55 8.99 -0.14 -42.72
N ASP G 57 13.23 0.28 -41.16
CA ASP G 57 14.42 -0.20 -40.46
C ASP G 57 15.14 1.10 -40.07
N VAL G 58 14.89 1.56 -38.84
CA VAL G 58 15.48 2.81 -38.37
C VAL G 58 17.00 2.82 -38.42
N ALA G 59 17.59 1.65 -38.66
CA ALA G 59 19.04 1.54 -38.73
C ALA G 59 19.55 1.82 -40.14
N ASP G 60 18.64 1.89 -41.10
CA ASP G 60 18.97 2.10 -42.50
C ASP G 60 18.48 3.47 -43.00
N PRO G 61 19.42 4.35 -43.39
CA PRO G 61 19.12 5.69 -43.88
C PRO G 61 18.06 5.72 -44.99
N ALA G 62 18.20 4.82 -45.96
CA ALA G 62 17.28 4.76 -47.09
C ALA G 62 15.89 4.29 -46.65
N SER G 63 15.85 3.31 -45.75
CA SER G 63 14.58 2.80 -45.25
C SER G 63 13.85 3.91 -44.52
N VAL G 64 14.58 4.68 -43.73
CA VAL G 64 13.98 5.77 -42.99
C VAL G 64 13.44 6.80 -43.95
N GLU G 65 14.26 7.15 -44.92
CA GLU G 65 13.89 8.14 -45.92
C GLU G 65 12.61 7.75 -46.68
N ARG G 66 12.59 6.53 -47.22
CA ARG G 66 11.42 6.05 -47.95
C ARG G 66 10.21 6.07 -47.04
N GLY G 67 10.39 5.53 -45.83
CA GLY G 67 9.32 5.46 -44.87
C GLY G 67 8.65 6.80 -44.65
N PHE G 68 9.45 7.85 -44.43
CA PHE G 68 8.90 9.18 -44.19
C PHE G 68 8.23 9.79 -45.42
N ALA G 69 8.72 9.44 -46.61
CA ALA G 69 8.10 9.98 -47.83
C ALA G 69 6.70 9.36 -47.93
N GLU G 70 6.61 8.08 -47.59
CA GLU G 70 5.32 7.40 -47.61
C GLU G 70 4.38 8.04 -46.59
N ALA G 71 4.87 8.22 -45.37
CA ALA G 71 4.08 8.81 -44.30
C ALA G 71 3.54 10.18 -44.70
N LEU G 72 4.40 11.00 -45.29
CA LEU G 72 3.98 12.33 -45.71
C LEU G 72 2.96 12.28 -46.85
N ALA G 73 3.12 11.31 -47.74
CA ALA G 73 2.19 11.19 -48.86
C ALA G 73 0.83 10.79 -48.30
N HIS G 74 0.83 10.02 -47.22
CA HIS G 74 -0.41 9.59 -46.61
C HIS G 74 -1.01 10.61 -45.64
N LEU G 75 -0.14 11.25 -44.85
CA LEU G 75 -0.61 12.25 -43.87
C LEU G 75 -0.67 13.67 -44.44
N GLY G 76 0.32 14.03 -45.24
CA GLY G 76 0.35 15.36 -45.84
C GLY G 76 1.00 16.39 -44.92
N ARG G 77 1.41 15.96 -43.74
CA ARG G 77 2.05 16.85 -42.77
C ARG G 77 2.42 15.98 -41.58
N LEU G 78 3.21 16.52 -40.67
CA LEU G 78 3.60 15.78 -39.47
C LEU G 78 3.51 16.70 -38.28
N ASP G 79 2.66 16.33 -37.34
CA ASP G 79 2.48 17.13 -36.15
C ASP G 79 3.37 16.65 -35.03
N GLY G 80 3.66 15.35 -35.04
CA GLY G 80 4.53 14.78 -34.02
C GLY G 80 5.04 13.39 -34.37
N VAL G 81 6.13 13.01 -33.72
CA VAL G 81 6.74 11.71 -33.94
C VAL G 81 7.18 11.12 -32.61
N VAL G 82 6.92 9.84 -32.40
CA VAL G 82 7.37 9.20 -31.18
C VAL G 82 8.23 8.03 -31.62
N HIS G 83 9.50 8.08 -31.23
CA HIS G 83 10.48 7.06 -31.60
C HIS G 83 10.76 6.08 -30.45
N TYR G 84 10.50 4.80 -30.71
CA TYR G 84 10.70 3.73 -29.71
C TYR G 84 11.74 2.68 -30.11
N ALA G 85 11.85 2.40 -31.40
CA ALA G 85 12.80 1.40 -31.91
C ALA G 85 14.13 1.38 -31.14
N GLY G 86 14.49 0.22 -30.59
CA GLY G 86 15.74 0.09 -29.85
C GLY G 86 16.10 -1.36 -29.55
N ILE G 87 17.37 -1.62 -29.23
CA ILE G 87 17.83 -2.97 -28.92
C ILE G 87 18.89 -3.00 -27.84
N THR G 88 19.10 -4.18 -27.25
CA THR G 88 20.13 -4.36 -26.23
C THR G 88 21.00 -5.57 -26.56
N ARG G 89 22.22 -5.55 -26.02
CA ARG G 89 23.19 -6.61 -26.23
C ARG G 89 24.03 -6.58 -24.97
N ASP G 90 23.44 -7.01 -23.86
CA ASP G 90 24.12 -7.02 -22.57
C ASP G 90 25.37 -7.88 -22.48
N ASN G 91 26.30 -7.43 -21.64
CA ASN G 91 27.57 -8.10 -21.40
C ASN G 91 28.49 -7.11 -20.68
N PHE G 92 29.25 -7.60 -19.71
CA PHE G 92 30.19 -6.73 -19.03
C PHE G 92 31.13 -6.30 -20.15
N HIS G 93 31.71 -5.11 -20.06
CA HIS G 93 32.55 -4.61 -21.13
C HIS G 93 33.69 -5.54 -21.54
N TRP G 94 34.33 -6.22 -20.60
CA TRP G 94 35.43 -7.10 -20.95
C TRP G 94 35.00 -8.32 -21.79
N LYS G 95 33.70 -8.62 -21.83
CA LYS G 95 33.22 -9.75 -22.63
C LYS G 95 32.33 -9.27 -23.78
N PRO G 97 31.79 -7.99 -27.42
CA PRO G 97 32.45 -7.93 -28.72
C PRO G 97 32.14 -6.62 -29.46
N LEU G 98 33.15 -6.06 -30.12
CA LEU G 98 32.99 -4.80 -30.84
C LEU G 98 31.66 -4.74 -31.58
N GLU G 99 31.42 -5.74 -32.42
CA GLU G 99 30.19 -5.83 -33.21
C GLU G 99 28.95 -5.53 -32.38
N ASP G 100 28.87 -6.09 -31.17
CA ASP G 100 27.72 -5.88 -30.31
C ASP G 100 27.65 -4.43 -29.83
N TRP G 101 28.81 -3.82 -29.64
CA TRP G 101 28.88 -2.42 -29.21
C TRP G 101 28.38 -1.52 -30.35
N GLU G 102 28.90 -1.77 -31.54
CA GLU G 102 28.54 -0.96 -32.70
C GLU G 102 27.11 -1.17 -33.17
N LEU G 103 26.58 -2.37 -32.96
CA LEU G 103 25.22 -2.62 -33.38
C LEU G 103 24.21 -1.78 -32.59
N VAL G 104 24.30 -1.80 -31.26
CA VAL G 104 23.33 -1.05 -30.49
C VAL G 104 23.50 0.46 -30.68
N LEU G 105 24.72 0.92 -30.93
CA LEU G 105 24.97 2.34 -31.16
C LEU G 105 24.35 2.74 -32.49
N ARG G 106 24.51 1.88 -33.49
CA ARG G 106 23.98 2.13 -34.82
C ARG G 106 22.45 2.13 -34.79
N VAL G 107 21.87 1.11 -34.15
CA VAL G 107 20.43 1.03 -34.08
C VAL G 107 19.80 2.05 -33.14
N ASN G 108 20.32 2.15 -31.91
CA ASN G 108 19.77 3.06 -30.92
C ASN G 108 20.10 4.53 -31.09
N LEU G 109 21.39 4.84 -31.22
CA LEU G 109 21.82 6.23 -31.34
C LEU G 109 21.68 6.78 -32.76
N THR G 110 22.34 6.17 -33.74
CA THR G 110 22.22 6.69 -35.09
C THR G 110 20.79 6.54 -35.59
N GLY G 111 20.12 5.47 -35.17
CA GLY G 111 18.74 5.26 -35.55
C GLY G 111 17.90 6.45 -35.09
N SER G 112 18.13 6.91 -33.87
CA SER G 112 17.40 8.06 -33.35
C SER G 112 17.69 9.30 -34.18
N PHE G 113 18.95 9.47 -34.55
CA PHE G 113 19.37 10.59 -35.34
C PHE G 113 18.65 10.62 -36.68
N LEU G 114 18.61 9.47 -37.36
CA LEU G 114 17.95 9.39 -38.65
C LEU G 114 16.46 9.73 -38.56
N VAL G 115 15.79 9.19 -37.54
CA VAL G 115 14.37 9.42 -37.34
C VAL G 115 14.11 10.88 -36.94
N ALA G 116 14.94 11.39 -36.04
CA ALA G 116 14.79 12.77 -35.59
C ALA G 116 15.01 13.75 -36.72
N LYS G 117 16.04 13.50 -37.51
CA LYS G 117 16.41 14.32 -38.67
C LYS G 117 15.29 14.35 -39.70
N ALA G 118 14.73 13.18 -39.98
CA ALA G 118 13.64 13.07 -40.95
C ALA G 118 12.38 13.75 -40.44
N ALA G 119 12.08 13.57 -39.16
CA ALA G 119 10.90 14.19 -38.58
C ALA G 119 11.03 15.71 -38.62
N SER G 120 12.24 16.20 -38.31
CA SER G 120 12.50 17.63 -38.33
C SER G 120 12.35 18.20 -39.73
N GLU G 121 12.90 17.51 -40.72
CA GLU G 121 12.83 17.94 -42.11
C GLU G 121 11.37 18.05 -42.56
N ALA G 122 10.52 17.18 -42.06
CA ALA G 122 9.10 17.19 -42.42
C ALA G 122 8.32 18.32 -41.75
N ARG G 124 10.17 21.37 -39.89
CA ARG G 124 10.89 22.64 -39.85
C ARG G 124 10.43 23.64 -40.91
N GLU G 125 10.03 24.82 -40.45
CA GLU G 125 9.54 25.90 -41.32
C GLU G 125 8.25 25.56 -42.07
N LYS G 126 7.58 24.49 -41.64
CA LYS G 126 6.32 24.08 -42.25
C LYS G 126 5.23 24.30 -41.19
N ASN G 127 5.50 23.85 -39.98
CA ASN G 127 4.56 24.01 -38.87
C ASN G 127 5.17 23.61 -37.53
N PRO G 128 4.59 24.09 -36.43
CA PRO G 128 5.15 23.70 -35.13
C PRO G 128 5.00 22.19 -34.98
N GLY G 129 5.66 21.61 -33.99
CA GLY G 129 5.55 20.18 -33.80
C GLY G 129 6.21 19.67 -32.55
N SER G 130 6.09 18.37 -32.31
CA SER G 130 6.67 17.76 -31.14
C SER G 130 7.35 16.47 -31.55
N ILE G 131 8.58 16.29 -31.07
CA ILE G 131 9.35 15.09 -31.37
C ILE G 131 9.75 14.44 -30.05
N VAL G 132 9.42 13.16 -29.92
CA VAL G 132 9.71 12.40 -28.72
C VAL G 132 10.66 11.24 -29.00
N LEU G 133 11.84 11.30 -28.40
CA LEU G 133 12.83 10.25 -28.57
C LEU G 133 12.83 9.43 -27.29
N THR G 134 13.06 8.14 -27.42
CA THR G 134 13.05 7.29 -26.25
C THR G 134 14.43 6.82 -25.89
N ALA G 135 14.86 7.19 -24.69
CA ALA G 135 16.14 6.78 -24.18
C ALA G 135 15.85 5.72 -23.12
N SER G 136 16.44 5.86 -21.95
CA SER G 136 16.21 4.89 -20.90
C SER G 136 16.88 5.29 -19.60
N ARG G 137 16.31 4.84 -18.50
CA ARG G 137 16.84 5.12 -17.17
C ARG G 137 18.31 4.68 -17.15
N VAL G 138 18.62 3.65 -17.92
CA VAL G 138 19.97 3.10 -17.99
C VAL G 138 21.02 4.06 -18.57
N TYR G 139 20.59 5.18 -19.12
CA TYR G 139 21.53 6.13 -19.69
C TYR G 139 22.46 6.69 -18.61
N LEU G 140 22.09 6.49 -17.35
CA LEU G 140 22.92 6.97 -16.25
C LEU G 140 23.95 5.91 -15.86
N GLY G 141 24.04 4.85 -16.65
CA GLY G 141 24.99 3.78 -16.36
C GLY G 141 24.29 2.60 -15.70
N ASN G 142 24.61 1.38 -16.16
CA ASN G 142 24.00 0.16 -15.61
C ASN G 142 24.89 -1.06 -15.88
N LEU G 143 25.04 -1.91 -14.88
CA LEU G 143 25.86 -3.12 -14.99
C LEU G 143 25.56 -3.95 -16.23
N GLY G 144 26.61 -4.31 -16.95
CA GLY G 144 26.47 -5.11 -18.15
C GLY G 144 25.86 -4.42 -19.36
N GLN G 145 25.68 -3.11 -19.28
CA GLN G 145 25.07 -2.39 -20.38
C GLN G 145 25.84 -1.16 -20.88
N ALA G 146 27.15 -1.28 -21.00
CA ALA G 146 27.96 -0.15 -21.47
C ALA G 146 27.46 0.36 -22.81
N ASN G 147 27.19 -0.57 -23.72
CA ASN G 147 26.72 -0.18 -25.05
C ASN G 147 25.35 0.49 -25.01
N TYR G 148 24.41 -0.09 -24.28
CA TYR G 148 23.07 0.48 -24.18
C TYR G 148 23.07 1.84 -23.46
N ALA G 149 23.85 1.93 -22.39
CA ALA G 149 23.96 3.17 -21.62
C ALA G 149 24.56 4.29 -22.46
N ALA G 150 25.66 4.00 -23.15
CA ALA G 150 26.31 4.99 -24.00
C ALA G 150 25.37 5.45 -25.11
N SER G 151 24.70 4.50 -25.75
CA SER G 151 23.79 4.87 -26.83
C SER G 151 22.60 5.70 -26.33
N ALA G 153 22.51 7.49 -23.56
CA ALA G 153 23.01 8.75 -23.04
C ALA G 153 23.23 9.65 -24.26
N GLY G 154 23.64 9.04 -25.37
CA GLY G 154 23.87 9.80 -26.58
C GLY G 154 22.56 10.40 -27.06
N VAL G 155 21.47 9.63 -26.93
CA VAL G 155 20.17 10.12 -27.35
C VAL G 155 19.76 11.34 -26.52
N VAL G 156 20.03 11.29 -25.22
CA VAL G 156 19.68 12.41 -24.36
C VAL G 156 20.42 13.65 -24.86
N GLY G 157 21.71 13.49 -25.14
CA GLY G 157 22.50 14.57 -25.67
C GLY G 157 22.01 15.07 -27.02
N LEU G 158 21.49 14.15 -27.83
CA LEU G 158 20.98 14.50 -29.16
C LEU G 158 19.71 15.31 -29.00
N THR G 159 18.85 14.87 -28.07
CA THR G 159 17.59 15.54 -27.81
C THR G 159 17.84 16.99 -27.43
N ARG G 160 18.70 17.18 -26.42
CA ARG G 160 19.04 18.50 -25.94
C ARG G 160 19.54 19.42 -27.05
N THR G 161 20.37 18.89 -27.94
CA THR G 161 20.88 19.71 -29.04
C THR G 161 19.76 20.08 -29.99
N LEU G 162 18.99 19.08 -30.40
CA LEU G 162 17.87 19.30 -31.30
C LEU G 162 16.83 20.27 -30.73
N ALA G 163 16.69 20.31 -29.41
CA ALA G 163 15.72 21.21 -28.81
C ALA G 163 16.22 22.65 -29.02
N LEU G 164 17.53 22.84 -28.87
CA LEU G 164 18.13 24.16 -29.06
C LEU G 164 17.99 24.63 -30.50
N GLU G 165 18.29 23.74 -31.44
CA GLU G 165 18.22 24.09 -32.84
C GLU G 165 16.81 24.26 -33.40
N LEU G 166 15.83 23.57 -32.80
CA LEU G 166 14.45 23.65 -33.28
C LEU G 166 13.54 24.56 -32.51
N GLY G 167 13.99 25.01 -31.35
CA GLY G 167 13.20 25.89 -30.51
C GLY G 167 12.50 27.05 -31.18
N ARG G 168 13.22 27.80 -32.01
CA ARG G 168 12.62 28.95 -32.67
C ARG G 168 11.57 28.56 -33.70
N TRP G 169 11.69 27.36 -34.25
CA TRP G 169 10.75 26.88 -35.26
C TRP G 169 9.49 26.25 -34.66
N GLY G 170 9.24 26.51 -33.38
CA GLY G 170 8.05 25.96 -32.74
C GLY G 170 8.04 24.44 -32.59
N ILE G 171 9.19 23.81 -32.82
CA ILE G 171 9.30 22.37 -32.71
C ILE G 171 10.00 21.95 -31.42
N ARG G 172 9.28 21.24 -30.57
CA ARG G 172 9.83 20.77 -29.31
C ARG G 172 10.41 19.37 -29.45
N VAL G 173 11.50 19.11 -28.74
CA VAL G 173 12.13 17.80 -28.78
C VAL G 173 12.37 17.37 -27.34
N ASN G 174 11.82 16.23 -26.96
CA ASN G 174 11.96 15.74 -25.59
C ASN G 174 12.25 14.25 -25.65
N THR G 175 12.77 13.72 -24.56
CA THR G 175 13.12 12.32 -24.49
C THR G 175 12.50 11.60 -23.29
N LEU G 176 12.05 10.37 -23.53
CA LEU G 176 11.44 9.51 -22.52
C LEU G 176 12.49 8.52 -22.04
N ALA G 177 12.50 8.25 -20.74
CA ALA G 177 13.46 7.30 -20.15
C ALA G 177 12.70 6.29 -19.30
N PRO G 178 12.07 5.28 -19.92
CA PRO G 178 11.32 4.29 -19.16
C PRO G 178 12.20 3.37 -18.33
N GLY G 179 11.60 2.78 -17.30
CA GLY G 179 12.31 1.87 -16.43
C GLY G 179 11.96 0.44 -16.80
N PHE G 180 11.62 -0.37 -15.80
CA PHE G 180 11.26 -1.76 -16.04
C PHE G 180 9.79 -1.84 -16.44
N ILE G 181 9.53 -1.94 -17.74
CA ILE G 181 8.16 -2.01 -18.26
C ILE G 181 7.84 -3.45 -18.69
N GLU G 182 6.64 -3.89 -18.32
CA GLU G 182 6.14 -5.23 -18.62
C GLU G 182 5.73 -5.41 -20.09
N THR G 183 6.48 -6.24 -20.82
CA THR G 183 6.22 -6.55 -22.23
C THR G 183 6.67 -8.00 -22.46
N ARG G 184 6.52 -8.50 -23.68
CA ARG G 184 6.95 -9.87 -23.96
C ARG G 184 8.48 -9.93 -23.80
N THR G 186 10.11 -8.89 -21.48
CA THR G 186 10.45 -9.01 -20.07
C THR G 186 9.56 -10.06 -19.38
N ALA G 187 8.57 -10.55 -20.12
CA ALA G 187 7.64 -11.55 -19.59
C ALA G 187 8.35 -12.74 -18.96
N LYS G 188 9.52 -13.11 -19.48
CA LYS G 188 10.23 -14.25 -18.92
C LYS G 188 11.66 -13.98 -18.48
N VAL G 189 11.87 -12.84 -17.82
CA VAL G 189 13.19 -12.52 -17.31
C VAL G 189 13.29 -13.43 -16.08
N PRO G 190 14.44 -14.06 -15.85
CA PRO G 190 14.49 -14.92 -14.65
C PRO G 190 14.00 -14.14 -13.42
N GLU G 191 13.26 -14.82 -12.55
CA GLU G 191 12.73 -14.16 -11.36
C GLU G 191 13.74 -13.30 -10.61
N LYS G 192 14.99 -13.74 -10.63
CA LYS G 192 16.06 -13.02 -9.94
C LYS G 192 16.17 -11.58 -10.46
N VAL G 193 16.11 -11.43 -11.77
CA VAL G 193 16.21 -10.11 -12.40
C VAL G 193 15.00 -9.26 -12.07
N ARG G 194 13.81 -9.84 -12.20
CA ARG G 194 12.58 -9.12 -11.89
C ARG G 194 12.58 -8.68 -10.44
N GLU G 195 12.87 -9.61 -9.54
CA GLU G 195 12.91 -9.29 -8.12
C GLU G 195 13.88 -8.16 -7.88
N LYS G 196 15.01 -8.19 -8.60
CA LYS G 196 16.04 -7.17 -8.46
C LYS G 196 15.52 -5.77 -8.79
N ALA G 197 14.89 -5.63 -9.95
CA ALA G 197 14.37 -4.36 -10.40
C ALA G 197 13.28 -3.77 -9.52
N ILE G 198 12.30 -4.60 -9.14
CA ILE G 198 11.23 -4.13 -8.28
C ILE G 198 11.80 -3.64 -6.94
N ALA G 199 12.74 -4.40 -6.38
CA ALA G 199 13.38 -4.05 -5.11
C ALA G 199 13.99 -2.66 -5.19
N ALA G 200 14.50 -2.31 -6.36
CA ALA G 200 15.13 -1.02 -6.56
C ALA G 200 14.11 0.05 -6.97
N THR G 201 12.84 -0.35 -7.06
CA THR G 201 11.76 0.56 -7.47
C THR G 201 10.88 1.05 -6.31
N PRO G 202 10.93 2.36 -6.00
CA PRO G 202 10.11 2.90 -4.91
C PRO G 202 8.62 2.54 -5.02
N LEU G 203 8.06 2.58 -6.23
CA LEU G 203 6.65 2.23 -6.39
C LEU G 203 6.42 0.72 -6.24
N GLY G 204 7.52 -0.03 -6.15
CA GLY G 204 7.44 -1.46 -5.94
C GLY G 204 6.66 -2.34 -6.91
N ARG G 205 6.83 -2.11 -8.21
CA ARG G 205 6.17 -2.90 -9.24
C ARG G 205 6.80 -2.57 -10.57
N ALA G 206 6.46 -3.36 -11.57
CA ALA G 206 6.97 -3.11 -12.92
C ALA G 206 6.04 -2.07 -13.51
N GLY G 207 6.49 -1.38 -14.54
CA GLY G 207 5.64 -0.40 -15.16
C GLY G 207 4.85 -1.08 -16.25
N LYS G 208 3.82 -0.42 -16.77
CA LYS G 208 3.01 -0.96 -17.83
C LYS G 208 3.19 -0.13 -19.10
N PRO G 209 3.19 -0.77 -20.28
CA PRO G 209 3.37 0.02 -21.51
C PRO G 209 2.44 1.22 -21.61
N LEU G 210 1.20 1.07 -21.19
CA LEU G 210 0.24 2.18 -21.25
C LEU G 210 0.78 3.40 -20.50
N GLU G 211 1.45 3.18 -19.37
CA GLU G 211 2.00 4.26 -18.57
C GLU G 211 3.05 5.05 -19.34
N VAL G 212 3.83 4.36 -20.16
CA VAL G 212 4.84 5.02 -20.96
C VAL G 212 4.14 5.75 -22.08
N ALA G 213 3.03 5.19 -22.57
CA ALA G 213 2.28 5.79 -23.65
C ALA G 213 1.69 7.14 -23.24
N TYR G 214 1.19 7.22 -22.02
CA TYR G 214 0.59 8.44 -21.51
C TYR G 214 1.63 9.53 -21.40
N ALA G 215 2.87 9.15 -21.07
CA ALA G 215 3.93 10.14 -20.96
C ALA G 215 4.20 10.65 -22.36
N ALA G 216 4.09 9.77 -23.35
CA ALA G 216 4.31 10.16 -24.73
C ALA G 216 3.19 11.09 -25.17
N LEU G 217 1.97 10.78 -24.74
CA LEU G 217 0.84 11.62 -25.11
C LEU G 217 1.06 13.04 -24.62
N PHE G 218 1.39 13.18 -23.34
CA PHE G 218 1.64 14.49 -22.74
C PHE G 218 2.67 15.32 -23.55
N LEU G 219 3.87 14.77 -23.70
CA LEU G 219 4.93 15.46 -24.44
C LEU G 219 4.60 15.81 -25.89
N LEU G 220 3.75 15.03 -26.54
CA LEU G 220 3.41 15.31 -27.93
C LEU G 220 2.19 16.22 -28.10
N SER G 221 1.29 16.22 -27.11
CA SER G 221 0.09 17.06 -27.17
C SER G 221 0.45 18.51 -26.90
N ASP G 222 -0.50 19.41 -27.15
CA ASP G 222 -0.28 20.83 -26.94
C ASP G 222 -0.18 21.20 -25.47
N GLU G 223 -0.43 20.21 -24.60
CA GLU G 223 -0.38 20.46 -23.16
C GLU G 223 1.03 20.67 -22.61
N SER G 224 2.04 20.22 -23.35
CA SER G 224 3.43 20.38 -22.93
C SER G 224 4.10 21.39 -23.85
N SER G 225 3.29 22.32 -24.35
CA SER G 225 3.69 23.41 -25.25
C SER G 225 4.92 24.21 -24.84
N PHE G 226 5.15 24.36 -23.54
CA PHE G 226 6.29 25.13 -23.07
C PHE G 226 7.40 24.25 -22.50
N ILE G 227 7.37 22.97 -22.84
CA ILE G 227 8.36 22.02 -22.35
C ILE G 227 9.18 21.44 -23.50
N THR G 228 10.49 21.68 -23.46
CA THR G 228 11.34 21.15 -24.51
C THR G 228 12.73 20.85 -23.94
N GLY G 229 13.38 19.84 -24.51
CA GLY G 229 14.72 19.45 -24.08
C GLY G 229 14.79 18.76 -22.75
N GLN G 230 13.68 18.17 -22.33
CA GLN G 230 13.64 17.48 -21.06
C GLN G 230 13.73 15.96 -21.18
N VAL G 231 14.13 15.34 -20.07
CA VAL G 231 14.23 13.89 -19.97
C VAL G 231 13.17 13.49 -18.95
N LEU G 232 12.13 12.80 -19.41
CA LEU G 232 11.06 12.38 -18.51
C LEU G 232 11.22 10.91 -18.14
N PHE G 233 11.56 10.63 -16.88
CA PHE G 233 11.74 9.25 -16.43
C PHE G 233 10.39 8.63 -16.08
N VAL G 234 10.15 7.45 -16.66
CA VAL G 234 8.93 6.70 -16.42
C VAL G 234 9.45 5.36 -15.90
N ASP G 235 10.01 5.39 -14.68
CA ASP G 235 10.61 4.21 -14.07
C ASP G 235 10.22 3.96 -12.61
N GLY G 236 9.10 4.52 -12.17
CA GLY G 236 8.66 4.31 -10.81
C GLY G 236 9.60 4.82 -9.72
N GLY G 237 10.48 5.74 -10.09
CA GLY G 237 11.40 6.33 -9.12
C GLY G 237 12.67 5.51 -8.91
N ARG G 238 12.89 4.56 -9.79
CA ARG G 238 14.04 3.65 -9.74
C ARG G 238 15.37 4.40 -9.86
N THR G 239 15.32 5.61 -10.43
CA THR G 239 16.53 6.40 -10.61
C THR G 239 16.76 7.45 -9.51
N ILE G 240 15.81 7.60 -8.60
CA ILE G 240 15.94 8.58 -7.51
C ILE G 240 17.11 8.21 -6.60
N GLY G 241 17.93 9.19 -6.27
CA GLY G 241 19.08 8.92 -5.41
C GLY G 241 20.38 8.90 -6.20
N ALA G 242 20.27 8.75 -7.52
CA ALA G 242 21.42 8.73 -8.41
C ALA G 242 21.77 10.14 -8.89
N ALA G 243 23.06 10.40 -9.06
CA ALA G 243 23.49 11.70 -9.55
C ALA G 243 22.99 11.80 -10.98
N PRO G 244 22.26 12.88 -11.31
CA PRO G 244 21.72 13.09 -12.66
C PRO G 244 22.83 13.44 -13.65
N ALA G 245 22.54 13.32 -14.94
CA ALA G 245 23.52 13.62 -15.99
C ALA G 245 22.93 14.56 -17.04
N ARG H 2 -9.83 14.13 -16.43
CA ARG H 2 -8.82 13.29 -15.79
C ARG H 2 -8.68 13.45 -14.30
N LEU H 3 -9.54 14.25 -13.69
CA LEU H 3 -9.49 14.44 -12.24
C LEU H 3 -10.89 14.28 -11.68
N LYS H 4 -11.70 13.50 -12.39
CA LYS H 4 -13.09 13.25 -12.02
C LYS H 4 -13.22 12.72 -10.60
N ASP H 5 -13.84 13.53 -9.75
CA ASP H 5 -14.07 13.22 -8.34
C ASP H 5 -12.84 13.18 -7.43
N LYS H 6 -11.65 13.36 -8.01
CA LYS H 6 -10.45 13.34 -7.19
C LYS H 6 -10.43 14.56 -6.28
N ALA H 7 -10.09 14.34 -5.01
CA ALA H 7 -10.05 15.43 -4.04
C ALA H 7 -8.66 16.04 -4.06
N VAL H 8 -8.59 17.30 -4.46
CA VAL H 8 -7.33 18.00 -4.57
C VAL H 8 -7.30 19.33 -3.84
N LEU H 9 -6.17 19.61 -3.20
CA LEU H 9 -5.95 20.86 -2.48
C LEU H 9 -4.81 21.60 -3.19
N ILE H 10 -4.98 22.90 -3.36
CA ILE H 10 -4.00 23.72 -4.06
C ILE H 10 -3.66 24.96 -3.24
N THR H 11 -2.37 25.21 -3.03
CA THR H 11 -1.95 26.39 -2.27
C THR H 11 -1.59 27.51 -3.26
N GLY H 12 -1.58 28.75 -2.77
CA GLY H 12 -1.28 29.90 -3.62
C GLY H 12 -2.29 29.94 -4.76
N ALA H 13 -3.47 29.42 -4.48
CA ALA H 13 -4.55 29.32 -5.46
C ALA H 13 -5.14 30.66 -5.90
N ALA H 14 -4.86 31.74 -5.18
CA ALA H 14 -5.41 33.04 -5.53
C ALA H 14 -4.65 33.74 -6.66
N HIS H 15 -3.35 33.46 -6.74
CA HIS H 15 -2.49 34.09 -7.73
C HIS H 15 -2.33 33.32 -9.04
N GLY H 16 -1.75 34.00 -10.03
CA GLY H 16 -1.51 33.44 -11.35
C GLY H 16 -1.57 31.95 -11.58
N ILE H 17 -0.43 31.29 -11.47
CA ILE H 17 -0.33 29.85 -11.71
C ILE H 17 -1.31 29.02 -10.88
N GLY H 18 -1.44 29.34 -9.59
CA GLY H 18 -2.36 28.61 -8.75
C GLY H 18 -3.79 28.77 -9.24
N ARG H 19 -4.15 30.00 -9.59
CA ARG H 19 -5.48 30.34 -10.08
C ARG H 19 -5.79 29.64 -11.40
N ALA H 20 -4.82 29.62 -12.31
CA ALA H 20 -5.02 28.96 -13.61
C ALA H 20 -5.14 27.45 -13.38
N THR H 21 -4.47 26.96 -12.34
CA THR H 21 -4.51 25.54 -11.98
C THR H 21 -5.87 25.18 -11.40
N LEU H 22 -6.45 26.07 -10.61
CA LEU H 22 -7.77 25.80 -10.05
C LEU H 22 -8.74 25.59 -11.20
N GLU H 23 -8.81 26.58 -12.08
CA GLU H 23 -9.68 26.53 -13.23
C GLU H 23 -9.53 25.25 -14.04
N LEU H 24 -8.31 24.94 -14.44
CA LEU H 24 -8.06 23.72 -15.20
C LEU H 24 -8.60 22.50 -14.45
N PHE H 25 -8.20 22.35 -13.20
CA PHE H 25 -8.65 21.22 -12.41
C PHE H 25 -10.15 21.17 -12.28
N ALA H 26 -10.79 22.32 -12.13
CA ALA H 26 -12.23 22.37 -12.02
C ALA H 26 -12.87 21.79 -13.27
N LYS H 27 -12.36 22.17 -14.44
CA LYS H 27 -12.92 21.65 -15.69
C LYS H 27 -12.64 20.16 -15.78
N GLU H 28 -11.58 19.71 -15.12
CA GLU H 28 -11.24 18.29 -15.16
C GLU H 28 -12.01 17.46 -14.14
N GLY H 29 -13.03 18.07 -13.53
CA GLY H 29 -13.87 17.38 -12.56
C GLY H 29 -13.37 17.14 -11.14
N ALA H 30 -12.39 17.90 -10.68
CA ALA H 30 -11.87 17.72 -9.33
C ALA H 30 -12.71 18.41 -8.27
N ARG H 31 -12.70 17.86 -7.07
CA ARG H 31 -13.41 18.47 -5.94
C ARG H 31 -12.27 19.20 -5.27
N LEU H 32 -12.28 20.51 -5.40
CA LEU H 32 -11.20 21.34 -4.90
C LEU H 32 -11.31 22.10 -3.60
N VAL H 33 -10.14 22.33 -3.02
CA VAL H 33 -9.98 23.12 -1.83
C VAL H 33 -8.92 24.11 -2.25
N ALA H 34 -9.28 25.40 -2.25
CA ALA H 34 -8.37 26.46 -2.64
C ALA H 34 -7.78 27.07 -1.38
N CYS H 35 -6.44 27.16 -1.33
CA CYS H 35 -5.73 27.70 -0.18
C CYS H 35 -4.81 28.86 -0.56
N ASP H 36 -4.80 29.89 0.28
CA ASP H 36 -3.94 31.03 0.07
C ASP H 36 -3.96 31.88 1.32
N ILE H 37 -3.09 32.88 1.36
CA ILE H 37 -2.95 33.74 2.52
C ILE H 37 -4.01 34.83 2.75
N GLU H 38 -4.53 35.43 1.68
CA GLU H 38 -5.52 36.50 1.80
C GLU H 38 -6.93 36.00 1.47
N GLU H 39 -7.83 36.11 2.44
CA GLU H 39 -9.20 35.64 2.27
C GLU H 39 -9.97 36.32 1.14
N GLY H 40 -9.81 37.63 1.01
CA GLY H 40 -10.50 38.38 -0.03
C GLY H 40 -10.37 37.75 -1.40
N PRO H 41 -9.16 37.81 -2.00
CA PRO H 41 -8.96 37.21 -3.33
C PRO H 41 -9.11 35.69 -3.37
N LEU H 42 -9.00 35.04 -2.22
CA LEU H 42 -9.14 33.57 -2.17
C LEU H 42 -10.59 33.19 -2.42
N ARG H 43 -11.50 33.75 -1.63
CA ARG H 43 -12.91 33.46 -1.75
C ARG H 43 -13.41 33.68 -3.17
N GLU H 44 -12.99 34.77 -3.80
CA GLU H 44 -13.42 35.05 -5.15
C GLU H 44 -12.90 33.99 -6.11
N ALA H 45 -11.61 33.71 -6.02
CA ALA H 45 -10.99 32.71 -6.88
C ALA H 45 -11.67 31.36 -6.71
N ALA H 46 -12.06 31.04 -5.48
CA ALA H 46 -12.72 29.77 -5.17
C ALA H 46 -14.15 29.70 -5.70
N GLU H 47 -14.91 30.77 -5.48
CA GLU H 47 -16.30 30.82 -5.92
C GLU H 47 -16.47 30.74 -7.44
N ALA H 48 -15.57 31.40 -8.17
CA ALA H 48 -15.63 31.41 -9.62
C ALA H 48 -15.44 30.02 -10.21
N VAL H 49 -14.94 29.09 -9.40
CA VAL H 49 -14.67 27.74 -9.88
C VAL H 49 -15.46 26.66 -9.14
N GLY H 50 -16.06 27.02 -8.01
CA GLY H 50 -16.83 26.04 -7.25
C GLY H 50 -15.96 25.32 -6.23
N ALA H 51 -14.78 25.87 -5.97
CA ALA H 51 -13.86 25.29 -5.01
C ALA H 51 -14.19 25.78 -3.61
N HIS H 52 -13.72 25.06 -2.59
CA HIS H 52 -13.96 25.44 -1.20
C HIS H 52 -12.73 26.21 -0.69
N PRO H 53 -12.92 27.48 -0.30
CA PRO H 53 -11.85 28.35 0.20
C PRO H 53 -11.43 28.11 1.63
N VAL H 54 -10.13 27.92 1.83
CA VAL H 54 -9.56 27.70 3.16
C VAL H 54 -8.31 28.56 3.29
N VAL H 55 -8.35 29.53 4.18
CA VAL H 55 -7.21 30.43 4.38
C VAL H 55 -6.06 29.66 5.00
N ASP H 57 -1.57 29.86 5.81
CA ASP H 57 -0.27 30.53 5.83
C ASP H 57 0.74 29.38 5.85
N VAL H 58 1.16 28.92 4.68
CA VAL H 58 2.09 27.80 4.60
C VAL H 58 3.32 27.95 5.45
N ALA H 59 3.59 29.16 5.91
CA ALA H 59 4.76 29.42 6.76
C ALA H 59 4.48 29.11 8.24
N ASP H 60 3.20 28.93 8.57
CA ASP H 60 2.78 28.65 9.93
C ASP H 60 2.34 27.19 10.10
N PRO H 61 3.06 26.43 10.95
CA PRO H 61 2.74 25.01 11.19
C PRO H 61 1.28 24.80 11.61
N ALA H 62 0.75 25.68 12.48
CA ALA H 62 -0.63 25.53 12.94
C ALA H 62 -1.64 25.87 11.86
N SER H 63 -1.32 26.82 10.99
CA SER H 63 -2.22 27.21 9.91
C SER H 63 -2.33 26.07 8.91
N VAL H 64 -1.19 25.48 8.56
CA VAL H 64 -1.18 24.36 7.63
C VAL H 64 -2.00 23.22 8.23
N GLU H 65 -1.77 22.97 9.51
CA GLU H 65 -2.47 21.91 10.21
C GLU H 65 -3.98 22.12 10.23
N ARG H 66 -4.41 23.28 10.70
CA ARG H 66 -5.84 23.58 10.76
C ARG H 66 -6.40 23.51 9.35
N GLY H 67 -5.64 24.05 8.39
CA GLY H 67 -6.06 24.05 7.01
C GLY H 67 -6.36 22.68 6.45
N PHE H 68 -5.48 21.72 6.73
CA PHE H 68 -5.71 20.38 6.22
C PHE H 68 -6.85 19.68 6.91
N ALA H 69 -7.08 20.02 8.17
CA ALA H 69 -8.19 19.40 8.88
C ALA H 69 -9.48 19.86 8.19
N GLU H 70 -9.54 21.14 7.84
CA GLU H 70 -10.72 21.67 7.17
C GLU H 70 -10.89 21.01 5.81
N ALA H 71 -9.79 20.88 5.07
CA ALA H 71 -9.85 20.26 3.76
C ALA H 71 -10.37 18.82 3.88
N LEU H 72 -9.81 18.06 4.82
CA LEU H 72 -10.22 16.68 5.00
C LEU H 72 -11.66 16.58 5.51
N ALA H 73 -12.10 17.55 6.30
CA ALA H 73 -13.47 17.51 6.79
C ALA H 73 -14.40 17.76 5.62
N HIS H 74 -13.96 18.59 4.70
CA HIS H 74 -14.78 18.92 3.55
C HIS H 74 -14.73 17.86 2.44
N LEU H 75 -13.54 17.40 2.11
CA LEU H 75 -13.39 16.41 1.06
C LEU H 75 -13.57 14.97 1.56
N GLY H 76 -13.12 14.69 2.78
CA GLY H 76 -13.26 13.35 3.32
C GLY H 76 -12.11 12.43 2.92
N ARG H 77 -11.24 12.93 2.05
CA ARG H 77 -10.09 12.18 1.56
C ARG H 77 -9.21 13.14 0.76
N LEU H 78 -7.97 12.76 0.49
CA LEU H 78 -7.09 13.61 -0.30
C LEU H 78 -6.41 12.75 -1.36
N ASP H 79 -6.60 13.10 -2.63
CA ASP H 79 -6.00 12.34 -3.72
C ASP H 79 -4.75 13.01 -4.27
N GLY H 80 -4.66 14.31 -4.07
CA GLY H 80 -3.50 15.02 -4.57
C GLY H 80 -3.43 16.44 -4.03
N VAL H 81 -2.22 17.00 -4.08
CA VAL H 81 -1.97 18.34 -3.62
C VAL H 81 -0.97 19.01 -4.56
N VAL H 82 -1.19 20.28 -4.87
CA VAL H 82 -0.26 21.03 -5.70
C VAL H 82 0.10 22.25 -4.88
N HIS H 83 1.37 22.34 -4.51
CA HIS H 83 1.88 23.44 -3.70
C HIS H 83 2.60 24.49 -4.53
N TYR H 84 2.10 25.74 -4.47
CA TYR H 84 2.70 26.83 -5.22
C TYR H 84 3.28 27.95 -4.36
N ALA H 85 2.59 28.28 -3.27
CA ALA H 85 3.03 29.34 -2.36
C ALA H 85 4.55 29.54 -2.28
N GLY H 86 5.02 30.66 -2.80
CA GLY H 86 6.45 30.95 -2.77
C GLY H 86 6.70 32.46 -2.83
N ILE H 87 7.91 32.88 -2.47
CA ILE H 87 8.26 34.30 -2.48
C ILE H 87 9.73 34.50 -2.82
N THR H 88 10.11 35.75 -3.07
CA THR H 88 11.49 36.05 -3.38
C THR H 88 11.92 37.32 -2.67
N ARG H 89 13.23 37.48 -2.53
CA ARG H 89 13.83 38.64 -1.88
C ARG H 89 15.20 38.75 -2.54
N ASP H 90 15.21 39.16 -3.80
CA ASP H 90 16.45 39.28 -4.56
C ASP H 90 17.50 40.25 -4.01
N ASN H 91 18.76 39.96 -4.31
CA ASN H 91 19.93 40.74 -3.92
C ASN H 91 21.20 39.91 -4.10
N PHE H 92 22.31 40.56 -4.45
CA PHE H 92 23.56 39.83 -4.58
C PHE H 92 23.85 39.50 -3.12
N HIS H 93 24.42 38.31 -2.87
CA HIS H 93 24.66 37.85 -1.49
C HIS H 93 25.29 38.85 -0.53
N TRP H 94 26.25 39.64 -0.99
CA TRP H 94 26.90 40.60 -0.12
C TRP H 94 25.98 41.75 0.29
N LYS H 95 24.82 41.86 -0.35
CA LYS H 95 23.87 42.91 0.02
C LYS H 95 22.61 42.27 0.59
N PRO H 97 20.46 40.73 3.28
CA PRO H 97 20.37 40.68 4.74
C PRO H 97 19.89 39.31 5.22
N LEU H 98 20.42 38.85 6.34
CA LEU H 98 20.06 37.54 6.90
C LEU H 98 18.55 37.33 6.93
N GLU H 99 17.83 38.33 7.42
CA GLU H 99 16.38 38.27 7.50
C GLU H 99 15.72 37.86 6.17
N ASP H 100 16.20 38.42 5.07
CA ASP H 100 15.68 38.12 3.74
C ASP H 100 16.04 36.68 3.35
N TRP H 101 17.21 36.23 3.79
CA TRP H 101 17.64 34.88 3.49
C TRP H 101 16.81 33.89 4.26
N GLU H 102 16.56 34.19 5.52
CA GLU H 102 15.76 33.29 6.34
C GLU H 102 14.27 33.28 6.03
N LEU H 103 13.75 34.39 5.53
CA LEU H 103 12.33 34.46 5.22
C LEU H 103 11.97 33.57 4.04
N VAL H 104 12.77 33.64 2.98
CA VAL H 104 12.49 32.84 1.80
C VAL H 104 12.69 31.35 2.06
N LEU H 105 13.62 31.00 2.95
CA LEU H 105 13.85 29.59 3.28
C LEU H 105 12.65 29.10 4.09
N ARG H 106 12.21 29.92 5.03
CA ARG H 106 11.09 29.58 5.90
C ARG H 106 9.82 29.39 5.10
N VAL H 107 9.51 30.36 4.24
CA VAL H 107 8.31 30.28 3.43
C VAL H 107 8.41 29.24 2.31
N ASN H 108 9.48 29.28 1.53
CA ASN H 108 9.64 28.35 0.41
C ASN H 108 9.99 26.93 0.76
N LEU H 109 11.11 26.74 1.45
CA LEU H 109 11.56 25.41 1.80
C LEU H 109 10.77 24.81 2.96
N THR H 110 10.78 25.45 4.11
CA THR H 110 10.04 24.90 5.24
C THR H 110 8.54 24.85 4.91
N GLY H 111 8.05 25.87 4.23
CA GLY H 111 6.64 25.86 3.88
C GLY H 111 6.29 24.62 3.09
N SER H 112 7.16 24.25 2.15
CA SER H 112 6.93 23.09 1.32
C SER H 112 6.95 21.81 2.13
N PHE H 113 7.73 21.81 3.21
CA PHE H 113 7.86 20.65 4.10
C PHE H 113 6.59 20.46 4.92
N LEU H 114 6.04 21.56 5.41
CA LEU H 114 4.83 21.51 6.21
C LEU H 114 3.65 21.02 5.37
N VAL H 115 3.54 21.54 4.15
CA VAL H 115 2.44 21.16 3.28
C VAL H 115 2.55 19.71 2.81
N ALA H 116 3.75 19.32 2.37
CA ALA H 116 3.94 17.95 1.91
C ALA H 116 3.75 16.96 3.07
N LYS H 117 4.26 17.30 4.24
CA LYS H 117 4.11 16.46 5.42
C LYS H 117 2.62 16.27 5.78
N ALA H 118 1.84 17.34 5.71
CA ALA H 118 0.41 17.28 6.01
C ALA H 118 -0.34 16.46 4.95
N ALA H 119 0.04 16.67 3.69
CA ALA H 119 -0.59 15.97 2.59
C ALA H 119 -0.32 14.48 2.75
N SER H 120 0.92 14.15 3.08
CA SER H 120 1.33 12.76 3.26
C SER H 120 0.56 12.11 4.40
N GLU H 121 0.42 12.84 5.50
CA GLU H 121 -0.28 12.34 6.67
C GLU H 121 -1.72 11.96 6.30
N ALA H 122 -2.37 12.80 5.50
CA ALA H 122 -3.74 12.54 5.08
C ALA H 122 -3.87 11.39 4.08
N ARG H 124 -0.95 8.67 3.43
CA ARG H 124 -0.19 7.47 3.76
C ARG H 124 -1.01 6.38 4.46
N GLU H 125 -0.97 5.17 3.89
CA GLU H 125 -1.68 4.01 4.40
C GLU H 125 -3.21 4.15 4.36
N LYS H 126 -3.69 5.19 3.67
CA LYS H 126 -5.12 5.44 3.53
C LYS H 126 -5.47 5.17 2.07
N ASN H 127 -4.74 5.83 1.17
CA ASN H 127 -4.96 5.67 -0.26
C ASN H 127 -3.76 6.13 -1.08
N PRO H 128 -3.71 5.71 -2.35
CA PRO H 128 -2.59 6.13 -3.17
C PRO H 128 -2.83 7.61 -3.47
N GLY H 129 -1.81 8.31 -3.96
CA GLY H 129 -2.01 9.72 -4.24
C GLY H 129 -0.82 10.34 -4.92
N SER H 130 -0.94 11.63 -5.22
CA SER H 130 0.13 12.35 -5.89
C SER H 130 0.35 13.73 -5.31
N ILE H 131 1.59 14.01 -4.93
CA ILE H 131 1.97 15.30 -4.37
C ILE H 131 2.89 16.03 -5.34
N VAL H 132 2.52 17.27 -5.67
CA VAL H 132 3.30 18.08 -6.60
C VAL H 132 3.83 19.34 -5.92
N LEU H 133 5.15 19.40 -5.71
CA LEU H 133 5.78 20.55 -5.08
C LEU H 133 6.38 21.42 -6.17
N THR H 134 6.21 22.73 -6.06
CA THR H 134 6.76 23.63 -7.06
C THR H 134 8.10 24.20 -6.65
N ALA H 135 9.08 24.01 -7.52
CA ALA H 135 10.41 24.55 -7.30
C ALA H 135 10.57 25.65 -8.33
N SER H 136 11.68 25.65 -9.06
CA SER H 136 11.94 26.66 -10.07
C SER H 136 13.24 26.39 -10.81
N ARG H 137 13.29 26.76 -12.07
CA ARG H 137 14.51 26.57 -12.85
C ARG H 137 15.69 27.27 -12.14
N VAL H 138 15.37 28.25 -11.30
CA VAL H 138 16.37 29.00 -10.55
C VAL H 138 17.10 28.13 -9.51
N TYR H 139 16.62 26.91 -9.27
CA TYR H 139 17.28 26.04 -8.30
C TYR H 139 18.67 25.64 -8.74
N LEU H 140 18.99 25.90 -10.00
CA LEU H 140 20.29 25.58 -10.56
C LEU H 140 21.23 26.78 -10.42
N GLY H 141 20.78 27.78 -9.66
CA GLY H 141 21.57 28.98 -9.44
C GLY H 141 21.18 30.09 -10.38
N ASN H 142 21.13 31.31 -9.86
CA ASN H 142 20.76 32.48 -10.67
C ASN H 142 21.21 33.77 -9.98
N LEU H 143 21.82 34.67 -10.76
CA LEU H 143 22.30 35.94 -10.21
C LEU H 143 21.30 36.65 -9.31
N GLY H 144 21.81 37.14 -8.18
CA GLY H 144 20.98 37.85 -7.22
C GLY H 144 19.90 37.03 -6.54
N GLN H 145 19.98 35.71 -6.58
CA GLN H 145 18.98 34.85 -5.96
C GLN H 145 19.49 33.68 -5.10
N ALA H 146 20.58 33.89 -4.38
CA ALA H 146 21.12 32.83 -3.53
C ALA H 146 20.06 32.24 -2.61
N ASN H 147 19.24 33.08 -2.03
CA ASN H 147 18.21 32.60 -1.12
C ASN H 147 17.12 31.81 -1.84
N TYR H 148 16.66 32.32 -2.98
CA TYR H 148 15.62 31.65 -3.76
C TYR H 148 16.11 30.33 -4.35
N ALA H 149 17.34 30.34 -4.87
CA ALA H 149 17.92 29.14 -5.48
C ALA H 149 18.14 28.05 -4.43
N ALA H 150 18.64 28.44 -3.26
CA ALA H 150 18.89 27.47 -2.19
C ALA H 150 17.57 26.89 -1.67
N SER H 151 16.55 27.72 -1.53
CA SER H 151 15.26 27.24 -1.03
C SER H 151 14.62 26.28 -2.03
N ALA H 153 16.22 24.59 -4.51
CA ALA H 153 17.05 23.41 -4.66
C ALA H 153 16.76 22.49 -3.47
N GLY H 154 16.42 23.09 -2.33
CA GLY H 154 16.09 22.32 -1.15
C GLY H 154 14.80 21.55 -1.36
N VAL H 155 13.85 22.17 -2.04
CA VAL H 155 12.56 21.53 -2.34
C VAL H 155 12.77 20.29 -3.24
N VAL H 156 13.67 20.38 -4.21
CA VAL H 156 13.94 19.26 -5.09
C VAL H 156 14.50 18.10 -4.27
N GLY H 157 15.40 18.42 -3.34
CA GLY H 157 15.98 17.40 -2.48
C GLY H 157 14.93 16.81 -1.55
N LEU H 158 13.99 17.65 -1.13
CA LEU H 158 12.90 17.20 -0.26
C LEU H 158 12.01 16.26 -1.06
N THR H 159 11.66 16.70 -2.26
CA THR H 159 10.81 15.90 -3.14
C THR H 159 11.41 14.50 -3.33
N ARG H 160 12.68 14.44 -3.68
CA ARG H 160 13.35 13.17 -3.90
C ARG H 160 13.30 12.28 -2.67
N THR H 161 13.56 12.84 -1.50
CA THR H 161 13.53 12.05 -0.27
C THR H 161 12.12 11.54 -0.01
N LEU H 162 11.14 12.43 -0.18
CA LEU H 162 9.74 12.09 0.02
C LEU H 162 9.27 10.99 -0.93
N ALA H 163 9.68 11.07 -2.19
CA ALA H 163 9.28 10.07 -3.18
C ALA H 163 9.81 8.70 -2.81
N LEU H 164 11.00 8.67 -2.20
CA LEU H 164 11.60 7.41 -1.78
C LEU H 164 10.87 6.79 -0.59
N GLU H 165 10.44 7.62 0.35
CA GLU H 165 9.76 7.11 1.54
C GLU H 165 8.28 6.80 1.34
N LEU H 166 7.68 7.39 0.32
CA LEU H 166 6.26 7.21 0.05
C LEU H 166 5.93 6.29 -1.11
N GLY H 167 6.95 5.90 -1.86
CA GLY H 167 6.75 5.03 -3.00
C GLY H 167 5.94 3.78 -2.72
N ARG H 168 6.38 3.00 -1.73
CA ARG H 168 5.69 1.75 -1.38
C ARG H 168 4.24 1.97 -0.97
N TRP H 169 3.90 3.20 -0.58
CA TRP H 169 2.54 3.51 -0.16
C TRP H 169 1.67 4.01 -1.30
N GLY H 170 2.16 3.89 -2.53
CA GLY H 170 1.38 4.34 -3.67
C GLY H 170 1.28 5.84 -3.82
N ILE H 171 2.05 6.59 -3.06
CA ILE H 171 2.03 8.05 -3.13
C ILE H 171 3.25 8.57 -3.88
N ARG H 172 2.98 9.25 -4.98
CA ARG H 172 4.04 9.81 -5.80
C ARG H 172 4.32 11.26 -5.40
N VAL H 173 5.57 11.67 -5.52
CA VAL H 173 5.98 13.04 -5.19
C VAL H 173 6.84 13.55 -6.34
N ASN H 174 6.45 14.68 -6.92
CA ASN H 174 7.17 15.26 -8.03
C ASN H 174 7.27 16.77 -7.87
N THR H 175 8.23 17.38 -8.55
CA THR H 175 8.42 18.81 -8.46
C THR H 175 8.40 19.52 -9.81
N LEU H 176 7.69 20.64 -9.85
CA LEU H 176 7.60 21.47 -11.06
C LEU H 176 8.71 22.51 -10.95
N ALA H 177 9.39 22.76 -12.06
CA ALA H 177 10.46 23.75 -12.10
C ALA H 177 10.12 24.72 -13.23
N PRO H 178 9.19 25.65 -12.98
CA PRO H 178 8.86 26.60 -14.05
C PRO H 178 9.96 27.63 -14.25
N GLY H 179 10.00 28.20 -15.45
CA GLY H 179 11.00 29.21 -15.76
C GLY H 179 10.34 30.58 -15.69
N PHE H 180 10.38 31.32 -16.79
CA PHE H 180 9.78 32.65 -16.84
C PHE H 180 8.31 32.56 -17.24
N ILE H 181 7.44 32.63 -16.26
CA ILE H 181 5.99 32.56 -16.48
C ILE H 181 5.43 33.98 -16.40
N GLU H 182 4.56 34.32 -17.35
CA GLU H 182 3.97 35.64 -17.42
C GLU H 182 2.92 35.91 -16.35
N THR H 183 3.35 36.05 -15.10
CA THR H 183 2.45 36.35 -13.99
C THR H 183 2.30 37.86 -13.93
N ARG H 184 1.80 38.38 -12.81
CA ARG H 184 1.64 39.82 -12.68
C ARG H 184 2.88 40.45 -12.05
N THR H 186 6.39 39.42 -12.81
CA THR H 186 7.35 39.62 -13.89
C THR H 186 6.90 40.74 -14.81
N ALA H 187 5.59 40.98 -14.84
CA ALA H 187 5.02 42.02 -15.67
C ALA H 187 5.55 43.38 -15.22
N LYS H 188 5.77 43.51 -13.92
CA LYS H 188 6.27 44.76 -13.34
C LYS H 188 7.71 45.03 -13.76
N VAL H 189 8.09 44.56 -14.96
CA VAL H 189 9.44 44.78 -15.47
C VAL H 189 10.50 44.56 -14.37
N PRO H 190 11.74 45.07 -14.53
CA PRO H 190 12.35 45.86 -15.61
C PRO H 190 12.35 45.16 -16.96
N GLU H 191 12.10 45.93 -18.01
CA GLU H 191 12.08 45.37 -19.36
C GLU H 191 13.50 44.97 -19.74
N LYS H 192 14.40 45.06 -18.76
CA LYS H 192 15.79 44.69 -18.95
C LYS H 192 15.90 43.19 -18.71
N VAL H 193 15.64 42.78 -17.47
CA VAL H 193 15.72 41.38 -17.06
C VAL H 193 14.81 40.48 -17.91
N ARG H 194 13.67 41.03 -18.32
CA ARG H 194 12.71 40.28 -19.13
C ARG H 194 13.22 40.02 -20.55
N GLU H 195 13.84 41.03 -21.16
CA GLU H 195 14.38 40.88 -22.51
C GLU H 195 15.52 39.88 -22.52
N LYS H 196 16.26 39.83 -21.42
CA LYS H 196 17.38 38.90 -21.29
C LYS H 196 16.84 37.48 -21.13
N ALA H 197 15.70 37.38 -20.46
CA ALA H 197 15.04 36.09 -20.20
C ALA H 197 14.60 35.39 -21.48
N ILE H 198 13.81 36.09 -22.28
CA ILE H 198 13.32 35.53 -23.53
C ILE H 198 14.51 35.15 -24.43
N ALA H 199 15.53 36.00 -24.45
CA ALA H 199 16.72 35.76 -25.25
C ALA H 199 17.40 34.45 -24.86
N ALA H 200 17.26 34.06 -23.60
CA ALA H 200 17.88 32.84 -23.12
C ALA H 200 16.90 31.65 -23.20
N THR H 201 15.77 31.87 -23.85
CA THR H 201 14.75 30.83 -23.98
C THR H 201 14.58 30.29 -25.40
N PRO H 202 15.00 29.04 -25.63
CA PRO H 202 14.89 28.39 -26.94
C PRO H 202 13.55 28.63 -27.65
N LEU H 203 12.46 28.62 -26.91
CA LEU H 203 11.16 28.84 -27.52
C LEU H 203 10.84 30.31 -27.80
N GLY H 204 11.76 31.18 -27.40
CA GLY H 204 11.58 32.61 -27.64
C GLY H 204 10.32 33.30 -27.18
N ARG H 205 9.91 33.05 -25.94
CA ARG H 205 8.73 33.69 -25.38
C ARG H 205 8.57 33.33 -23.90
N ALA H 206 7.77 34.10 -23.20
CA ALA H 206 7.53 33.84 -21.81
C ALA H 206 6.51 32.72 -21.78
N GLY H 207 6.42 32.02 -20.66
CA GLY H 207 5.44 30.96 -20.55
C GLY H 207 4.16 31.55 -19.99
N LYS H 208 3.10 30.76 -19.98
CA LYS H 208 1.82 31.23 -19.45
C LYS H 208 1.47 30.35 -18.24
N PRO H 209 0.66 30.89 -17.33
CA PRO H 209 0.28 30.12 -16.14
C PRO H 209 -0.40 28.78 -16.48
N LEU H 210 -1.28 28.80 -17.48
CA LEU H 210 -1.98 27.59 -17.90
C LEU H 210 -0.98 26.48 -18.24
N GLU H 211 0.09 26.84 -18.94
CA GLU H 211 1.09 25.86 -19.33
C GLU H 211 1.70 25.15 -18.13
N VAL H 212 1.84 25.85 -17.01
CA VAL H 212 2.37 25.23 -15.81
C VAL H 212 1.25 24.40 -15.20
N ALA H 213 0.02 24.88 -15.37
CA ALA H 213 -1.15 24.18 -14.84
C ALA H 213 -1.27 22.79 -15.47
N TYR H 214 -1.06 22.71 -16.78
CA TYR H 214 -1.14 21.43 -17.48
C TYR H 214 -0.07 20.47 -17.03
N ALA H 215 1.08 21.00 -16.66
CA ALA H 215 2.18 20.17 -16.20
C ALA H 215 1.78 19.62 -14.85
N ALA H 216 1.07 20.41 -14.06
CA ALA H 216 0.64 19.97 -12.74
C ALA H 216 -0.50 18.97 -12.88
N LEU H 217 -1.31 19.14 -13.92
CA LEU H 217 -2.43 18.24 -14.16
C LEU H 217 -1.87 16.86 -14.47
N PHE H 218 -0.87 16.82 -15.34
CA PHE H 218 -0.25 15.58 -15.74
C PHE H 218 0.31 14.83 -14.53
N LEU H 219 1.08 15.53 -13.72
CA LEU H 219 1.71 14.95 -12.55
C LEU H 219 0.73 14.51 -11.47
N LEU H 220 -0.42 15.16 -11.41
CA LEU H 220 -1.39 14.80 -10.40
C LEU H 220 -2.37 13.73 -10.86
N SER H 221 -2.52 13.61 -12.18
CA SER H 221 -3.43 12.63 -12.73
C SER H 221 -2.83 11.23 -12.79
N ASP H 222 -3.69 10.23 -12.98
CA ASP H 222 -3.25 8.84 -13.04
C ASP H 222 -2.37 8.60 -14.25
N GLU H 223 -2.39 9.54 -15.19
CA GLU H 223 -1.59 9.40 -16.39
C GLU H 223 -0.10 9.33 -16.11
N SER H 224 0.31 9.89 -14.98
CA SER H 224 1.72 9.87 -14.59
C SER H 224 1.89 8.90 -13.42
N SER H 225 1.03 7.89 -13.38
CA SER H 225 1.03 6.89 -12.32
C SER H 225 2.37 6.18 -12.05
N PHE H 226 3.23 6.10 -13.06
CA PHE H 226 4.52 5.42 -12.87
C PHE H 226 5.67 6.43 -12.83
N ILE H 227 5.34 7.67 -12.50
CA ILE H 227 6.34 8.74 -12.46
C ILE H 227 6.42 9.38 -11.07
N THR H 228 7.59 9.30 -10.44
CA THR H 228 7.78 9.90 -9.13
C THR H 228 9.23 10.32 -8.89
N GLY H 229 9.42 11.34 -8.06
CA GLY H 229 10.76 11.83 -7.75
C GLY H 229 11.40 12.56 -8.92
N GLN H 230 10.56 13.13 -9.79
CA GLN H 230 11.04 13.83 -10.97
C GLN H 230 10.96 15.35 -10.90
N VAL H 231 11.81 15.99 -11.69
CA VAL H 231 11.85 17.44 -11.78
C VAL H 231 11.37 17.74 -13.18
N LEU H 232 10.24 18.44 -13.30
CA LEU H 232 9.73 18.76 -14.63
C LEU H 232 9.90 20.24 -14.93
N PHE H 233 10.86 20.57 -15.80
CA PHE H 233 11.08 21.96 -16.17
C PHE H 233 10.03 22.43 -17.19
N VAL H 234 9.38 23.53 -16.87
CA VAL H 234 8.36 24.15 -17.72
C VAL H 234 8.97 25.54 -17.88
N ASP H 235 10.03 25.62 -18.67
CA ASP H 235 10.75 26.86 -18.86
C ASP H 235 11.11 27.13 -20.32
N GLY H 236 10.45 26.43 -21.23
CA GLY H 236 10.71 26.63 -22.64
C GLY H 236 12.13 26.35 -23.07
N GLY H 237 12.85 25.55 -22.28
CA GLY H 237 14.22 25.19 -22.62
C GLY H 237 15.31 26.15 -22.16
N ARG H 238 14.95 27.08 -21.29
CA ARG H 238 15.90 28.06 -20.78
C ARG H 238 17.05 27.39 -20.02
N THR H 239 16.88 26.11 -19.71
CA THR H 239 17.88 25.37 -18.96
C THR H 239 18.72 24.38 -19.76
N ILE H 240 18.35 24.10 -21.00
CA ILE H 240 19.14 23.17 -21.79
C ILE H 240 20.53 23.75 -21.98
N GLY H 241 21.54 23.01 -21.55
CA GLY H 241 22.90 23.48 -21.67
C GLY H 241 23.57 23.55 -20.31
N ALA H 242 22.76 23.59 -19.26
CA ALA H 242 23.26 23.66 -17.88
C ALA H 242 23.34 22.27 -17.23
N ALA H 243 24.45 22.01 -16.56
CA ALA H 243 24.64 20.74 -15.87
C ALA H 243 23.52 20.65 -14.84
N PRO H 244 22.70 19.59 -14.91
CA PRO H 244 21.59 19.38 -13.98
C PRO H 244 22.05 19.15 -12.54
N ALA H 245 21.10 19.10 -11.62
CA ALA H 245 21.39 18.86 -10.21
C ALA H 245 20.40 17.85 -9.65
#